data_4ZEY
# 
_entry.id   4ZEY 
# 
_audit_conform.dict_name       mmcif_pdbx.dic 
_audit_conform.dict_version    5.398 
_audit_conform.dict_location   http://mmcif.pdb.org/dictionaries/ascii/mmcif_pdbx.dic 
# 
loop_
_database_2.database_id 
_database_2.database_code 
_database_2.pdbx_database_accession 
_database_2.pdbx_DOI 
PDB   4ZEY         pdb_00004zey 10.2210/pdb4zey/pdb 
WWPDB D_1000209057 ?            ?                   
# 
loop_
_pdbx_audit_revision_history.ordinal 
_pdbx_audit_revision_history.data_content_type 
_pdbx_audit_revision_history.major_revision 
_pdbx_audit_revision_history.minor_revision 
_pdbx_audit_revision_history.revision_date 
1 'Structure model' 1 0 2015-05-06 
2 'Structure model' 1 1 2017-11-22 
3 'Structure model' 1 2 2018-01-24 
4 'Structure model' 1 3 2023-02-01 
5 'Structure model' 1 4 2024-11-13 
# 
_pdbx_audit_revision_details.ordinal             1 
_pdbx_audit_revision_details.revision_ordinal    1 
_pdbx_audit_revision_details.data_content_type   'Structure model' 
_pdbx_audit_revision_details.provider            repository 
_pdbx_audit_revision_details.type                'Initial release' 
_pdbx_audit_revision_details.description         ? 
_pdbx_audit_revision_details.details             ? 
# 
loop_
_pdbx_audit_revision_group.ordinal 
_pdbx_audit_revision_group.revision_ordinal 
_pdbx_audit_revision_group.data_content_type 
_pdbx_audit_revision_group.group 
1 2 'Structure model' 'Derived calculations'   
2 2 'Structure model' 'Refinement description' 
3 2 'Structure model' 'Source and taxonomy'    
4 2 'Structure model' 'Structure summary'      
5 3 'Structure model' 'Database references'    
6 4 'Structure model' 'Database references'    
7 5 'Structure model' 'Data collection'        
8 5 'Structure model' 'Structure summary'      
# 
loop_
_pdbx_audit_revision_category.ordinal 
_pdbx_audit_revision_category.revision_ordinal 
_pdbx_audit_revision_category.data_content_type 
_pdbx_audit_revision_category.category 
1  2 'Structure model' audit_author              
2  2 'Structure model' entity_src_gen            
3  2 'Structure model' pdbx_struct_oper_list     
4  2 'Structure model' software                  
5  3 'Structure model' citation_author           
6  4 'Structure model' database_2                
7  4 'Structure model' struct_ref_seq_dif        
8  5 'Structure model' chem_comp_atom            
9  5 'Structure model' chem_comp_bond            
10 5 'Structure model' pdbx_entry_details        
11 5 'Structure model' pdbx_modification_feature 
# 
loop_
_pdbx_audit_revision_item.ordinal 
_pdbx_audit_revision_item.revision_ordinal 
_pdbx_audit_revision_item.data_content_type 
_pdbx_audit_revision_item.item 
1 2 'Structure model' '_audit_author.name'                           
2 2 'Structure model' '_entity_src_gen.pdbx_alt_source_flag'         
3 2 'Structure model' '_pdbx_struct_oper_list.symmetry_operation'    
4 3 'Structure model' '_citation_author.name'                        
5 4 'Structure model' '_database_2.pdbx_DOI'                         
6 4 'Structure model' '_database_2.pdbx_database_accession'          
7 4 'Structure model' '_struct_ref_seq_dif.details'                  
8 5 'Structure model' '_pdbx_entry_details.has_protein_modification' 
# 
_pdbx_database_status.status_code                     REL 
_pdbx_database_status.status_code_sf                  REL 
_pdbx_database_status.status_code_mr                  ? 
_pdbx_database_status.entry_id                        4ZEY 
_pdbx_database_status.recvd_initial_deposition_date   2015-04-20 
_pdbx_database_status.SG_entry                        Y 
_pdbx_database_status.deposit_site                    RCSB 
_pdbx_database_status.process_site                    RCSB 
_pdbx_database_status.status_code_cs                  ? 
_pdbx_database_status.methods_development_category    ? 
_pdbx_database_status.pdb_format_compatible           Y 
_pdbx_database_status.status_code_nmr_data            ? 
# 
_pdbx_database_related.db_name        TargetTrack 
_pdbx_database_related.details        . 
_pdbx_database_related.db_id          JCSG-429611 
_pdbx_database_related.content_type   unspecified 
# 
loop_
_audit_author.name 
_audit_author.pdbx_ordinal 
'Joint Center for Structural Genomics (JCSG)'                    1 
'Partnership for Nuclear Receptor Signaling Code Biology (NHRS)' 2 
# 
_citation.abstract                  ? 
_citation.abstract_id_CAS           ? 
_citation.book_id_ISBN              ? 
_citation.book_publisher            ? 
_citation.book_publisher_city       ? 
_citation.book_title                ? 
_citation.coordinate_linkage        ? 
_citation.country                   ? 
_citation.database_id_Medline       ? 
_citation.details                   ? 
_citation.id                        primary 
_citation.journal_abbrev            'To be published' 
_citation.journal_id_ASTM           ? 
_citation.journal_id_CSD            0353 
_citation.journal_id_ISSN           ? 
_citation.journal_full              ? 
_citation.journal_issue             ? 
_citation.journal_volume            ? 
_citation.language                  ? 
_citation.page_first                ? 
_citation.page_last                 ? 
_citation.title                     
'Crystal structure of a nuclear receptor binding factor 2 MIT domain (NRBF2) from Homo sapiens at 1.50 A resolution' 
_citation.year                      ? 
_citation.database_id_CSD           ? 
_citation.pdbx_database_id_DOI      ? 
_citation.pdbx_database_id_PubMed   ? 
_citation.unpublished_flag          ? 
# 
loop_
_citation_author.citation_id 
_citation_author.name 
_citation_author.ordinal 
_citation_author.identifier_ORCID 
primary 'Joint Center for Structural Genomics (JCSG)'                    1 ? 
primary 'Partnership for Nuclear Receptor Signaling Code Biology (NHRs)' 2 ? 
# 
loop_
_entity.id 
_entity.type 
_entity.src_method 
_entity.pdbx_description 
_entity.formula_weight 
_entity.pdbx_number_of_molecules 
_entity.pdbx_ec 
_entity.pdbx_mutation 
_entity.pdbx_fragment 
_entity.details 
1 polymer     man 'Nuclear receptor-binding factor 2' 9855.853 1   ? ? 'UNP residues 4-86' ? 
2 non-polymer syn 'SULFATE ION'                       96.063   2   ? ? ?                   ? 
3 water       nat water                               18.015   102 ? ? ?                   ? 
# 
_entity_name_com.entity_id   1 
_entity_name_com.name        'NRBF-2,Comodulator of PPAR and RXR' 
# 
_entity_poly.entity_id                      1 
_entity_poly.type                           'polypeptide(L)' 
_entity_poly.nstd_linkage                   no 
_entity_poly.nstd_monomer                   yes 
_entity_poly.pdbx_seq_one_letter_code       
;G(MSE)EGPLNLAHQQSRRADRLLAAGKYEEAISCHKKAAAYLSEA(MSE)KLTQSEQAHLSLELQRDSH(MSE)KQLLL
IQERWKRAQREERLKA
;
_entity_poly.pdbx_seq_one_letter_code_can   
;GMEGPLNLAHQQSRRADRLLAAGKYEEAISCHKKAAAYLSEAMKLTQSEQAHLSLELQRDSHMKQLLLIQERWKRAQREE
RLKA
;
_entity_poly.pdbx_strand_id                 A 
_entity_poly.pdbx_target_identifier         JCSG-429611 
# 
loop_
_pdbx_entity_nonpoly.entity_id 
_pdbx_entity_nonpoly.name 
_pdbx_entity_nonpoly.comp_id 
2 'SULFATE ION' SO4 
3 water         HOH 
# 
loop_
_entity_poly_seq.entity_id 
_entity_poly_seq.num 
_entity_poly_seq.mon_id 
_entity_poly_seq.hetero 
1 1  GLY n 
1 2  MSE n 
1 3  GLU n 
1 4  GLY n 
1 5  PRO n 
1 6  LEU n 
1 7  ASN n 
1 8  LEU n 
1 9  ALA n 
1 10 HIS n 
1 11 GLN n 
1 12 GLN n 
1 13 SER n 
1 14 ARG n 
1 15 ARG n 
1 16 ALA n 
1 17 ASP n 
1 18 ARG n 
1 19 LEU n 
1 20 LEU n 
1 21 ALA n 
1 22 ALA n 
1 23 GLY n 
1 24 LYS n 
1 25 TYR n 
1 26 GLU n 
1 27 GLU n 
1 28 ALA n 
1 29 ILE n 
1 30 SER n 
1 31 CYS n 
1 32 HIS n 
1 33 LYS n 
1 34 LYS n 
1 35 ALA n 
1 36 ALA n 
1 37 ALA n 
1 38 TYR n 
1 39 LEU n 
1 40 SER n 
1 41 GLU n 
1 42 ALA n 
1 43 MSE n 
1 44 LYS n 
1 45 LEU n 
1 46 THR n 
1 47 GLN n 
1 48 SER n 
1 49 GLU n 
1 50 GLN n 
1 51 ALA n 
1 52 HIS n 
1 53 LEU n 
1 54 SER n 
1 55 LEU n 
1 56 GLU n 
1 57 LEU n 
1 58 GLN n 
1 59 ARG n 
1 60 ASP n 
1 61 SER n 
1 62 HIS n 
1 63 MSE n 
1 64 LYS n 
1 65 GLN n 
1 66 LEU n 
1 67 LEU n 
1 68 LEU n 
1 69 ILE n 
1 70 GLN n 
1 71 GLU n 
1 72 ARG n 
1 73 TRP n 
1 74 LYS n 
1 75 ARG n 
1 76 ALA n 
1 77 GLN n 
1 78 ARG n 
1 79 GLU n 
1 80 GLU n 
1 81 ARG n 
1 82 LEU n 
1 83 LYS n 
1 84 ALA n 
# 
_entity_src_gen.entity_id                          1 
_entity_src_gen.pdbx_src_id                        1 
_entity_src_gen.pdbx_alt_source_flag               sample 
_entity_src_gen.pdbx_seq_type                      'Biological sequence' 
_entity_src_gen.pdbx_beg_seq_num                   1 
_entity_src_gen.pdbx_end_seq_num                   84 
_entity_src_gen.gene_src_common_name               Human 
_entity_src_gen.gene_src_genus                     ? 
_entity_src_gen.pdbx_gene_src_gene                 'NRBF2, COPR' 
_entity_src_gen.gene_src_species                   ? 
_entity_src_gen.gene_src_strain                    ? 
_entity_src_gen.gene_src_tissue                    ? 
_entity_src_gen.gene_src_tissue_fraction           ? 
_entity_src_gen.gene_src_details                   ? 
_entity_src_gen.pdbx_gene_src_fragment             ? 
_entity_src_gen.pdbx_gene_src_scientific_name      'Homo sapiens' 
_entity_src_gen.pdbx_gene_src_ncbi_taxonomy_id     9606 
_entity_src_gen.pdbx_gene_src_variant              ? 
_entity_src_gen.pdbx_gene_src_cell_line            ? 
_entity_src_gen.pdbx_gene_src_atcc                 ? 
_entity_src_gen.pdbx_gene_src_organ                ? 
_entity_src_gen.pdbx_gene_src_organelle            ? 
_entity_src_gen.pdbx_gene_src_cell                 ? 
_entity_src_gen.pdbx_gene_src_cellular_location    ? 
_entity_src_gen.host_org_common_name               ? 
_entity_src_gen.pdbx_host_org_scientific_name      'Escherichia Coli' 
_entity_src_gen.pdbx_host_org_ncbi_taxonomy_id     562 
_entity_src_gen.host_org_genus                     ? 
_entity_src_gen.pdbx_host_org_gene                 ? 
_entity_src_gen.pdbx_host_org_organ                ? 
_entity_src_gen.host_org_species                   ? 
_entity_src_gen.pdbx_host_org_tissue               ? 
_entity_src_gen.pdbx_host_org_tissue_fraction      ? 
_entity_src_gen.pdbx_host_org_strain               PB1 
_entity_src_gen.pdbx_host_org_variant              ? 
_entity_src_gen.pdbx_host_org_cell_line            ? 
_entity_src_gen.pdbx_host_org_atcc                 ? 
_entity_src_gen.pdbx_host_org_culture_collection   ? 
_entity_src_gen.pdbx_host_org_cell                 ? 
_entity_src_gen.pdbx_host_org_organelle            ? 
_entity_src_gen.pdbx_host_org_cellular_location    ? 
_entity_src_gen.pdbx_host_org_vector_type          Plasmid 
_entity_src_gen.pdbx_host_org_vector               ? 
_entity_src_gen.host_org_details                   ? 
_entity_src_gen.expression_system_id               ? 
_entity_src_gen.plasmid_name                       SpeedET 
_entity_src_gen.plasmid_details                    ? 
_entity_src_gen.pdbx_description                   ? 
# 
loop_
_chem_comp.id 
_chem_comp.type 
_chem_comp.mon_nstd_flag 
_chem_comp.name 
_chem_comp.pdbx_synonyms 
_chem_comp.formula 
_chem_comp.formula_weight 
ALA 'L-peptide linking' y ALANINE          ? 'C3 H7 N O2'     89.093  
ARG 'L-peptide linking' y ARGININE         ? 'C6 H15 N4 O2 1' 175.209 
ASN 'L-peptide linking' y ASPARAGINE       ? 'C4 H8 N2 O3'    132.118 
ASP 'L-peptide linking' y 'ASPARTIC ACID'  ? 'C4 H7 N O4'     133.103 
CYS 'L-peptide linking' y CYSTEINE         ? 'C3 H7 N O2 S'   121.158 
GLN 'L-peptide linking' y GLUTAMINE        ? 'C5 H10 N2 O3'   146.144 
GLU 'L-peptide linking' y 'GLUTAMIC ACID'  ? 'C5 H9 N O4'     147.129 
GLY 'peptide linking'   y GLYCINE          ? 'C2 H5 N O2'     75.067  
HIS 'L-peptide linking' y HISTIDINE        ? 'C6 H10 N3 O2 1' 156.162 
HOH non-polymer         . WATER            ? 'H2 O'           18.015  
ILE 'L-peptide linking' y ISOLEUCINE       ? 'C6 H13 N O2'    131.173 
LEU 'L-peptide linking' y LEUCINE          ? 'C6 H13 N O2'    131.173 
LYS 'L-peptide linking' y LYSINE           ? 'C6 H15 N2 O2 1' 147.195 
MSE 'L-peptide linking' n SELENOMETHIONINE ? 'C5 H11 N O2 Se' 196.106 
PRO 'L-peptide linking' y PROLINE          ? 'C5 H9 N O2'     115.130 
SER 'L-peptide linking' y SERINE           ? 'C3 H7 N O3'     105.093 
SO4 non-polymer         . 'SULFATE ION'    ? 'O4 S -2'        96.063  
THR 'L-peptide linking' y THREONINE        ? 'C4 H9 N O3'     119.119 
TRP 'L-peptide linking' y TRYPTOPHAN       ? 'C11 H12 N2 O2'  204.225 
TYR 'L-peptide linking' y TYROSINE         ? 'C9 H11 N O3'    181.189 
# 
loop_
_pdbx_poly_seq_scheme.asym_id 
_pdbx_poly_seq_scheme.entity_id 
_pdbx_poly_seq_scheme.seq_id 
_pdbx_poly_seq_scheme.mon_id 
_pdbx_poly_seq_scheme.ndb_seq_num 
_pdbx_poly_seq_scheme.pdb_seq_num 
_pdbx_poly_seq_scheme.auth_seq_num 
_pdbx_poly_seq_scheme.pdb_mon_id 
_pdbx_poly_seq_scheme.auth_mon_id 
_pdbx_poly_seq_scheme.pdb_strand_id 
_pdbx_poly_seq_scheme.pdb_ins_code 
_pdbx_poly_seq_scheme.hetero 
A 1 1  GLY 1  0  0  GLY GLY A . n 
A 1 2  MSE 2  4  4  MSE MSE A . n 
A 1 3  GLU 3  5  5  GLU GLU A . n 
A 1 4  GLY 4  6  6  GLY GLY A . n 
A 1 5  PRO 5  7  7  PRO PRO A . n 
A 1 6  LEU 6  8  8  LEU LEU A . n 
A 1 7  ASN 7  9  9  ASN ASN A . n 
A 1 8  LEU 8  10 10 LEU LEU A . n 
A 1 9  ALA 9  11 11 ALA ALA A . n 
A 1 10 HIS 10 12 12 HIS HIS A . n 
A 1 11 GLN 11 13 13 GLN GLN A . n 
A 1 12 GLN 12 14 14 GLN GLN A . n 
A 1 13 SER 13 15 15 SER SER A . n 
A 1 14 ARG 14 16 16 ARG ARG A . n 
A 1 15 ARG 15 17 17 ARG ARG A . n 
A 1 16 ALA 16 18 18 ALA ALA A . n 
A 1 17 ASP 17 19 19 ASP ASP A . n 
A 1 18 ARG 18 20 20 ARG ARG A . n 
A 1 19 LEU 19 21 21 LEU LEU A . n 
A 1 20 LEU 20 22 22 LEU LEU A . n 
A 1 21 ALA 21 23 23 ALA ALA A . n 
A 1 22 ALA 22 24 24 ALA ALA A . n 
A 1 23 GLY 23 25 25 GLY GLY A . n 
A 1 24 LYS 24 26 26 LYS LYS A . n 
A 1 25 TYR 25 27 27 TYR TYR A . n 
A 1 26 GLU 26 28 28 GLU GLU A . n 
A 1 27 GLU 27 29 29 GLU GLU A . n 
A 1 28 ALA 28 30 30 ALA ALA A . n 
A 1 29 ILE 29 31 31 ILE ILE A . n 
A 1 30 SER 30 32 32 SER SER A . n 
A 1 31 CYS 31 33 33 CYS CYS A . n 
A 1 32 HIS 32 34 34 HIS HIS A . n 
A 1 33 LYS 33 35 35 LYS LYS A . n 
A 1 34 LYS 34 36 36 LYS LYS A . n 
A 1 35 ALA 35 37 37 ALA ALA A . n 
A 1 36 ALA 36 38 38 ALA ALA A . n 
A 1 37 ALA 37 39 39 ALA ALA A . n 
A 1 38 TYR 38 40 40 TYR TYR A . n 
A 1 39 LEU 39 41 41 LEU LEU A . n 
A 1 40 SER 40 42 42 SER SER A . n 
A 1 41 GLU 41 43 43 GLU GLU A . n 
A 1 42 ALA 42 44 44 ALA ALA A . n 
A 1 43 MSE 43 45 45 MSE MSE A . n 
A 1 44 LYS 44 46 46 LYS LYS A . n 
A 1 45 LEU 45 47 47 LEU LEU A . n 
A 1 46 THR 46 48 48 THR THR A . n 
A 1 47 GLN 47 49 49 GLN GLN A . n 
A 1 48 SER 48 50 50 SER SER A . n 
A 1 49 GLU 49 51 51 GLU GLU A . n 
A 1 50 GLN 50 52 52 GLN GLN A . n 
A 1 51 ALA 51 53 53 ALA ALA A . n 
A 1 52 HIS 52 54 54 HIS HIS A . n 
A 1 53 LEU 53 55 55 LEU LEU A . n 
A 1 54 SER 54 56 56 SER SER A . n 
A 1 55 LEU 55 57 57 LEU LEU A . n 
A 1 56 GLU 56 58 58 GLU GLU A . n 
A 1 57 LEU 57 59 59 LEU LEU A . n 
A 1 58 GLN 58 60 60 GLN GLN A . n 
A 1 59 ARG 59 61 61 ARG ARG A . n 
A 1 60 ASP 60 62 62 ASP ASP A . n 
A 1 61 SER 61 63 63 SER SER A . n 
A 1 62 HIS 62 64 64 HIS HIS A . n 
A 1 63 MSE 63 65 65 MSE MSE A . n 
A 1 64 LYS 64 66 66 LYS LYS A . n 
A 1 65 GLN 65 67 67 GLN GLN A . n 
A 1 66 LEU 66 68 68 LEU LEU A . n 
A 1 67 LEU 67 69 69 LEU LEU A . n 
A 1 68 LEU 68 70 70 LEU LEU A . n 
A 1 69 ILE 69 71 71 ILE ILE A . n 
A 1 70 GLN 70 72 72 GLN GLN A . n 
A 1 71 GLU 71 73 73 GLU GLU A . n 
A 1 72 ARG 72 74 74 ARG ARG A . n 
A 1 73 TRP 73 75 75 TRP TRP A . n 
A 1 74 LYS 74 76 76 LYS LYS A . n 
A 1 75 ARG 75 77 77 ARG ARG A . n 
A 1 76 ALA 76 78 78 ALA ALA A . n 
A 1 77 GLN 77 79 79 GLN GLN A . n 
A 1 78 ARG 78 80 80 ARG ARG A . n 
A 1 79 GLU 79 81 81 GLU GLU A . n 
A 1 80 GLU 80 82 82 GLU GLU A . n 
A 1 81 ARG 81 83 83 ARG ARG A . n 
A 1 82 LEU 82 84 84 LEU LEU A . n 
A 1 83 LYS 83 85 85 LYS LYS A . n 
A 1 84 ALA 84 86 86 ALA ALA A . n 
# 
loop_
_pdbx_nonpoly_scheme.asym_id 
_pdbx_nonpoly_scheme.entity_id 
_pdbx_nonpoly_scheme.mon_id 
_pdbx_nonpoly_scheme.ndb_seq_num 
_pdbx_nonpoly_scheme.pdb_seq_num 
_pdbx_nonpoly_scheme.auth_seq_num 
_pdbx_nonpoly_scheme.pdb_mon_id 
_pdbx_nonpoly_scheme.auth_mon_id 
_pdbx_nonpoly_scheme.pdb_strand_id 
_pdbx_nonpoly_scheme.pdb_ins_code 
B 2 SO4 1   401 401 SO4 SO4 A . 
C 2 SO4 1   402 402 SO4 SO4 A . 
D 3 HOH 1   501 427 HOH HOH A . 
D 3 HOH 2   502 425 HOH HOH A . 
D 3 HOH 3   503 422 HOH HOH A . 
D 3 HOH 4   504 435 HOH HOH A . 
D 3 HOH 5   505 433 HOH HOH A . 
D 3 HOH 6   506 447 HOH HOH A . 
D 3 HOH 7   507 455 HOH HOH A . 
D 3 HOH 8   508 436 HOH HOH A . 
D 3 HOH 9   509 491 HOH HOH A . 
D 3 HOH 10  510 417 HOH HOH A . 
D 3 HOH 11  511 463 HOH HOH A . 
D 3 HOH 12  512 430 HOH HOH A . 
D 3 HOH 13  513 419 HOH HOH A . 
D 3 HOH 14  514 453 HOH HOH A . 
D 3 HOH 15  515 450 HOH HOH A . 
D 3 HOH 16  516 411 HOH HOH A . 
D 3 HOH 17  517 449 HOH HOH A . 
D 3 HOH 18  518 442 HOH HOH A . 
D 3 HOH 19  519 428 HOH HOH A . 
D 3 HOH 20  520 467 HOH HOH A . 
D 3 HOH 21  521 420 HOH HOH A . 
D 3 HOH 22  522 408 HOH HOH A . 
D 3 HOH 23  523 434 HOH HOH A . 
D 3 HOH 24  524 437 HOH HOH A . 
D 3 HOH 25  525 406 HOH HOH A . 
D 3 HOH 26  526 403 HOH HOH A . 
D 3 HOH 27  527 409 HOH HOH A . 
D 3 HOH 28  528 421 HOH HOH A . 
D 3 HOH 29  529 487 HOH HOH A . 
D 3 HOH 30  530 415 HOH HOH A . 
D 3 HOH 31  531 488 HOH HOH A . 
D 3 HOH 32  532 446 HOH HOH A . 
D 3 HOH 33  533 429 HOH HOH A . 
D 3 HOH 34  534 439 HOH HOH A . 
D 3 HOH 35  535 457 HOH HOH A . 
D 3 HOH 36  536 413 HOH HOH A . 
D 3 HOH 37  537 445 HOH HOH A . 
D 3 HOH 38  538 464 HOH HOH A . 
D 3 HOH 39  539 412 HOH HOH A . 
D 3 HOH 40  540 458 HOH HOH A . 
D 3 HOH 41  541 424 HOH HOH A . 
D 3 HOH 42  542 503 HOH HOH A . 
D 3 HOH 43  543 438 HOH HOH A . 
D 3 HOH 44  544 461 HOH HOH A . 
D 3 HOH 45  545 451 HOH HOH A . 
D 3 HOH 46  546 471 HOH HOH A . 
D 3 HOH 47  547 462 HOH HOH A . 
D 3 HOH 48  548 468 HOH HOH A . 
D 3 HOH 49  549 490 HOH HOH A . 
D 3 HOH 50  550 497 HOH HOH A . 
D 3 HOH 51  551 459 HOH HOH A . 
D 3 HOH 52  552 493 HOH HOH A . 
D 3 HOH 53  553 452 HOH HOH A . 
D 3 HOH 54  554 444 HOH HOH A . 
D 3 HOH 55  555 407 HOH HOH A . 
D 3 HOH 56  556 431 HOH HOH A . 
D 3 HOH 57  557 454 HOH HOH A . 
D 3 HOH 58  558 476 HOH HOH A . 
D 3 HOH 59  559 469 HOH HOH A . 
D 3 HOH 60  560 478 HOH HOH A . 
D 3 HOH 61  561 410 HOH HOH A . 
D 3 HOH 62  562 480 HOH HOH A . 
D 3 HOH 63  563 466 HOH HOH A . 
D 3 HOH 64  564 485 HOH HOH A . 
D 3 HOH 65  565 423 HOH HOH A . 
D 3 HOH 66  566 414 HOH HOH A . 
D 3 HOH 67  567 443 HOH HOH A . 
D 3 HOH 68  568 492 HOH HOH A . 
D 3 HOH 69  569 426 HOH HOH A . 
D 3 HOH 70  570 404 HOH HOH A . 
D 3 HOH 71  571 473 HOH HOH A . 
D 3 HOH 72  572 498 HOH HOH A . 
D 3 HOH 73  573 460 HOH HOH A . 
D 3 HOH 74  574 405 HOH HOH A . 
D 3 HOH 75  575 475 HOH HOH A . 
D 3 HOH 76  576 448 HOH HOH A . 
D 3 HOH 77  577 440 HOH HOH A . 
D 3 HOH 78  578 456 HOH HOH A . 
D 3 HOH 79  579 432 HOH HOH A . 
D 3 HOH 80  580 484 HOH HOH A . 
D 3 HOH 81  581 479 HOH HOH A . 
D 3 HOH 82  582 441 HOH HOH A . 
D 3 HOH 83  583 416 HOH HOH A . 
D 3 HOH 84  584 486 HOH HOH A . 
D 3 HOH 85  585 465 HOH HOH A . 
D 3 HOH 86  586 504 HOH HOH A . 
D 3 HOH 87  587 496 HOH HOH A . 
D 3 HOH 88  588 489 HOH HOH A . 
D 3 HOH 89  589 495 HOH HOH A . 
D 3 HOH 90  590 418 HOH HOH A . 
D 3 HOH 91  591 482 HOH HOH A . 
D 3 HOH 92  592 477 HOH HOH A . 
D 3 HOH 93  593 474 HOH HOH A . 
D 3 HOH 94  594 470 HOH HOH A . 
D 3 HOH 95  595 502 HOH HOH A . 
D 3 HOH 96  596 501 HOH HOH A . 
D 3 HOH 97  597 483 HOH HOH A . 
D 3 HOH 98  598 500 HOH HOH A . 
D 3 HOH 99  599 494 HOH HOH A . 
D 3 HOH 100 600 481 HOH HOH A . 
D 3 HOH 101 601 472 HOH HOH A . 
D 3 HOH 102 602 499 HOH HOH A . 
# 
loop_
_software.citation_id 
_software.classification 
_software.compiler_name 
_software.compiler_version 
_software.contact_author 
_software.contact_author_email 
_software.date 
_software.description 
_software.dependencies 
_software.hardware 
_software.language 
_software.location 
_software.mods 
_software.name 
_software.os 
_software.os_version 
_software.type 
_software.version 
_software.pdbx_ordinal 
? 'data extraction' ? ? ? ? ? ? ? ? ? ? ? PDB_EXTRACT ? ? ? 3.10                              1 
? phasing           ? ? ? ? ? ? ? ? ? ? ? SOLVE       ? ? ? .                                 2 
? 'data scaling'    ? ? ? ? ? ? ? ? ? ? ? XSCALE      ? ? ? 'November 3, 2014 BUILT=20141118' 3 
? refinement        ? ? ? ? ? ? ? ? ? ? ? BUSTER-TNT  ? ? ? 2.10.2                            4 
? refinement        ? ? ? ? ? ? ? ? ? ? ? BUSTER      ? ? ? 2.10.2                            5 
? 'data reduction'  ? ? ? ? ? ? ? ? ? ? ? XDS         ? ? ? .                                 6 
# 
_cell.angle_alpha                  90.000 
_cell.angle_alpha_esd              ? 
_cell.angle_beta                   108.470 
_cell.angle_beta_esd               ? 
_cell.angle_gamma                  90.000 
_cell.angle_gamma_esd              ? 
_cell.entry_id                     4ZEY 
_cell.details                      ? 
_cell.formula_units_Z              ? 
_cell.length_a                     48.480 
_cell.length_a_esd                 ? 
_cell.length_b                     34.050 
_cell.length_b_esd                 ? 
_cell.length_c                     52.340 
_cell.length_c_esd                 ? 
_cell.volume                       ? 
_cell.volume_esd                   ? 
_cell.Z_PDB                        4 
_cell.reciprocal_angle_alpha       ? 
_cell.reciprocal_angle_beta        ? 
_cell.reciprocal_angle_gamma       ? 
_cell.reciprocal_angle_alpha_esd   ? 
_cell.reciprocal_angle_beta_esd    ? 
_cell.reciprocal_angle_gamma_esd   ? 
_cell.reciprocal_length_a          ? 
_cell.reciprocal_length_b          ? 
_cell.reciprocal_length_c          ? 
_cell.reciprocal_length_a_esd      ? 
_cell.reciprocal_length_b_esd      ? 
_cell.reciprocal_length_c_esd      ? 
_cell.pdbx_unique_axis             ? 
# 
_symmetry.entry_id                         4ZEY 
_symmetry.cell_setting                     ? 
_symmetry.Int_Tables_number                5 
_symmetry.space_group_name_Hall            ? 
_symmetry.space_group_name_H-M             'C 1 2 1' 
_symmetry.pdbx_full_space_group_name_H-M   ? 
# 
_exptl.absorpt_coefficient_mu     ? 
_exptl.absorpt_correction_T_max   ? 
_exptl.absorpt_correction_T_min   ? 
_exptl.absorpt_correction_type    ? 
_exptl.absorpt_process_details    ? 
_exptl.entry_id                   4ZEY 
_exptl.crystals_number            1 
_exptl.details                    ? 
_exptl.method                     'X-RAY DIFFRACTION' 
_exptl.method_details             ? 
# 
_exptl_crystal.colour                      ? 
_exptl_crystal.density_diffrn              ? 
_exptl_crystal.density_Matthews            2.08 
_exptl_crystal.density_method              ? 
_exptl_crystal.density_percent_sol         40.83 
_exptl_crystal.description                 ? 
_exptl_crystal.F_000                       ? 
_exptl_crystal.id                          1 
_exptl_crystal.preparation                 ? 
_exptl_crystal.size_max                    ? 
_exptl_crystal.size_mid                    ? 
_exptl_crystal.size_min                    ? 
_exptl_crystal.size_rad                    ? 
_exptl_crystal.colour_lustre               ? 
_exptl_crystal.colour_modifier             ? 
_exptl_crystal.colour_primary              ? 
_exptl_crystal.density_meas                ? 
_exptl_crystal.density_meas_esd            ? 
_exptl_crystal.density_meas_gt             ? 
_exptl_crystal.density_meas_lt             ? 
_exptl_crystal.density_meas_temp           ? 
_exptl_crystal.density_meas_temp_esd       ? 
_exptl_crystal.density_meas_temp_gt        ? 
_exptl_crystal.density_meas_temp_lt        ? 
_exptl_crystal.pdbx_crystal_image_url      ? 
_exptl_crystal.pdbx_crystal_image_format   ? 
_exptl_crystal.pdbx_mosaicity              ? 
_exptl_crystal.pdbx_mosaicity_esd          ? 
# 
_exptl_crystal_grow.apparatus       ? 
_exptl_crystal_grow.atmosphere      ? 
_exptl_crystal_grow.crystal_id      1 
_exptl_crystal_grow.details         ? 
_exptl_crystal_grow.method          'VAPOR DIFFUSION, SITTING DROP' 
_exptl_crystal_grow.method_ref      ? 
_exptl_crystal_grow.pH              ? 
_exptl_crystal_grow.pressure        ? 
_exptl_crystal_grow.pressure_esd    ? 
_exptl_crystal_grow.seeding         ? 
_exptl_crystal_grow.seeding_ref     ? 
_exptl_crystal_grow.temp            293 
_exptl_crystal_grow.temp_details    ? 
_exptl_crystal_grow.temp_esd        ? 
_exptl_crystal_grow.time            ? 
_exptl_crystal_grow.pdbx_details    '25.0% Glycerol, 1.50M ammonium sulfate' 
_exptl_crystal_grow.pdbx_pH_range   ? 
# 
_diffrn.ambient_environment    ? 
_diffrn.ambient_temp           100 
_diffrn.ambient_temp_details   ? 
_diffrn.ambient_temp_esd       ? 
_diffrn.crystal_id             1 
_diffrn.crystal_support        ? 
_diffrn.crystal_treatment      ? 
_diffrn.details                ? 
_diffrn.id                     1 
_diffrn.ambient_pressure       ? 
_diffrn.ambient_pressure_esd   ? 
_diffrn.ambient_pressure_gt    ? 
_diffrn.ambient_pressure_lt    ? 
_diffrn.ambient_temp_gt        ? 
_diffrn.ambient_temp_lt        ? 
# 
_diffrn_detector.details                      'Vertical focusing mirror; double crystal Si(111) monochromator' 
_diffrn_detector.detector                     CCD 
_diffrn_detector.diffrn_id                    1 
_diffrn_detector.type                         'MARMOSAIC 325 mm CCD' 
_diffrn_detector.area_resol_mean              ? 
_diffrn_detector.dtime                        ? 
_diffrn_detector.pdbx_frames_total            ? 
_diffrn_detector.pdbx_collection_time_total   ? 
_diffrn_detector.pdbx_collection_date         2014-12-05 
# 
_diffrn_radiation.collimation                      ? 
_diffrn_radiation.diffrn_id                        1 
_diffrn_radiation.filter_edge                      ? 
_diffrn_radiation.inhomogeneity                    ? 
_diffrn_radiation.monochromator                    'double crystal Si(111)' 
_diffrn_radiation.polarisn_norm                    ? 
_diffrn_radiation.polarisn_ratio                   ? 
_diffrn_radiation.probe                            ? 
_diffrn_radiation.type                             ? 
_diffrn_radiation.xray_symbol                      ? 
_diffrn_radiation.wavelength_id                    1 
_diffrn_radiation.pdbx_monochromatic_or_laue_m_l   M 
_diffrn_radiation.pdbx_wavelength_list             ? 
_diffrn_radiation.pdbx_wavelength                  ? 
_diffrn_radiation.pdbx_diffrn_protocol             MAD 
_diffrn_radiation.pdbx_analyzer                    ? 
_diffrn_radiation.pdbx_scattering_type             x-ray 
# 
loop_
_diffrn_radiation_wavelength.id 
_diffrn_radiation_wavelength.wavelength 
_diffrn_radiation_wavelength.wt 
1 0.95369 1.0 
2 0.97968 1.0 
3 0.97943 1.0 
# 
_diffrn_source.current                     ? 
_diffrn_source.details                     ? 
_diffrn_source.diffrn_id                   1 
_diffrn_source.power                       ? 
_diffrn_source.size                        ? 
_diffrn_source.source                      SYNCHROTRON 
_diffrn_source.target                      ? 
_diffrn_source.type                        'SSRL BEAMLINE BL14-1' 
_diffrn_source.voltage                     ? 
_diffrn_source.take-off_angle              ? 
_diffrn_source.pdbx_wavelength_list        0.95369,0.97968,0.97943 
_diffrn_source.pdbx_wavelength             ? 
_diffrn_source.pdbx_synchrotron_beamline   BL14-1 
_diffrn_source.pdbx_synchrotron_site       SSRL 
# 
_reflns.B_iso_Wilson_estimate            17.415 
_reflns.entry_id                         4ZEY 
_reflns.data_reduction_details           ? 
_reflns.data_reduction_method            ? 
_reflns.d_resolution_high                1.50 
_reflns.d_resolution_low                 27.366 
_reflns.details                          ? 
_reflns.limit_h_max                      ? 
_reflns.limit_h_min                      ? 
_reflns.limit_k_max                      ? 
_reflns.limit_k_min                      ? 
_reflns.limit_l_max                      ? 
_reflns.limit_l_min                      ? 
_reflns.number_all                       ? 
_reflns.number_obs                       12873 
_reflns.observed_criterion               ? 
_reflns.observed_criterion_F_max         ? 
_reflns.observed_criterion_F_min         ? 
_reflns.observed_criterion_I_max         ? 
_reflns.observed_criterion_I_min         ? 
_reflns.observed_criterion_sigma_F       ? 
_reflns.observed_criterion_sigma_I       -3.000 
_reflns.percent_possible_obs             92.400 
_reflns.R_free_details                   ? 
_reflns.Rmerge_F_all                     ? 
_reflns.Rmerge_F_obs                     0.984 
_reflns.Friedel_coverage                 ? 
_reflns.number_gt                        ? 
_reflns.threshold_expression             ? 
_reflns.pdbx_redundancy                  1.685 
_reflns.pdbx_Rmerge_I_obs                0.092 
_reflns.pdbx_Rmerge_I_all                ? 
_reflns.pdbx_Rsym_value                  ? 
_reflns.pdbx_netI_over_av_sigmaI         ? 
_reflns.pdbx_netI_over_sigmaI            7.560 
_reflns.pdbx_res_netI_over_av_sigmaI_2   ? 
_reflns.pdbx_res_netI_over_sigmaI_2      ? 
_reflns.pdbx_chi_squared                 ? 
_reflns.pdbx_scaling_rejects             ? 
_reflns.pdbx_d_res_high_opt              ? 
_reflns.pdbx_d_res_low_opt               ? 
_reflns.pdbx_d_res_opt_method            ? 
_reflns.phase_calculation_details        ? 
_reflns.pdbx_Rrim_I_all                  0.128 
_reflns.pdbx_Rpim_I_all                  ? 
_reflns.pdbx_d_opt                       ? 
_reflns.pdbx_number_measured_all         39652 
_reflns.pdbx_diffrn_id                   1 
_reflns.pdbx_ordinal                     1 
_reflns.pdbx_CC_half                     ? 
_reflns.pdbx_R_split                     ? 
# 
loop_
_reflns_shell.d_res_high 
_reflns_shell.d_res_low 
_reflns_shell.meanI_over_sigI_all 
_reflns_shell.meanI_over_sigI_obs 
_reflns_shell.number_measured_all 
_reflns_shell.number_measured_obs 
_reflns_shell.number_possible 
_reflns_shell.number_unique_all 
_reflns_shell.number_unique_obs 
_reflns_shell.percent_possible_all 
_reflns_shell.percent_possible_obs 
_reflns_shell.Rmerge_F_all 
_reflns_shell.Rmerge_F_obs 
_reflns_shell.Rmerge_I_all 
_reflns_shell.Rmerge_I_obs 
_reflns_shell.meanI_over_sigI_gt 
_reflns_shell.meanI_over_uI_all 
_reflns_shell.meanI_over_uI_gt 
_reflns_shell.number_measured_gt 
_reflns_shell.number_unique_gt 
_reflns_shell.percent_possible_gt 
_reflns_shell.Rmerge_F_gt 
_reflns_shell.Rmerge_I_gt 
_reflns_shell.pdbx_redundancy 
_reflns_shell.pdbx_Rsym_value 
_reflns_shell.pdbx_chi_squared 
_reflns_shell.pdbx_netI_over_sigmaI_all 
_reflns_shell.pdbx_netI_over_sigmaI_obs 
_reflns_shell.pdbx_Rrim_I_all 
_reflns_shell.pdbx_Rpim_I_all 
_reflns_shell.pdbx_rejects 
_reflns_shell.pdbx_ordinal 
_reflns_shell.pdbx_diffrn_id 
_reflns_shell.pdbx_CC_half 
_reflns_shell.pdbx_R_split 
1.500 1.550 ? 1.8  ? 3742 2425 ? 2234 92.100 ? ? 0.782 ? 0.392 ? ? ? ? ? ? ? ? ? ? ? ? ? 0.538 ? ? 1  1 ? ? 
1.550 1.620 ? 2.0  ? 4494 2851 ? 2661 93.300 ? ? 0.860 ? 0.320 ? ? ? ? ? ? ? ? ? ? ? ? ? 0.439 ? ? 2  ? ? ? 
1.620 1.690 ? 2.6  ? 3697 2353 ? 2188 93.000 ? ? 0.907 ? 0.252 ? ? ? ? ? ? ? ? ? ? ? ? ? 0.346 ? ? 3  ? ? ? 
1.690 1.780 ? 3.2  ? 4090 2605 ? 2432 93.400 ? ? 0.920 ? 0.215 ? ? ? ? ? ? ? ? ? ? ? ? ? 0.297 ? ? 4  ? ? ? 
1.780 1.890 ? 4.3  ? 3888 2510 ? 2319 92.400 ? ? 0.962 ? 0.153 ? ? ? ? ? ? ? ? ? ? ? ? ? 0.211 ? ? 5  ? ? ? 
1.890 2.040 ? 5.8  ? 3937 2586 ? 2363 91.400 ? ? 0.966 ? 0.122 ? ? ? ? ? ? ? ? ? ? ? ? ? 0.171 ? ? 6  ? ? ? 
2.040 2.240 ? 8.6  ? 3605 2467 ? 2193 88.900 ? ? 0.979 ? 0.086 ? ? ? ? ? ? ? ? ? ? ? ? ? 0.121 ? ? 7  ? ? ? 
2.240 2.560 ? 11.4 ? 3869 2542 ? 2305 90.700 ? ? 0.958 ? 0.102 ? ? ? ? ? ? ? ? ? ? ? ? ? 0.143 ? ? 8  ? ? ? 
2.560 3.230 ? 15.3 ? 4294 2580 ? 2491 96.600 ? ? 0.942 ? 0.111 ? ? ? ? ? ? ? ? ? ? ? ? ? 0.155 ? ? 9  ? ? ? 
3.230 ?     ? 20.4 ? 4036 2555 ? 2341 91.600 ? ? 0.986 ? 0.057 ? ? ? ? ? ? ? ? ? ? ? ? ? 0.080 ? ? 10 ? ? ? 
# 
_refine.aniso_B[1][1]                            1.4756 
_refine.aniso_B[1][2]                            0.0000 
_refine.aniso_B[1][3]                            0.5040 
_refine.aniso_B[2][2]                            -2.3193 
_refine.aniso_B[2][3]                            0.0000 
_refine.aniso_B[3][3]                            0.8436 
_refine.B_iso_max                                89.890 
_refine.B_iso_mean                               25.7253 
_refine.B_iso_min                                11.970 
_refine.correlation_coeff_Fo_to_Fc               0.9483 
_refine.correlation_coeff_Fo_to_Fc_free          0.9332 
_refine.details                                  
;1. ATOM RECORDS CONTAIN SUM OF TLS AND RESIDUAL B FACTORS. 2. ANISOU RECORDS CONTAIN SUM OF TLS AND RESIDUAL U FACTORS. 3. A MET-INHIBITION PROTOCOL WAS USED FOR SELENOMETHIONINE INCORPORATION DURING PROTEIN EXPRESSION. THE OCCUPANCY OF THE SE ATOMS IN THE MSE RESIDUES WAS REDUCED TO 0.75 FOR THE REDUCED SCATTERING POWER DUE TO PARTIAL S-MET INCORPORATION. 4. THE MAD PHASES WERE USED AS RESTRAINTS DURING REFINEMENT
;
_refine.diff_density_max                         ? 
_refine.diff_density_max_esd                     ? 
_refine.diff_density_min                         ? 
_refine.diff_density_min_esd                     ? 
_refine.diff_density_rms                         ? 
_refine.diff_density_rms_esd                     ? 
_refine.entry_id                                 4ZEY 
_refine.pdbx_refine_id                           'X-RAY DIFFRACTION' 
_refine.ls_abs_structure_details                 ? 
_refine.ls_abs_structure_Flack                   ? 
_refine.ls_abs_structure_Flack_esd               ? 
_refine.ls_abs_structure_Rogers                  ? 
_refine.ls_abs_structure_Rogers_esd              ? 
_refine.ls_d_res_high                            1.5000 
_refine.ls_d_res_low                             27.366 
_refine.ls_extinction_coef                       ? 
_refine.ls_extinction_coef_esd                   ? 
_refine.ls_extinction_expression                 ? 
_refine.ls_extinction_method                     ? 
_refine.ls_goodness_of_fit_all                   ? 
_refine.ls_goodness_of_fit_all_esd               ? 
_refine.ls_goodness_of_fit_obs                   ? 
_refine.ls_goodness_of_fit_obs_esd               ? 
_refine.ls_hydrogen_treatment                    ? 
_refine.ls_matrix_type                           ? 
_refine.ls_number_constraints                    ? 
_refine.ls_number_parameters                     ? 
_refine.ls_number_reflns_all                     ? 
_refine.ls_number_reflns_obs                     12871 
_refine.ls_number_reflns_R_free                  618 
_refine.ls_number_reflns_R_work                  ? 
_refine.ls_number_restraints                     ? 
_refine.ls_percent_reflns_obs                    97.9200 
_refine.ls_percent_reflns_R_free                 4.8000 
_refine.ls_R_factor_all                          ? 
_refine.ls_R_factor_obs                          0.2107 
_refine.ls_R_factor_R_free                       0.2482 
_refine.ls_R_factor_R_free_error                 ? 
_refine.ls_R_factor_R_free_error_details         ? 
_refine.ls_R_factor_R_work                       0.2089 
_refine.ls_R_Fsqd_factor_obs                     ? 
_refine.ls_R_I_factor_obs                        ? 
_refine.ls_redundancy_reflns_all                 ? 
_refine.ls_redundancy_reflns_obs                 ? 
_refine.ls_restrained_S_all                      ? 
_refine.ls_restrained_S_obs                      ? 
_refine.ls_shift_over_esd_max                    ? 
_refine.ls_shift_over_esd_mean                   ? 
_refine.ls_structure_factor_coef                 ? 
_refine.ls_weighting_details                     ? 
_refine.ls_weighting_scheme                      ? 
_refine.ls_wR_factor_all                         ? 
_refine.ls_wR_factor_obs                         ? 
_refine.ls_wR_factor_R_free                      ? 
_refine.ls_wR_factor_R_work                      ? 
_refine.occupancy_max                            1.000 
_refine.occupancy_min                            0.500 
_refine.solvent_model_details                    ? 
_refine.solvent_model_param_bsol                 ? 
_refine.solvent_model_param_ksol                 ? 
_refine.ls_R_factor_gt                           ? 
_refine.ls_goodness_of_fit_gt                    ? 
_refine.ls_goodness_of_fit_ref                   ? 
_refine.ls_shift_over_su_max                     ? 
_refine.ls_shift_over_su_max_lt                  ? 
_refine.ls_shift_over_su_mean                    ? 
_refine.ls_shift_over_su_mean_lt                 ? 
_refine.pdbx_ls_sigma_I                          ? 
_refine.pdbx_ls_sigma_F                          0.000 
_refine.pdbx_ls_sigma_Fsqd                       ? 
_refine.pdbx_data_cutoff_high_absF               ? 
_refine.pdbx_data_cutoff_high_rms_absF           ? 
_refine.pdbx_data_cutoff_low_absF                ? 
_refine.pdbx_isotropic_thermal_model             ? 
_refine.pdbx_ls_cross_valid_method               THROUGHOUT 
_refine.pdbx_method_to_determine_struct          MAD 
_refine.pdbx_starting_model                      ? 
_refine.pdbx_stereochemistry_target_values       ? 
_refine.pdbx_R_Free_selection_details            RANDOM 
_refine.pdbx_stereochem_target_val_spec_case     ? 
_refine.pdbx_overall_ESU_R                       ? 
_refine.pdbx_overall_ESU_R_Free                  ? 
_refine.pdbx_solvent_vdw_probe_radii             ? 
_refine.pdbx_solvent_ion_probe_radii             ? 
_refine.pdbx_solvent_shrinkage_radii             ? 
_refine.pdbx_real_space_R                        ? 
_refine.pdbx_density_correlation                 ? 
_refine.pdbx_pd_number_of_powder_patterns        ? 
_refine.pdbx_pd_number_of_points                 ? 
_refine.pdbx_pd_meas_number_of_points            ? 
_refine.pdbx_pd_proc_ls_prof_R_factor            ? 
_refine.pdbx_pd_proc_ls_prof_wR_factor           ? 
_refine.pdbx_pd_Marquardt_correlation_coeff      ? 
_refine.pdbx_pd_Fsqrd_R_factor                   ? 
_refine.pdbx_pd_ls_matrix_band_width             ? 
_refine.pdbx_overall_phase_error                 ? 
_refine.pdbx_overall_SU_R_free_Cruickshank_DPI   ? 
_refine.pdbx_overall_SU_R_free_Blow_DPI          ? 
_refine.pdbx_overall_SU_R_Blow_DPI               ? 
_refine.pdbx_TLS_residual_ADP_flag               ? 
_refine.pdbx_diffrn_id                           1 
_refine.overall_SU_B                             ? 
_refine.overall_SU_ML                            ? 
_refine.overall_SU_R_Cruickshank_DPI             ? 
_refine.overall_SU_R_free                        ? 
_refine.overall_FOM_free_R_set                   ? 
_refine.overall_FOM_work_R_set                   ? 
_refine.pdbx_average_fsc_overall                 ? 
_refine.pdbx_average_fsc_work                    ? 
_refine.pdbx_average_fsc_free                    ? 
# 
_refine_analyze.entry_id                        4ZEY 
_refine_analyze.pdbx_refine_id                  'X-RAY DIFFRACTION' 
_refine_analyze.Luzzati_coordinate_error_free   ? 
_refine_analyze.Luzzati_coordinate_error_obs    0.201 
_refine_analyze.Luzzati_d_res_low_free          ? 
_refine_analyze.Luzzati_d_res_low_obs           ? 
_refine_analyze.Luzzati_sigma_a_free            ? 
_refine_analyze.Luzzati_sigma_a_free_details    ? 
_refine_analyze.Luzzati_sigma_a_obs             ? 
_refine_analyze.Luzzati_sigma_a_obs_details     ? 
_refine_analyze.number_disordered_residues      ? 
_refine_analyze.occupancy_sum_hydrogen          ? 
_refine_analyze.occupancy_sum_non_hydrogen      ? 
_refine_analyze.RG_d_res_high                   ? 
_refine_analyze.RG_d_res_low                    ? 
_refine_analyze.RG_free                         ? 
_refine_analyze.RG_work                         ? 
_refine_analyze.RG_free_work_ratio              ? 
_refine_analyze.pdbx_Luzzati_d_res_high_obs     ? 
# 
_refine_hist.pdbx_refine_id                   'X-RAY DIFFRACTION' 
_refine_hist.cycle_id                         LAST 
_refine_hist.pdbx_number_atoms_protein        679 
_refine_hist.pdbx_number_atoms_nucleic_acid   0 
_refine_hist.pdbx_number_atoms_ligand         10 
_refine_hist.number_atoms_solvent             102 
_refine_hist.number_atoms_total               791 
_refine_hist.d_res_high                       1.5000 
_refine_hist.d_res_low                        27.366 
# 
loop_
_refine_ls_restr.pdbx_refine_id 
_refine_ls_restr.criterion 
_refine_ls_restr.dev_ideal 
_refine_ls_restr.dev_ideal_target 
_refine_ls_restr.number 
_refine_ls_restr.rejects 
_refine_ls_restr.type 
_refine_ls_restr.weight 
_refine_ls_restr.pdbx_restraint_function 
'X-RAY DIFFRACTION' ? ?     ? 357 ? t_dihedral_angle_d        2.000  SINUSOIDAL   
'X-RAY DIFFRACTION' ? ?     ? 21  ? t_trig_c_planes           2.000  HARMONIC     
'X-RAY DIFFRACTION' ? ?     ? 100 ? t_gen_planes              5.000  HARMONIC     
'X-RAY DIFFRACTION' ? ?     ? 702 ? t_it                      20.000 HARMONIC     
'X-RAY DIFFRACTION' ? ?     ? ?   ? t_nbd                     ?      ?            
'X-RAY DIFFRACTION' ? ?     ? ?   ? t_improper_torsion        ?      ?            
'X-RAY DIFFRACTION' ? ?     ? ?   ? t_pseud_angle             ?      ?            
'X-RAY DIFFRACTION' ? ?     ? 85  ? t_chiral_improper_torsion 5.000  SEMIHARMONIC 
'X-RAY DIFFRACTION' ? ?     ? ?   ? t_sum_occupancies         ?      ?            
'X-RAY DIFFRACTION' ? ?     ? ?   ? t_utility_distance        ?      ?            
'X-RAY DIFFRACTION' ? ?     ? ?   ? t_utility_angle           ?      ?            
'X-RAY DIFFRACTION' ? ?     ? ?   ? t_utility_torsion         ?      ?            
'X-RAY DIFFRACTION' ? ?     ? 907 ? t_ideal_dist_contact      4.000  SEMIHARMONIC 
'X-RAY DIFFRACTION' ? 0.010 ? 702 ? t_bond_d                  2.000  HARMONIC     
'X-RAY DIFFRACTION' ? 0.900 ? 938 ? t_angle_deg               2.000  HARMONIC     
'X-RAY DIFFRACTION' ? 2.490 ? ?   ? t_omega_torsion           ?      ?            
'X-RAY DIFFRACTION' ? 2.490 ? ?   ? t_other_torsion           ?      ?            
# 
_refine_ls_shell.pdbx_refine_id                   'X-RAY DIFFRACTION' 
_refine_ls_shell.d_res_high                       1.5000 
_refine_ls_shell.d_res_low                        1.6400 
_refine_ls_shell.number_reflns_all                3063 
_refine_ls_shell.number_reflns_obs                ? 
_refine_ls_shell.number_reflns_R_free             144 
_refine_ls_shell.number_reflns_R_work             2919 
_refine_ls_shell.percent_reflns_obs               97.9200 
_refine_ls_shell.percent_reflns_R_free            4.7000 
_refine_ls_shell.R_factor_all                     0.1886 
_refine_ls_shell.R_factor_obs                     ? 
_refine_ls_shell.R_factor_R_free                  0.1999 
_refine_ls_shell.R_factor_R_free_error            ? 
_refine_ls_shell.R_factor_R_work                  0.1881 
_refine_ls_shell.redundancy_reflns_all            ? 
_refine_ls_shell.redundancy_reflns_obs            ? 
_refine_ls_shell.wR_factor_all                    ? 
_refine_ls_shell.wR_factor_obs                    ? 
_refine_ls_shell.wR_factor_R_free                 ? 
_refine_ls_shell.wR_factor_R_work                 ? 
_refine_ls_shell.pdbx_total_number_of_bins_used   6 
_refine_ls_shell.pdbx_phase_error                 ? 
_refine_ls_shell.pdbx_fsc_work                    ? 
_refine_ls_shell.pdbx_fsc_free                    ? 
# 
_struct.entry_id                     4ZEY 
_struct.title                        
'Crystal structure of a nuclear receptor binding factor 2 MIT domain (NRBF2) from Homo sapiens at 1.50 A resolution' 
_struct.pdbx_model_details           ? 
_struct.pdbx_formula_weight          ? 
_struct.pdbx_formula_weight_method   ? 
_struct.pdbx_model_type_details      ? 
_struct.pdbx_CASP_flag               ? 
# 
_struct_keywords.entry_id        4ZEY 
_struct_keywords.text            
;Structural Genomics, Joint Center for Structural Genomics, JCSG, Partnership for Nuclear Receptor Signaling Code Biology, NHRs, PSI-BIOLOGY, TRANSCRIPTION REGULATOR
;
_struct_keywords.pdbx_keywords   'TRANSCRIPTION REGULATOR' 
# 
loop_
_struct_asym.id 
_struct_asym.pdbx_blank_PDB_chainid_flag 
_struct_asym.pdbx_modified 
_struct_asym.entity_id 
_struct_asym.details 
A N N 1 ? 
B N N 2 ? 
C N N 2 ? 
D N N 3 ? 
# 
_struct_ref.id                         1 
_struct_ref.db_name                    UNP 
_struct_ref.db_code                    NRBF2_HUMAN 
_struct_ref.pdbx_db_accession          Q96F24 
_struct_ref.pdbx_db_isoform            ? 
_struct_ref.entity_id                  1 
_struct_ref.pdbx_seq_one_letter_code   
;MEGPLNLAHQQSRRADRLLAAGKYEEAISCHKKAAAYLSEAMKLTQSEQAHLSLELQRDSHMKQLLLIQERWKRAQREER
LKA
;
_struct_ref.pdbx_align_begin           4 
# 
_struct_ref_seq.align_id                      1 
_struct_ref_seq.ref_id                        1 
_struct_ref_seq.pdbx_PDB_id_code              4ZEY 
_struct_ref_seq.pdbx_strand_id                A 
_struct_ref_seq.seq_align_beg                 2 
_struct_ref_seq.pdbx_seq_align_beg_ins_code   ? 
_struct_ref_seq.seq_align_end                 84 
_struct_ref_seq.pdbx_seq_align_end_ins_code   ? 
_struct_ref_seq.pdbx_db_accession             Q96F24 
_struct_ref_seq.db_align_beg                  4 
_struct_ref_seq.pdbx_db_align_beg_ins_code    ? 
_struct_ref_seq.db_align_end                  86 
_struct_ref_seq.pdbx_db_align_end_ins_code    ? 
_struct_ref_seq.pdbx_auth_seq_align_beg       4 
_struct_ref_seq.pdbx_auth_seq_align_end       86 
# 
_struct_ref_seq_dif.align_id                     1 
_struct_ref_seq_dif.pdbx_pdb_id_code             4ZEY 
_struct_ref_seq_dif.mon_id                       GLY 
_struct_ref_seq_dif.pdbx_pdb_strand_id           A 
_struct_ref_seq_dif.seq_num                      1 
_struct_ref_seq_dif.pdbx_pdb_ins_code            ? 
_struct_ref_seq_dif.pdbx_seq_db_name             UNP 
_struct_ref_seq_dif.pdbx_seq_db_accession_code   Q96F24 
_struct_ref_seq_dif.db_mon_id                    ? 
_struct_ref_seq_dif.pdbx_seq_db_seq_num          ? 
_struct_ref_seq_dif.details                      'expression tag' 
_struct_ref_seq_dif.pdbx_auth_seq_num            0 
_struct_ref_seq_dif.pdbx_ordinal                 1 
# 
loop_
_pdbx_struct_assembly.id 
_pdbx_struct_assembly.details 
_pdbx_struct_assembly.method_details 
_pdbx_struct_assembly.oligomeric_details 
_pdbx_struct_assembly.oligomeric_count 
1 author_defined_assembly   ?    monomeric 1 
2 software_defined_assembly PISA dimeric   2 
# 
loop_
_pdbx_struct_assembly_prop.biol_id 
_pdbx_struct_assembly_prop.type 
_pdbx_struct_assembly_prop.value 
_pdbx_struct_assembly_prop.details 
2 'ABSA (A^2)' 2680  ? 
2 MORE         -46   ? 
2 'SSA (A^2)'  10210 ? 
# 
loop_
_pdbx_struct_assembly_gen.assembly_id 
_pdbx_struct_assembly_gen.oper_expression 
_pdbx_struct_assembly_gen.asym_id_list 
1 1   A,B,C,D 
2 1,2 A,B,C,D 
# 
loop_
_pdbx_struct_oper_list.id 
_pdbx_struct_oper_list.type 
_pdbx_struct_oper_list.name 
_pdbx_struct_oper_list.symmetry_operation 
_pdbx_struct_oper_list.matrix[1][1] 
_pdbx_struct_oper_list.matrix[1][2] 
_pdbx_struct_oper_list.matrix[1][3] 
_pdbx_struct_oper_list.vector[1] 
_pdbx_struct_oper_list.matrix[2][1] 
_pdbx_struct_oper_list.matrix[2][2] 
_pdbx_struct_oper_list.matrix[2][3] 
_pdbx_struct_oper_list.vector[2] 
_pdbx_struct_oper_list.matrix[3][1] 
_pdbx_struct_oper_list.matrix[3][2] 
_pdbx_struct_oper_list.matrix[3][3] 
_pdbx_struct_oper_list.vector[3] 
1 'identity operation'         1_555 x,y,z   1.0000000000  0.0000000000 0.0000000000  0.0000000000  0.0000000000 1.0000000000  0.0000000000  0.0000000000  0.0000000000  0.0000000000  1.0000000000 0.0000000000 
2 'crystal symmetry operation' 2_555 -x,y,-z -0.9120938521 0.1030936643 -0.3968078897 15.7004903496 0.1030936643 -0.8790948770 -0.4653642591 -1.7408313983 -0.3968078897 -0.4653642591 0.7911887291 3.0258998621 
# 
loop_
_struct_conf.conf_type_id 
_struct_conf.id 
_struct_conf.pdbx_PDB_helix_id 
_struct_conf.beg_label_comp_id 
_struct_conf.beg_label_asym_id 
_struct_conf.beg_label_seq_id 
_struct_conf.pdbx_beg_PDB_ins_code 
_struct_conf.end_label_comp_id 
_struct_conf.end_label_asym_id 
_struct_conf.end_label_seq_id 
_struct_conf.pdbx_end_PDB_ins_code 
_struct_conf.beg_auth_comp_id 
_struct_conf.beg_auth_asym_id 
_struct_conf.beg_auth_seq_id 
_struct_conf.end_auth_comp_id 
_struct_conf.end_auth_asym_id 
_struct_conf.end_auth_seq_id 
_struct_conf.pdbx_PDB_helix_class 
_struct_conf.details 
_struct_conf.pdbx_PDB_helix_length 
HELX_P HELX_P1 AA1 GLY A 4  ? ALA A 22 ? GLY A 6  ALA A 24 1 ? 19 
HELX_P HELX_P2 AA2 LYS A 24 ? LYS A 44 ? LYS A 26 LYS A 46 1 ? 21 
HELX_P HELX_P3 AA3 SER A 48 ? ALA A 84 ? SER A 50 ALA A 86 1 ? 37 
# 
_struct_conf_type.id          HELX_P 
_struct_conf_type.criteria    ? 
_struct_conf_type.reference   ? 
# 
loop_
_struct_conn.id 
_struct_conn.conn_type_id 
_struct_conn.pdbx_leaving_atom_flag 
_struct_conn.pdbx_PDB_id 
_struct_conn.ptnr1_label_asym_id 
_struct_conn.ptnr1_label_comp_id 
_struct_conn.ptnr1_label_seq_id 
_struct_conn.ptnr1_label_atom_id 
_struct_conn.pdbx_ptnr1_label_alt_id 
_struct_conn.pdbx_ptnr1_PDB_ins_code 
_struct_conn.pdbx_ptnr1_standard_comp_id 
_struct_conn.ptnr1_symmetry 
_struct_conn.ptnr2_label_asym_id 
_struct_conn.ptnr2_label_comp_id 
_struct_conn.ptnr2_label_seq_id 
_struct_conn.ptnr2_label_atom_id 
_struct_conn.pdbx_ptnr2_label_alt_id 
_struct_conn.pdbx_ptnr2_PDB_ins_code 
_struct_conn.ptnr1_auth_asym_id 
_struct_conn.ptnr1_auth_comp_id 
_struct_conn.ptnr1_auth_seq_id 
_struct_conn.ptnr2_auth_asym_id 
_struct_conn.ptnr2_auth_comp_id 
_struct_conn.ptnr2_auth_seq_id 
_struct_conn.ptnr2_symmetry 
_struct_conn.pdbx_ptnr3_label_atom_id 
_struct_conn.pdbx_ptnr3_label_seq_id 
_struct_conn.pdbx_ptnr3_label_comp_id 
_struct_conn.pdbx_ptnr3_label_asym_id 
_struct_conn.pdbx_ptnr3_label_alt_id 
_struct_conn.pdbx_ptnr3_PDB_ins_code 
_struct_conn.details 
_struct_conn.pdbx_dist_value 
_struct_conn.pdbx_value_order 
_struct_conn.pdbx_role 
covale1 covale both ? A GLY 1  C ? ? ? 1_555 A MSE 2  N ? ? A GLY 0  A MSE 4  1_555 ? ? ? ? ? ? ? 1.359 ? ? 
covale2 covale both ? A MSE 2  C ? ? ? 1_555 A GLU 3  N ? ? A MSE 4  A GLU 5  1_555 ? ? ? ? ? ? ? 1.348 ? ? 
covale3 covale both ? A ALA 42 C ? ? ? 1_555 A MSE 43 N ? ? A ALA 44 A MSE 45 1_555 ? ? ? ? ? ? ? 1.338 ? ? 
covale4 covale both ? A MSE 43 C ? ? ? 1_555 A LYS 44 N ? ? A MSE 45 A LYS 46 1_555 ? ? ? ? ? ? ? 1.341 ? ? 
covale5 covale both ? A HIS 62 C ? ? ? 1_555 A MSE 63 N ? ? A HIS 64 A MSE 65 1_555 ? ? ? ? ? ? ? 1.360 ? ? 
covale6 covale both ? A MSE 63 C ? ? ? 1_555 A LYS 64 N ? ? A MSE 65 A LYS 66 1_555 ? ? ? ? ? ? ? 1.354 ? ? 
# 
_struct_conn_type.id          covale 
_struct_conn_type.criteria    ? 
_struct_conn_type.reference   ? 
# 
loop_
_pdbx_modification_feature.ordinal 
_pdbx_modification_feature.label_comp_id 
_pdbx_modification_feature.label_asym_id 
_pdbx_modification_feature.label_seq_id 
_pdbx_modification_feature.label_alt_id 
_pdbx_modification_feature.modified_residue_label_comp_id 
_pdbx_modification_feature.modified_residue_label_asym_id 
_pdbx_modification_feature.modified_residue_label_seq_id 
_pdbx_modification_feature.modified_residue_label_alt_id 
_pdbx_modification_feature.auth_comp_id 
_pdbx_modification_feature.auth_asym_id 
_pdbx_modification_feature.auth_seq_id 
_pdbx_modification_feature.PDB_ins_code 
_pdbx_modification_feature.symmetry 
_pdbx_modification_feature.modified_residue_auth_comp_id 
_pdbx_modification_feature.modified_residue_auth_asym_id 
_pdbx_modification_feature.modified_residue_auth_seq_id 
_pdbx_modification_feature.modified_residue_PDB_ins_code 
_pdbx_modification_feature.modified_residue_symmetry 
_pdbx_modification_feature.comp_id_linking_atom 
_pdbx_modification_feature.modified_residue_id_linking_atom 
_pdbx_modification_feature.modified_residue_id 
_pdbx_modification_feature.ref_pcm_id 
_pdbx_modification_feature.ref_comp_id 
_pdbx_modification_feature.type 
_pdbx_modification_feature.category 
1 MSE A 2  ? . . . . MSE A 4  ? 1_555 . . . . . . . MET 1 MSE Selenomethionine 'Named protein modification' 
2 MSE A 43 ? . . . . MSE A 45 ? 1_555 . . . . . . . MET 1 MSE Selenomethionine 'Named protein modification' 
3 MSE A 63 ? . . . . MSE A 65 ? 1_555 . . . . . . . MET 1 MSE Selenomethionine 'Named protein modification' 
# 
loop_
_struct_site.id 
_struct_site.pdbx_evidence_code 
_struct_site.pdbx_auth_asym_id 
_struct_site.pdbx_auth_comp_id 
_struct_site.pdbx_auth_seq_id 
_struct_site.pdbx_auth_ins_code 
_struct_site.pdbx_num_residues 
_struct_site.details 
AC1 Software A SO4 401 ? 6 'binding site for residue SO4 A 401' 
AC2 Software A SO4 402 ? 6 'binding site for residue SO4 A 402' 
# 
loop_
_struct_site_gen.id 
_struct_site_gen.site_id 
_struct_site_gen.pdbx_num_res 
_struct_site_gen.label_comp_id 
_struct_site_gen.label_asym_id 
_struct_site_gen.label_seq_id 
_struct_site_gen.pdbx_auth_ins_code 
_struct_site_gen.auth_comp_id 
_struct_site_gen.auth_asym_id 
_struct_site_gen.auth_seq_id 
_struct_site_gen.label_atom_id 
_struct_site_gen.label_alt_id 
_struct_site_gen.symmetry 
_struct_site_gen.details 
1  AC1 6 HIS A 10 ? HIS A 12  . ? 2_555 ? 
2  AC1 6 HIS A 10 ? HIS A 12  . ? 1_555 ? 
3  AC1 6 SER A 13 ? SER A 15  . ? 1_555 ? 
4  AC1 6 SER A 13 ? SER A 15  . ? 2_555 ? 
5  AC1 6 HOH D .  ? HOH A 548 . ? 2_555 ? 
6  AC1 6 HOH D .  ? HOH A 548 . ? 1_555 ? 
7  AC2 6 TRP A 73 ? TRP A 75  . ? 1_555 ? 
8  AC2 6 GLN A 77 ? GLN A 79  . ? 2_554 ? 
9  AC2 6 GLN A 77 ? GLN A 79  . ? 1_555 ? 
10 AC2 6 HOH D .  ? HOH A 504 . ? 1_555 ? 
11 AC2 6 HOH D .  ? HOH A 552 . ? 1_555 ? 
12 AC2 6 HOH D .  ? HOH A 552 . ? 2_554 ? 
# 
_pdbx_entry_details.compound_details           ? 
_pdbx_entry_details.entry_id                   4ZEY 
_pdbx_entry_details.nonpolymer_details         ? 
_pdbx_entry_details.sequence_details           
;THE CONSTRUCT (4-86) WAS EXPRESSED WITH A PURIFICATION TAG MGSDKIHHHHHHENLYFQG. THE TAG WAS REMOVED WITH TEV PROTEASE LEAVING ONLY A GLYCINE (0) FOLLOWED BY THE TARGET SEQUENCE.
;
_pdbx_entry_details.source_details             ? 
_pdbx_entry_details.has_ligand_of_interest     ? 
_pdbx_entry_details.has_protein_modification   Y 
# 
_pdbx_validate_torsion.id              1 
_pdbx_validate_torsion.PDB_model_num   1 
_pdbx_validate_torsion.auth_comp_id    MSE 
_pdbx_validate_torsion.auth_asym_id    A 
_pdbx_validate_torsion.auth_seq_id     4 
_pdbx_validate_torsion.PDB_ins_code    ? 
_pdbx_validate_torsion.label_alt_id    ? 
_pdbx_validate_torsion.phi             -37.68 
_pdbx_validate_torsion.psi             144.07 
# 
loop_
_pdbx_SG_project.id 
_pdbx_SG_project.project_name 
_pdbx_SG_project.full_name_of_center 
_pdbx_SG_project.initial_of_center 
1 PSI:Biology 'Joint Center for Structural Genomics'                    JCSG 
2 PSI:Biology 'Partnership for Nuclear Receptor Signaling Code Biology' NHRs 
# 
loop_
_pdbx_struct_mod_residue.id 
_pdbx_struct_mod_residue.label_asym_id 
_pdbx_struct_mod_residue.label_comp_id 
_pdbx_struct_mod_residue.label_seq_id 
_pdbx_struct_mod_residue.auth_asym_id 
_pdbx_struct_mod_residue.auth_comp_id 
_pdbx_struct_mod_residue.auth_seq_id 
_pdbx_struct_mod_residue.PDB_ins_code 
_pdbx_struct_mod_residue.parent_comp_id 
_pdbx_struct_mod_residue.details 
1 A MSE 2  A MSE 4  ? MET 'modified residue' 
2 A MSE 43 A MSE 45 ? MET 'modified residue' 
3 A MSE 63 A MSE 65 ? MET 'modified residue' 
# 
loop_
_pdbx_struct_special_symmetry.id 
_pdbx_struct_special_symmetry.PDB_model_num 
_pdbx_struct_special_symmetry.auth_asym_id 
_pdbx_struct_special_symmetry.auth_comp_id 
_pdbx_struct_special_symmetry.auth_seq_id 
_pdbx_struct_special_symmetry.PDB_ins_code 
_pdbx_struct_special_symmetry.label_asym_id 
_pdbx_struct_special_symmetry.label_comp_id 
_pdbx_struct_special_symmetry.label_seq_id 
1 1 A SO4 401 ? B SO4 . 
2 1 A HOH 548 ? D HOH . 
# 
_pdbx_refine_tls.id               1 
_pdbx_refine_tls.pdbx_refine_id   'X-RAY DIFFRACTION' 
_pdbx_refine_tls.details          ? 
_pdbx_refine_tls.method           refined 
_pdbx_refine_tls.origin_x         -0.4305 
_pdbx_refine_tls.origin_y         0.4042 
_pdbx_refine_tls.origin_z         0.3771 
_pdbx_refine_tls.T[1][1]          -0.1393 
_pdbx_refine_tls.T[1][1]_esd      ? 
_pdbx_refine_tls.T[1][2]          0.0380 
_pdbx_refine_tls.T[1][2]_esd      ? 
_pdbx_refine_tls.T[1][3]          -0.0298 
_pdbx_refine_tls.T[1][3]_esd      ? 
_pdbx_refine_tls.T[2][2]          0.0196 
_pdbx_refine_tls.T[2][2]_esd      ? 
_pdbx_refine_tls.T[2][3]          0.0018 
_pdbx_refine_tls.T[2][3]_esd      ? 
_pdbx_refine_tls.T[3][3]          0.0632 
_pdbx_refine_tls.T[3][3]_esd      ? 
_pdbx_refine_tls.L[1][1]          0.4448 
_pdbx_refine_tls.L[1][1]_esd      ? 
_pdbx_refine_tls.L[1][2]          -0.1337 
_pdbx_refine_tls.L[1][2]_esd      ? 
_pdbx_refine_tls.L[1][3]          -0.0893 
_pdbx_refine_tls.L[1][3]_esd      ? 
_pdbx_refine_tls.L[2][2]          1.1078 
_pdbx_refine_tls.L[2][2]_esd      ? 
_pdbx_refine_tls.L[2][3]          0.5504 
_pdbx_refine_tls.L[2][3]_esd      ? 
_pdbx_refine_tls.L[3][3]          0.6608 
_pdbx_refine_tls.L[3][3]_esd      ? 
_pdbx_refine_tls.S[1][1]          -0.0050 
_pdbx_refine_tls.S[1][1]_esd      ? 
_pdbx_refine_tls.S[1][2]          0.0642 
_pdbx_refine_tls.S[1][2]_esd      ? 
_pdbx_refine_tls.S[1][3]          0.0364 
_pdbx_refine_tls.S[1][3]_esd      ? 
_pdbx_refine_tls.S[2][1]          0.0014 
_pdbx_refine_tls.S[2][1]_esd      ? 
_pdbx_refine_tls.S[2][2]          0.0059 
_pdbx_refine_tls.S[2][2]_esd      ? 
_pdbx_refine_tls.S[2][3]          0.0456 
_pdbx_refine_tls.S[2][3]_esd      ? 
_pdbx_refine_tls.S[3][1]          -0.0263 
_pdbx_refine_tls.S[3][1]_esd      ? 
_pdbx_refine_tls.S[3][2]          -0.0534 
_pdbx_refine_tls.S[3][2]_esd      ? 
_pdbx_refine_tls.S[3][3]          -0.0009 
_pdbx_refine_tls.S[3][3]_esd      ? 
# 
_pdbx_refine_tls_group.id                  1 
_pdbx_refine_tls_group.pdbx_refine_id      'X-RAY DIFFRACTION' 
_pdbx_refine_tls_group.refine_tls_id       1 
_pdbx_refine_tls_group.beg_label_asym_id   ? 
_pdbx_refine_tls_group.beg_label_seq_id    ? 
_pdbx_refine_tls_group.beg_auth_asym_id    A 
_pdbx_refine_tls_group.beg_auth_seq_id     0 
_pdbx_refine_tls_group.end_label_asym_id   ? 
_pdbx_refine_tls_group.end_label_seq_id    ? 
_pdbx_refine_tls_group.end_auth_asym_id    A 
_pdbx_refine_tls_group.end_auth_seq_id     86 
_pdbx_refine_tls_group.selection           ? 
_pdbx_refine_tls_group.selection_details   '{A|0 - 86}' 
# 
_phasing.method   MAD 
# 
loop_
_chem_comp_atom.comp_id 
_chem_comp_atom.atom_id 
_chem_comp_atom.type_symbol 
_chem_comp_atom.pdbx_aromatic_flag 
_chem_comp_atom.pdbx_stereo_config 
_chem_comp_atom.pdbx_ordinal 
ALA N    N  N N 1   
ALA CA   C  N S 2   
ALA C    C  N N 3   
ALA O    O  N N 4   
ALA CB   C  N N 5   
ALA OXT  O  N N 6   
ALA H    H  N N 7   
ALA H2   H  N N 8   
ALA HA   H  N N 9   
ALA HB1  H  N N 10  
ALA HB2  H  N N 11  
ALA HB3  H  N N 12  
ALA HXT  H  N N 13  
ARG N    N  N N 14  
ARG CA   C  N S 15  
ARG C    C  N N 16  
ARG O    O  N N 17  
ARG CB   C  N N 18  
ARG CG   C  N N 19  
ARG CD   C  N N 20  
ARG NE   N  N N 21  
ARG CZ   C  N N 22  
ARG NH1  N  N N 23  
ARG NH2  N  N N 24  
ARG OXT  O  N N 25  
ARG H    H  N N 26  
ARG H2   H  N N 27  
ARG HA   H  N N 28  
ARG HB2  H  N N 29  
ARG HB3  H  N N 30  
ARG HG2  H  N N 31  
ARG HG3  H  N N 32  
ARG HD2  H  N N 33  
ARG HD3  H  N N 34  
ARG HE   H  N N 35  
ARG HH11 H  N N 36  
ARG HH12 H  N N 37  
ARG HH21 H  N N 38  
ARG HH22 H  N N 39  
ARG HXT  H  N N 40  
ASN N    N  N N 41  
ASN CA   C  N S 42  
ASN C    C  N N 43  
ASN O    O  N N 44  
ASN CB   C  N N 45  
ASN CG   C  N N 46  
ASN OD1  O  N N 47  
ASN ND2  N  N N 48  
ASN OXT  O  N N 49  
ASN H    H  N N 50  
ASN H2   H  N N 51  
ASN HA   H  N N 52  
ASN HB2  H  N N 53  
ASN HB3  H  N N 54  
ASN HD21 H  N N 55  
ASN HD22 H  N N 56  
ASN HXT  H  N N 57  
ASP N    N  N N 58  
ASP CA   C  N S 59  
ASP C    C  N N 60  
ASP O    O  N N 61  
ASP CB   C  N N 62  
ASP CG   C  N N 63  
ASP OD1  O  N N 64  
ASP OD2  O  N N 65  
ASP OXT  O  N N 66  
ASP H    H  N N 67  
ASP H2   H  N N 68  
ASP HA   H  N N 69  
ASP HB2  H  N N 70  
ASP HB3  H  N N 71  
ASP HD2  H  N N 72  
ASP HXT  H  N N 73  
CYS N    N  N N 74  
CYS CA   C  N R 75  
CYS C    C  N N 76  
CYS O    O  N N 77  
CYS CB   C  N N 78  
CYS SG   S  N N 79  
CYS OXT  O  N N 80  
CYS H    H  N N 81  
CYS H2   H  N N 82  
CYS HA   H  N N 83  
CYS HB2  H  N N 84  
CYS HB3  H  N N 85  
CYS HG   H  N N 86  
CYS HXT  H  N N 87  
GLN N    N  N N 88  
GLN CA   C  N S 89  
GLN C    C  N N 90  
GLN O    O  N N 91  
GLN CB   C  N N 92  
GLN CG   C  N N 93  
GLN CD   C  N N 94  
GLN OE1  O  N N 95  
GLN NE2  N  N N 96  
GLN OXT  O  N N 97  
GLN H    H  N N 98  
GLN H2   H  N N 99  
GLN HA   H  N N 100 
GLN HB2  H  N N 101 
GLN HB3  H  N N 102 
GLN HG2  H  N N 103 
GLN HG3  H  N N 104 
GLN HE21 H  N N 105 
GLN HE22 H  N N 106 
GLN HXT  H  N N 107 
GLU N    N  N N 108 
GLU CA   C  N S 109 
GLU C    C  N N 110 
GLU O    O  N N 111 
GLU CB   C  N N 112 
GLU CG   C  N N 113 
GLU CD   C  N N 114 
GLU OE1  O  N N 115 
GLU OE2  O  N N 116 
GLU OXT  O  N N 117 
GLU H    H  N N 118 
GLU H2   H  N N 119 
GLU HA   H  N N 120 
GLU HB2  H  N N 121 
GLU HB3  H  N N 122 
GLU HG2  H  N N 123 
GLU HG3  H  N N 124 
GLU HE2  H  N N 125 
GLU HXT  H  N N 126 
GLY N    N  N N 127 
GLY CA   C  N N 128 
GLY C    C  N N 129 
GLY O    O  N N 130 
GLY OXT  O  N N 131 
GLY H    H  N N 132 
GLY H2   H  N N 133 
GLY HA2  H  N N 134 
GLY HA3  H  N N 135 
GLY HXT  H  N N 136 
HIS N    N  N N 137 
HIS CA   C  N S 138 
HIS C    C  N N 139 
HIS O    O  N N 140 
HIS CB   C  N N 141 
HIS CG   C  Y N 142 
HIS ND1  N  Y N 143 
HIS CD2  C  Y N 144 
HIS CE1  C  Y N 145 
HIS NE2  N  Y N 146 
HIS OXT  O  N N 147 
HIS H    H  N N 148 
HIS H2   H  N N 149 
HIS HA   H  N N 150 
HIS HB2  H  N N 151 
HIS HB3  H  N N 152 
HIS HD1  H  N N 153 
HIS HD2  H  N N 154 
HIS HE1  H  N N 155 
HIS HE2  H  N N 156 
HIS HXT  H  N N 157 
HOH O    O  N N 158 
HOH H1   H  N N 159 
HOH H2   H  N N 160 
ILE N    N  N N 161 
ILE CA   C  N S 162 
ILE C    C  N N 163 
ILE O    O  N N 164 
ILE CB   C  N S 165 
ILE CG1  C  N N 166 
ILE CG2  C  N N 167 
ILE CD1  C  N N 168 
ILE OXT  O  N N 169 
ILE H    H  N N 170 
ILE H2   H  N N 171 
ILE HA   H  N N 172 
ILE HB   H  N N 173 
ILE HG12 H  N N 174 
ILE HG13 H  N N 175 
ILE HG21 H  N N 176 
ILE HG22 H  N N 177 
ILE HG23 H  N N 178 
ILE HD11 H  N N 179 
ILE HD12 H  N N 180 
ILE HD13 H  N N 181 
ILE HXT  H  N N 182 
LEU N    N  N N 183 
LEU CA   C  N S 184 
LEU C    C  N N 185 
LEU O    O  N N 186 
LEU CB   C  N N 187 
LEU CG   C  N N 188 
LEU CD1  C  N N 189 
LEU CD2  C  N N 190 
LEU OXT  O  N N 191 
LEU H    H  N N 192 
LEU H2   H  N N 193 
LEU HA   H  N N 194 
LEU HB2  H  N N 195 
LEU HB3  H  N N 196 
LEU HG   H  N N 197 
LEU HD11 H  N N 198 
LEU HD12 H  N N 199 
LEU HD13 H  N N 200 
LEU HD21 H  N N 201 
LEU HD22 H  N N 202 
LEU HD23 H  N N 203 
LEU HXT  H  N N 204 
LYS N    N  N N 205 
LYS CA   C  N S 206 
LYS C    C  N N 207 
LYS O    O  N N 208 
LYS CB   C  N N 209 
LYS CG   C  N N 210 
LYS CD   C  N N 211 
LYS CE   C  N N 212 
LYS NZ   N  N N 213 
LYS OXT  O  N N 214 
LYS H    H  N N 215 
LYS H2   H  N N 216 
LYS HA   H  N N 217 
LYS HB2  H  N N 218 
LYS HB3  H  N N 219 
LYS HG2  H  N N 220 
LYS HG3  H  N N 221 
LYS HD2  H  N N 222 
LYS HD3  H  N N 223 
LYS HE2  H  N N 224 
LYS HE3  H  N N 225 
LYS HZ1  H  N N 226 
LYS HZ2  H  N N 227 
LYS HZ3  H  N N 228 
LYS HXT  H  N N 229 
MSE N    N  N N 230 
MSE CA   C  N S 231 
MSE C    C  N N 232 
MSE O    O  N N 233 
MSE OXT  O  N N 234 
MSE CB   C  N N 235 
MSE CG   C  N N 236 
MSE SE   SE N N 237 
MSE CE   C  N N 238 
MSE H    H  N N 239 
MSE H2   H  N N 240 
MSE HA   H  N N 241 
MSE HXT  H  N N 242 
MSE HB2  H  N N 243 
MSE HB3  H  N N 244 
MSE HG2  H  N N 245 
MSE HG3  H  N N 246 
MSE HE1  H  N N 247 
MSE HE2  H  N N 248 
MSE HE3  H  N N 249 
PRO N    N  N N 250 
PRO CA   C  N S 251 
PRO C    C  N N 252 
PRO O    O  N N 253 
PRO CB   C  N N 254 
PRO CG   C  N N 255 
PRO CD   C  N N 256 
PRO OXT  O  N N 257 
PRO H    H  N N 258 
PRO HA   H  N N 259 
PRO HB2  H  N N 260 
PRO HB3  H  N N 261 
PRO HG2  H  N N 262 
PRO HG3  H  N N 263 
PRO HD2  H  N N 264 
PRO HD3  H  N N 265 
PRO HXT  H  N N 266 
SER N    N  N N 267 
SER CA   C  N S 268 
SER C    C  N N 269 
SER O    O  N N 270 
SER CB   C  N N 271 
SER OG   O  N N 272 
SER OXT  O  N N 273 
SER H    H  N N 274 
SER H2   H  N N 275 
SER HA   H  N N 276 
SER HB2  H  N N 277 
SER HB3  H  N N 278 
SER HG   H  N N 279 
SER HXT  H  N N 280 
SO4 S    S  N N 281 
SO4 O1   O  N N 282 
SO4 O2   O  N N 283 
SO4 O3   O  N N 284 
SO4 O4   O  N N 285 
THR N    N  N N 286 
THR CA   C  N S 287 
THR C    C  N N 288 
THR O    O  N N 289 
THR CB   C  N R 290 
THR OG1  O  N N 291 
THR CG2  C  N N 292 
THR OXT  O  N N 293 
THR H    H  N N 294 
THR H2   H  N N 295 
THR HA   H  N N 296 
THR HB   H  N N 297 
THR HG1  H  N N 298 
THR HG21 H  N N 299 
THR HG22 H  N N 300 
THR HG23 H  N N 301 
THR HXT  H  N N 302 
TRP N    N  N N 303 
TRP CA   C  N S 304 
TRP C    C  N N 305 
TRP O    O  N N 306 
TRP CB   C  N N 307 
TRP CG   C  Y N 308 
TRP CD1  C  Y N 309 
TRP CD2  C  Y N 310 
TRP NE1  N  Y N 311 
TRP CE2  C  Y N 312 
TRP CE3  C  Y N 313 
TRP CZ2  C  Y N 314 
TRP CZ3  C  Y N 315 
TRP CH2  C  Y N 316 
TRP OXT  O  N N 317 
TRP H    H  N N 318 
TRP H2   H  N N 319 
TRP HA   H  N N 320 
TRP HB2  H  N N 321 
TRP HB3  H  N N 322 
TRP HD1  H  N N 323 
TRP HE1  H  N N 324 
TRP HE3  H  N N 325 
TRP HZ2  H  N N 326 
TRP HZ3  H  N N 327 
TRP HH2  H  N N 328 
TRP HXT  H  N N 329 
TYR N    N  N N 330 
TYR CA   C  N S 331 
TYR C    C  N N 332 
TYR O    O  N N 333 
TYR CB   C  N N 334 
TYR CG   C  Y N 335 
TYR CD1  C  Y N 336 
TYR CD2  C  Y N 337 
TYR CE1  C  Y N 338 
TYR CE2  C  Y N 339 
TYR CZ   C  Y N 340 
TYR OH   O  N N 341 
TYR OXT  O  N N 342 
TYR H    H  N N 343 
TYR H2   H  N N 344 
TYR HA   H  N N 345 
TYR HB2  H  N N 346 
TYR HB3  H  N N 347 
TYR HD1  H  N N 348 
TYR HD2  H  N N 349 
TYR HE1  H  N N 350 
TYR HE2  H  N N 351 
TYR HH   H  N N 352 
TYR HXT  H  N N 353 
# 
loop_
_chem_comp_bond.comp_id 
_chem_comp_bond.atom_id_1 
_chem_comp_bond.atom_id_2 
_chem_comp_bond.value_order 
_chem_comp_bond.pdbx_aromatic_flag 
_chem_comp_bond.pdbx_stereo_config 
_chem_comp_bond.pdbx_ordinal 
ALA N   CA   sing N N 1   
ALA N   H    sing N N 2   
ALA N   H2   sing N N 3   
ALA CA  C    sing N N 4   
ALA CA  CB   sing N N 5   
ALA CA  HA   sing N N 6   
ALA C   O    doub N N 7   
ALA C   OXT  sing N N 8   
ALA CB  HB1  sing N N 9   
ALA CB  HB2  sing N N 10  
ALA CB  HB3  sing N N 11  
ALA OXT HXT  sing N N 12  
ARG N   CA   sing N N 13  
ARG N   H    sing N N 14  
ARG N   H2   sing N N 15  
ARG CA  C    sing N N 16  
ARG CA  CB   sing N N 17  
ARG CA  HA   sing N N 18  
ARG C   O    doub N N 19  
ARG C   OXT  sing N N 20  
ARG CB  CG   sing N N 21  
ARG CB  HB2  sing N N 22  
ARG CB  HB3  sing N N 23  
ARG CG  CD   sing N N 24  
ARG CG  HG2  sing N N 25  
ARG CG  HG3  sing N N 26  
ARG CD  NE   sing N N 27  
ARG CD  HD2  sing N N 28  
ARG CD  HD3  sing N N 29  
ARG NE  CZ   sing N N 30  
ARG NE  HE   sing N N 31  
ARG CZ  NH1  sing N N 32  
ARG CZ  NH2  doub N N 33  
ARG NH1 HH11 sing N N 34  
ARG NH1 HH12 sing N N 35  
ARG NH2 HH21 sing N N 36  
ARG NH2 HH22 sing N N 37  
ARG OXT HXT  sing N N 38  
ASN N   CA   sing N N 39  
ASN N   H    sing N N 40  
ASN N   H2   sing N N 41  
ASN CA  C    sing N N 42  
ASN CA  CB   sing N N 43  
ASN CA  HA   sing N N 44  
ASN C   O    doub N N 45  
ASN C   OXT  sing N N 46  
ASN CB  CG   sing N N 47  
ASN CB  HB2  sing N N 48  
ASN CB  HB3  sing N N 49  
ASN CG  OD1  doub N N 50  
ASN CG  ND2  sing N N 51  
ASN ND2 HD21 sing N N 52  
ASN ND2 HD22 sing N N 53  
ASN OXT HXT  sing N N 54  
ASP N   CA   sing N N 55  
ASP N   H    sing N N 56  
ASP N   H2   sing N N 57  
ASP CA  C    sing N N 58  
ASP CA  CB   sing N N 59  
ASP CA  HA   sing N N 60  
ASP C   O    doub N N 61  
ASP C   OXT  sing N N 62  
ASP CB  CG   sing N N 63  
ASP CB  HB2  sing N N 64  
ASP CB  HB3  sing N N 65  
ASP CG  OD1  doub N N 66  
ASP CG  OD2  sing N N 67  
ASP OD2 HD2  sing N N 68  
ASP OXT HXT  sing N N 69  
CYS N   CA   sing N N 70  
CYS N   H    sing N N 71  
CYS N   H2   sing N N 72  
CYS CA  C    sing N N 73  
CYS CA  CB   sing N N 74  
CYS CA  HA   sing N N 75  
CYS C   O    doub N N 76  
CYS C   OXT  sing N N 77  
CYS CB  SG   sing N N 78  
CYS CB  HB2  sing N N 79  
CYS CB  HB3  sing N N 80  
CYS SG  HG   sing N N 81  
CYS OXT HXT  sing N N 82  
GLN N   CA   sing N N 83  
GLN N   H    sing N N 84  
GLN N   H2   sing N N 85  
GLN CA  C    sing N N 86  
GLN CA  CB   sing N N 87  
GLN CA  HA   sing N N 88  
GLN C   O    doub N N 89  
GLN C   OXT  sing N N 90  
GLN CB  CG   sing N N 91  
GLN CB  HB2  sing N N 92  
GLN CB  HB3  sing N N 93  
GLN CG  CD   sing N N 94  
GLN CG  HG2  sing N N 95  
GLN CG  HG3  sing N N 96  
GLN CD  OE1  doub N N 97  
GLN CD  NE2  sing N N 98  
GLN NE2 HE21 sing N N 99  
GLN NE2 HE22 sing N N 100 
GLN OXT HXT  sing N N 101 
GLU N   CA   sing N N 102 
GLU N   H    sing N N 103 
GLU N   H2   sing N N 104 
GLU CA  C    sing N N 105 
GLU CA  CB   sing N N 106 
GLU CA  HA   sing N N 107 
GLU C   O    doub N N 108 
GLU C   OXT  sing N N 109 
GLU CB  CG   sing N N 110 
GLU CB  HB2  sing N N 111 
GLU CB  HB3  sing N N 112 
GLU CG  CD   sing N N 113 
GLU CG  HG2  sing N N 114 
GLU CG  HG3  sing N N 115 
GLU CD  OE1  doub N N 116 
GLU CD  OE2  sing N N 117 
GLU OE2 HE2  sing N N 118 
GLU OXT HXT  sing N N 119 
GLY N   CA   sing N N 120 
GLY N   H    sing N N 121 
GLY N   H2   sing N N 122 
GLY CA  C    sing N N 123 
GLY CA  HA2  sing N N 124 
GLY CA  HA3  sing N N 125 
GLY C   O    doub N N 126 
GLY C   OXT  sing N N 127 
GLY OXT HXT  sing N N 128 
HIS N   CA   sing N N 129 
HIS N   H    sing N N 130 
HIS N   H2   sing N N 131 
HIS CA  C    sing N N 132 
HIS CA  CB   sing N N 133 
HIS CA  HA   sing N N 134 
HIS C   O    doub N N 135 
HIS C   OXT  sing N N 136 
HIS CB  CG   sing N N 137 
HIS CB  HB2  sing N N 138 
HIS CB  HB3  sing N N 139 
HIS CG  ND1  sing Y N 140 
HIS CG  CD2  doub Y N 141 
HIS ND1 CE1  doub Y N 142 
HIS ND1 HD1  sing N N 143 
HIS CD2 NE2  sing Y N 144 
HIS CD2 HD2  sing N N 145 
HIS CE1 NE2  sing Y N 146 
HIS CE1 HE1  sing N N 147 
HIS NE2 HE2  sing N N 148 
HIS OXT HXT  sing N N 149 
HOH O   H1   sing N N 150 
HOH O   H2   sing N N 151 
ILE N   CA   sing N N 152 
ILE N   H    sing N N 153 
ILE N   H2   sing N N 154 
ILE CA  C    sing N N 155 
ILE CA  CB   sing N N 156 
ILE CA  HA   sing N N 157 
ILE C   O    doub N N 158 
ILE C   OXT  sing N N 159 
ILE CB  CG1  sing N N 160 
ILE CB  CG2  sing N N 161 
ILE CB  HB   sing N N 162 
ILE CG1 CD1  sing N N 163 
ILE CG1 HG12 sing N N 164 
ILE CG1 HG13 sing N N 165 
ILE CG2 HG21 sing N N 166 
ILE CG2 HG22 sing N N 167 
ILE CG2 HG23 sing N N 168 
ILE CD1 HD11 sing N N 169 
ILE CD1 HD12 sing N N 170 
ILE CD1 HD13 sing N N 171 
ILE OXT HXT  sing N N 172 
LEU N   CA   sing N N 173 
LEU N   H    sing N N 174 
LEU N   H2   sing N N 175 
LEU CA  C    sing N N 176 
LEU CA  CB   sing N N 177 
LEU CA  HA   sing N N 178 
LEU C   O    doub N N 179 
LEU C   OXT  sing N N 180 
LEU CB  CG   sing N N 181 
LEU CB  HB2  sing N N 182 
LEU CB  HB3  sing N N 183 
LEU CG  CD1  sing N N 184 
LEU CG  CD2  sing N N 185 
LEU CG  HG   sing N N 186 
LEU CD1 HD11 sing N N 187 
LEU CD1 HD12 sing N N 188 
LEU CD1 HD13 sing N N 189 
LEU CD2 HD21 sing N N 190 
LEU CD2 HD22 sing N N 191 
LEU CD2 HD23 sing N N 192 
LEU OXT HXT  sing N N 193 
LYS N   CA   sing N N 194 
LYS N   H    sing N N 195 
LYS N   H2   sing N N 196 
LYS CA  C    sing N N 197 
LYS CA  CB   sing N N 198 
LYS CA  HA   sing N N 199 
LYS C   O    doub N N 200 
LYS C   OXT  sing N N 201 
LYS CB  CG   sing N N 202 
LYS CB  HB2  sing N N 203 
LYS CB  HB3  sing N N 204 
LYS CG  CD   sing N N 205 
LYS CG  HG2  sing N N 206 
LYS CG  HG3  sing N N 207 
LYS CD  CE   sing N N 208 
LYS CD  HD2  sing N N 209 
LYS CD  HD3  sing N N 210 
LYS CE  NZ   sing N N 211 
LYS CE  HE2  sing N N 212 
LYS CE  HE3  sing N N 213 
LYS NZ  HZ1  sing N N 214 
LYS NZ  HZ2  sing N N 215 
LYS NZ  HZ3  sing N N 216 
LYS OXT HXT  sing N N 217 
MSE N   CA   sing N N 218 
MSE N   H    sing N N 219 
MSE N   H2   sing N N 220 
MSE CA  C    sing N N 221 
MSE CA  CB   sing N N 222 
MSE CA  HA   sing N N 223 
MSE C   O    doub N N 224 
MSE C   OXT  sing N N 225 
MSE OXT HXT  sing N N 226 
MSE CB  CG   sing N N 227 
MSE CB  HB2  sing N N 228 
MSE CB  HB3  sing N N 229 
MSE CG  SE   sing N N 230 
MSE CG  HG2  sing N N 231 
MSE CG  HG3  sing N N 232 
MSE SE  CE   sing N N 233 
MSE CE  HE1  sing N N 234 
MSE CE  HE2  sing N N 235 
MSE CE  HE3  sing N N 236 
PRO N   CA   sing N N 237 
PRO N   CD   sing N N 238 
PRO N   H    sing N N 239 
PRO CA  C    sing N N 240 
PRO CA  CB   sing N N 241 
PRO CA  HA   sing N N 242 
PRO C   O    doub N N 243 
PRO C   OXT  sing N N 244 
PRO CB  CG   sing N N 245 
PRO CB  HB2  sing N N 246 
PRO CB  HB3  sing N N 247 
PRO CG  CD   sing N N 248 
PRO CG  HG2  sing N N 249 
PRO CG  HG3  sing N N 250 
PRO CD  HD2  sing N N 251 
PRO CD  HD3  sing N N 252 
PRO OXT HXT  sing N N 253 
SER N   CA   sing N N 254 
SER N   H    sing N N 255 
SER N   H2   sing N N 256 
SER CA  C    sing N N 257 
SER CA  CB   sing N N 258 
SER CA  HA   sing N N 259 
SER C   O    doub N N 260 
SER C   OXT  sing N N 261 
SER CB  OG   sing N N 262 
SER CB  HB2  sing N N 263 
SER CB  HB3  sing N N 264 
SER OG  HG   sing N N 265 
SER OXT HXT  sing N N 266 
SO4 S   O1   doub N N 267 
SO4 S   O2   doub N N 268 
SO4 S   O3   sing N N 269 
SO4 S   O4   sing N N 270 
THR N   CA   sing N N 271 
THR N   H    sing N N 272 
THR N   H2   sing N N 273 
THR CA  C    sing N N 274 
THR CA  CB   sing N N 275 
THR CA  HA   sing N N 276 
THR C   O    doub N N 277 
THR C   OXT  sing N N 278 
THR CB  OG1  sing N N 279 
THR CB  CG2  sing N N 280 
THR CB  HB   sing N N 281 
THR OG1 HG1  sing N N 282 
THR CG2 HG21 sing N N 283 
THR CG2 HG22 sing N N 284 
THR CG2 HG23 sing N N 285 
THR OXT HXT  sing N N 286 
TRP N   CA   sing N N 287 
TRP N   H    sing N N 288 
TRP N   H2   sing N N 289 
TRP CA  C    sing N N 290 
TRP CA  CB   sing N N 291 
TRP CA  HA   sing N N 292 
TRP C   O    doub N N 293 
TRP C   OXT  sing N N 294 
TRP CB  CG   sing N N 295 
TRP CB  HB2  sing N N 296 
TRP CB  HB3  sing N N 297 
TRP CG  CD1  doub Y N 298 
TRP CG  CD2  sing Y N 299 
TRP CD1 NE1  sing Y N 300 
TRP CD1 HD1  sing N N 301 
TRP CD2 CE2  doub Y N 302 
TRP CD2 CE3  sing Y N 303 
TRP NE1 CE2  sing Y N 304 
TRP NE1 HE1  sing N N 305 
TRP CE2 CZ2  sing Y N 306 
TRP CE3 CZ3  doub Y N 307 
TRP CE3 HE3  sing N N 308 
TRP CZ2 CH2  doub Y N 309 
TRP CZ2 HZ2  sing N N 310 
TRP CZ3 CH2  sing Y N 311 
TRP CZ3 HZ3  sing N N 312 
TRP CH2 HH2  sing N N 313 
TRP OXT HXT  sing N N 314 
TYR N   CA   sing N N 315 
TYR N   H    sing N N 316 
TYR N   H2   sing N N 317 
TYR CA  C    sing N N 318 
TYR CA  CB   sing N N 319 
TYR CA  HA   sing N N 320 
TYR C   O    doub N N 321 
TYR C   OXT  sing N N 322 
TYR CB  CG   sing N N 323 
TYR CB  HB2  sing N N 324 
TYR CB  HB3  sing N N 325 
TYR CG  CD1  doub Y N 326 
TYR CG  CD2  sing Y N 327 
TYR CD1 CE1  sing Y N 328 
TYR CD1 HD1  sing N N 329 
TYR CD2 CE2  doub Y N 330 
TYR CD2 HD2  sing N N 331 
TYR CE1 CZ   doub Y N 332 
TYR CE1 HE1  sing N N 333 
TYR CE2 CZ   sing Y N 334 
TYR CE2 HE2  sing N N 335 
TYR CZ  OH   sing N N 336 
TYR OH  HH   sing N N 337 
TYR OXT HXT  sing N N 338 
# 
_atom_sites.entry_id                    4ZEY 
_atom_sites.fract_transf_matrix[1][1]   -0.01125492 
_atom_sites.fract_transf_matrix[1][2]   -0.01725154 
_atom_sites.fract_transf_matrix[1][3]   -0.00697542 
_atom_sites.fract_transf_matrix[2][1]   0.00615721 
_atom_sites.fract_transf_matrix[2][2]   0.00722099 
_atom_sites.fract_transf_matrix[2][3]   -0.02779360 
_atom_sites.fract_transf_matrix[3][1]   0.01254672 
_atom_sites.fract_transf_matrix[3][2]   -0.01570442 
_atom_sites.fract_transf_matrix[3][3]   -0.00130061 
_atom_sites.fract_transf_vector[1]      0.083891 
_atom_sites.fract_transf_vector[2]      0.177256 
_atom_sites.fract_transf_vector[3]      -0.110196 
# 
loop_
_atom_type.symbol 
C  
N  
O  
S  
SE 
# 
loop_
_atom_site.group_PDB 
_atom_site.id 
_atom_site.type_symbol 
_atom_site.label_atom_id 
_atom_site.label_alt_id 
_atom_site.label_comp_id 
_atom_site.label_asym_id 
_atom_site.label_entity_id 
_atom_site.label_seq_id 
_atom_site.pdbx_PDB_ins_code 
_atom_site.Cartn_x 
_atom_site.Cartn_y 
_atom_site.Cartn_z 
_atom_site.occupancy 
_atom_site.B_iso_or_equiv 
_atom_site.pdbx_formal_charge 
_atom_site.auth_seq_id 
_atom_site.auth_comp_id 
_atom_site.auth_asym_id 
_atom_site.auth_atom_id 
_atom_site.pdbx_PDB_model_num 
ATOM   1   N  N   . GLY A 1 1  ? 10.552  -1.108  -18.430 1.00 35.18 ? 0   GLY A N   1 
ATOM   2   C  CA  . GLY A 1 1  ? 10.145  -2.199  -19.309 1.00 33.90 ? 0   GLY A CA  1 
ATOM   3   C  C   . GLY A 1 1  ? 9.177   -3.153  -18.640 1.00 33.71 ? 0   GLY A C   1 
ATOM   4   O  O   . GLY A 1 1  ? 8.311   -2.712  -17.876 1.00 33.62 ? 0   GLY A O   1 
HETATM 5   N  N   . MSE A 1 2  ? 9.354   -4.475  -18.895 1.00 26.46 ? 4   MSE A N   1 
HETATM 6   C  CA  . MSE A 1 2  ? 8.568   -5.622  -18.362 1.00 23.32 ? 4   MSE A CA  1 
HETATM 7   C  C   . MSE A 1 2  ? 8.138   -5.467  -16.921 1.00 25.90 ? 4   MSE A C   1 
HETATM 8   O  O   . MSE A 1 2  ? 8.919   -4.985  -16.084 1.00 24.82 ? 4   MSE A O   1 
HETATM 9   C  CB  . MSE A 1 2  ? 9.430   -6.881  -18.412 1.00 24.88 ? 4   MSE A CB  1 
HETATM 10  C  CG  . MSE A 1 2  ? 9.341   -7.627  -19.692 1.00 30.11 ? 4   MSE A CG  1 
HETATM 11  SE SE  . MSE A 1 2  ? 10.326  -9.307  -19.451 0.75 35.01 ? 4   MSE A SE  1 
HETATM 12  C  CE  . MSE A 1 2  ? 12.166  -8.644  -19.528 1.00 32.34 ? 4   MSE A CE  1 
ATOM   13  N  N   . GLU A 1 3  ? 6.927   -5.964  -16.597 1.00 20.28 ? 5   GLU A N   1 
ATOM   14  C  CA  . GLU A 1 3  ? 6.426   -5.894  -15.232 1.00 18.98 ? 5   GLU A CA  1 
ATOM   15  C  C   . GLU A 1 3  ? 5.810   -7.203  -14.798 1.00 20.86 ? 5   GLU A C   1 
ATOM   16  O  O   . GLU A 1 3  ? 4.891   -7.700  -15.453 1.00 20.23 ? 5   GLU A O   1 
ATOM   17  C  CB  . GLU A 1 3  ? 5.380   -4.762  -15.078 1.00 20.58 ? 5   GLU A CB  1 
ATOM   18  C  CG  . GLU A 1 3  ? 5.903   -3.365  -15.349 1.00 30.57 ? 5   GLU A CG  1 
ATOM   19  C  CD  . GLU A 1 3  ? 4.828   -2.294  -15.440 1.00 46.03 ? 5   GLU A CD  1 
ATOM   20  O  OE1 . GLU A 1 3  ? 3.623   -2.638  -15.425 1.00 31.60 ? 5   GLU A OE1 1 
ATOM   21  O  OE2 . GLU A 1 3  ? 5.196   -1.103  -15.551 1.00 43.45 ? 5   GLU A OE2 1 
ATOM   22  N  N   . GLY A 1 4  ? 6.365   -7.768  -13.733 1.00 17.97 ? 6   GLY A N   1 
ATOM   23  C  CA  . GLY A 1 4  ? 5.854   -8.948  -13.043 1.00 16.42 ? 6   GLY A CA  1 
ATOM   24  C  C   . GLY A 1 4  ? 5.122   -8.454  -11.808 1.00 19.39 ? 6   GLY A C   1 
ATOM   25  O  O   . GLY A 1 4  ? 5.061   -7.231  -11.603 1.00 17.75 ? 6   GLY A O   1 
ATOM   26  N  N   . PRO A 1 5  ? 4.533   -9.333  -10.951 1.00 17.76 ? 7   PRO A N   1 
ATOM   27  C  CA  . PRO A 1 5  ? 3.722   -8.823  -9.828  1.00 17.31 ? 7   PRO A CA  1 
ATOM   28  C  C   . PRO A 1 5  ? 4.517   -8.076  -8.744  1.00 17.42 ? 7   PRO A C   1 
ATOM   29  O  O   . PRO A 1 5  ? 3.983   -7.130  -8.176  1.00 16.91 ? 7   PRO A O   1 
ATOM   30  C  CB  . PRO A 1 5  ? 3.059   -10.083 -9.270  1.00 19.65 ? 7   PRO A CB  1 
ATOM   31  C  CG  . PRO A 1 5  ? 3.950   -11.204 -9.690  1.00 25.11 ? 7   PRO A CG  1 
ATOM   32  C  CD  . PRO A 1 5  ? 4.434   -10.802 -11.047 1.00 21.06 ? 7   PRO A CD  1 
ATOM   33  N  N   . LEU A 1 6  ? 5.765   -8.469  -8.478  1.00 16.90 ? 8   LEU A N   1 
ATOM   34  C  CA  . LEU A 1 6  ? 6.559   -7.757  -7.487  1.00 15.18 ? 8   LEU A CA  1 
ATOM   35  C  C   . LEU A 1 6  ? 6.839   -6.316  -7.988  1.00 19.93 ? 8   LEU A C   1 
ATOM   36  O  O   . LEU A 1 6  ? 6.669   -5.368  -7.210  1.00 18.18 ? 8   LEU A O   1 
ATOM   37  C  CB  . LEU A 1 6  ? 7.851   -8.546  -7.204  1.00 15.05 ? 8   LEU A CB  1 
ATOM   38  C  CG  . LEU A 1 6  ? 8.763   -7.938  -6.129  1.00 19.26 ? 8   LEU A CG  1 
ATOM   39  C  CD1 . LEU A 1 6  ? 7.984   -7.644  -4.860  1.00 19.63 ? 8   LEU A CD1 1 
ATOM   40  C  CD2 . LEU A 1 6  ? 9.938   -8.850  -5.874  1.00 20.99 ? 8   LEU A CD2 1 
ATOM   41  N  N   . ASN A 1 7  ? 7.164   -6.147  -9.302  1.00 17.65 ? 9   ASN A N   1 
ATOM   42  C  CA  . ASN A 1 7  ? 7.384   -4.834  -9.922  1.00 17.86 ? 9   ASN A CA  1 
ATOM   43  C  C   . ASN A 1 7  ? 6.090   -4.012  -9.778  1.00 19.70 ? 9   ASN A C   1 
ATOM   44  O  O   . ASN A 1 7  ? 6.136   -2.843  -9.381  1.00 18.07 ? 9   ASN A O   1 
ATOM   45  C  CB  . ASN A 1 7  ? 7.806   -4.979  -11.394 1.00 21.44 ? 9   ASN A CB  1 
ATOM   46  C  CG  . ASN A 1 7  ? 8.072   -3.689  -12.151 1.00 47.83 ? 9   ASN A CG  1 
ATOM   47  O  OD1 . ASN A 1 7  ? 7.216   -2.808  -12.278 1.00 43.53 ? 9   ASN A OD1 1 
ATOM   48  N  ND2 . ASN A 1 7  ? 9.243   -3.586  -12.756 1.00 41.61 ? 9   ASN A ND2 1 
ATOM   49  N  N   . LEU A 1 8  ? 4.909   -4.644  -10.049 1.00 14.90 ? 10  LEU A N   1 
ATOM   50  C  CA  . LEU A 1 8  ? 3.668   -3.888  -9.904  1.00 14.61 ? 10  LEU A CA  1 
ATOM   51  C  C   . LEU A 1 8  ? 3.375   -3.477  -8.438  1.00 15.99 ? 10  LEU A C   1 
ATOM   52  O  O   . LEU A 1 8  ? 2.852   -2.387  -8.212  1.00 16.28 ? 10  LEU A O   1 
ATOM   53  C  CB  . LEU A 1 8  ? 2.513   -4.701  -10.486 1.00 15.42 ? 10  LEU A CB  1 
ATOM   54  C  CG  . LEU A 1 8  ? 2.389   -4.624  -12.002 1.00 22.77 ? 10  LEU A CG  1 
ATOM   55  C  CD1 . LEU A 1 8  ? 1.249   -5.532  -12.486 1.00 23.56 ? 10  LEU A CD1 1 
ATOM   56  C  CD2 . LEU A 1 8  ? 2.061   -3.202  -12.473 1.00 28.95 ? 10  LEU A CD2 1 
ATOM   57  N  N   . ALA A 1 9  ? 3.742   -4.320  -7.446  1.00 15.20 ? 11  ALA A N   1 
ATOM   58  C  CA  . ALA A 1 9  ? 3.527   -4.017  -6.030  1.00 15.83 ? 11  ALA A CA  1 
ATOM   59  C  C   . ALA A 1 9  ? 4.353   -2.782  -5.635  1.00 15.34 ? 11  ALA A C   1 
ATOM   60  O  O   . ALA A 1 9  ? 3.813   -1.834  -5.055  1.00 15.26 ? 11  ALA A O   1 
ATOM   61  C  CB  . ALA A 1 9  ? 3.925   -5.212  -5.165  1.00 16.78 ? 11  ALA A CB  1 
ATOM   62  N  N   . HIS A 1 10 ? 5.598   -2.747  -6.099  1.00 14.19 ? 12  HIS A N   1 
ATOM   63  C  CA  . HIS A 1 10 ? 6.502   -1.633  -5.867  1.00 13.20 ? 12  HIS A CA  1 
ATOM   64  C  C   . HIS A 1 10 ? 5.973   -0.366  -6.575  1.00 17.53 ? 12  HIS A C   1 
ATOM   65  O  O   . HIS A 1 10 ? 6.029   0.711   -5.991  1.00 18.09 ? 12  HIS A O   1 
ATOM   66  C  CB  . HIS A 1 10 ? 7.910   -2.005  -6.344  1.00 13.24 ? 12  HIS A CB  1 
ATOM   67  C  CG  . HIS A 1 10 ? 8.614   -2.950  -5.435  1.00 16.05 ? 12  HIS A CG  1 
ATOM   68  N  ND1 . HIS A 1 10 ? 8.856   -2.630  -4.109  1.00 18.40 ? 12  HIS A ND1 1 
ATOM   69  C  CD2 . HIS A 1 10 ? 9.225   -4.122  -5.718  1.00 18.49 ? 12  HIS A CD2 1 
ATOM   70  C  CE1 . HIS A 1 10 ? 9.539   -3.647  -3.607  1.00 17.35 ? 12  HIS A CE1 1 
ATOM   71  N  NE2 . HIS A 1 10 ? 9.784   -4.571  -4.531  1.00 18.15 ? 12  HIS A NE2 1 
ATOM   72  N  N   . GLN A 1 11 ? 5.425   -0.493  -7.799  1.00 14.16 ? 13  GLN A N   1 
ATOM   73  C  CA  . GLN A 1 11 ? 4.843   0.640   -8.514  1.00 14.47 ? 13  GLN A CA  1 
ATOM   74  C  C   . GLN A 1 11 ? 3.655   1.193   -7.713  1.00 15.92 ? 13  GLN A C   1 
ATOM   75  O  O   . GLN A 1 11 ? 3.479   2.408   -7.630  1.00 16.97 ? 13  GLN A O   1 
ATOM   76  C  CB  . GLN A 1 11 ? 4.397   0.211   -9.927  1.00 16.90 ? 13  GLN A CB  1 
ATOM   77  C  CG  . GLN A 1 11 ? 3.851   1.368   -10.790 1.00 28.70 ? 13  GLN A CG  1 
ATOM   78  C  CD  . GLN A 1 11 ? 3.103   0.950   -12.051 1.00 61.82 ? 13  GLN A CD  1 
ATOM   79  O  OE1 . GLN A 1 11 ? 3.389   -0.072  -12.693 1.00 56.13 ? 13  GLN A OE1 1 
ATOM   80  N  NE2 . GLN A 1 11 ? 2.154   1.777   -12.469 1.00 61.61 ? 13  GLN A NE2 1 
ATOM   81  N  N   . GLN A 1 12 ? 2.778   0.312   -7.194  1.00 13.04 ? 14  GLN A N   1 
ATOM   82  C  CA  . GLN A 1 12 ? 1.659   0.824   -6.423  1.00 13.15 ? 14  GLN A CA  1 
ATOM   83  C  C   . GLN A 1 12 ? 2.131   1.506   -5.139  1.00 17.09 ? 14  GLN A C   1 
ATOM   84  O  O   . GLN A 1 12 ? 1.489   2.448   -4.665  1.00 16.34 ? 14  GLN A O   1 
ATOM   85  C  CB  . GLN A 1 12 ? 0.679   -0.305  -6.085  1.00 14.77 ? 14  GLN A CB  1 
ATOM   86  C  CG  . GLN A 1 12 ? -0.068  -0.878  -7.286  1.00 19.47 ? 14  GLN A CG  1 
ATOM   87  C  CD  . GLN A 1 12 ? -0.997  0.166   -7.864  1.00 24.59 ? 14  GLN A CD  1 
ATOM   88  O  OE1 . GLN A 1 12 ? -1.812  0.767   -7.162  1.00 25.39 ? 14  GLN A OE1 1 
ATOM   89  N  NE2 . GLN A 1 12 ? -0.824  0.466   -9.126  1.00 30.36 ? 14  GLN A NE2 1 
ATOM   90  N  N   . SER A 1 13 ? 3.196   0.984   -4.538  1.00 15.05 ? 15  SER A N   1 
ATOM   91  C  CA  . SER A 1 13 ? 3.693   1.576   -3.315  1.00 13.89 ? 15  SER A CA  1 
ATOM   92  C  C   . SER A 1 13 ? 4.222   3.001   -3.564  1.00 18.94 ? 15  SER A C   1 
ATOM   93  O  O   . SER A 1 13 ? 3.884   3.899   -2.793  1.00 17.59 ? 15  SER A O   1 
ATOM   94  C  CB  . SER A 1 13 ? 4.747   0.669   -2.707  1.00 15.16 ? 15  SER A CB  1 
ATOM   95  O  OG  . SER A 1 13 ? 5.138   1.134   -1.432  1.00 17.33 ? 15  SER A OG  1 
ATOM   96  N  N   . ARG A 1 14 ? 4.932   3.226   -4.693  1.00 18.10 ? 16  ARG A N   1 
ATOM   97  C  CA  . ARG A 1 14 ? 5.425   4.547   -5.086  1.00 19.27 ? 16  ARG A CA  1 
ATOM   98  C  C   . ARG A 1 14 ? 4.269   5.510   -5.342  1.00 20.67 ? 16  ARG A C   1 
ATOM   99  O  O   . ARG A 1 14 ? 4.276   6.626   -4.840  1.00 22.13 ? 16  ARG A O   1 
ATOM   100 C  CB  . ARG A 1 14 ? 6.299   4.485   -6.351  1.00 20.53 ? 16  ARG A CB  1 
ATOM   101 C  CG  . ARG A 1 14 ? 7.555   3.624   -6.235  1.00 27.77 ? 16  ARG A CG  1 
ATOM   102 C  CD  . ARG A 1 14 ? 8.488   3.819   -7.418  1.00 35.82 ? 16  ARG A CD  1 
ATOM   103 N  NE  . ARG A 1 14 ? 7.887   3.492   -8.715  1.00 39.76 ? 16  ARG A NE  1 
ATOM   104 C  CZ  . ARG A 1 14 ? 7.963   2.300   -9.307  1.00 53.16 ? 16  ARG A CZ  1 
ATOM   105 N  NH1 . ARG A 1 14 ? 8.574   1.290   -8.705  1.00 38.91 ? 16  ARG A NH1 1 
ATOM   106 N  NH2 . ARG A 1 14 ? 7.396   2.103   -10.491 1.00 41.36 ? 16  ARG A NH2 1 
ATOM   107 N  N   . ARG A 1 15 ? 3.227   5.034   -6.059  1.00 16.84 ? 17  ARG A N   1 
ATOM   108 C  CA  . ARG A 1 15 ? 2.052   5.837   -6.369  1.00 16.87 ? 17  ARG A CA  1 
ATOM   109 C  C   . ARG A 1 15 ? 1.299   6.236   -5.071  1.00 21.15 ? 17  ARG A C   1 
ATOM   110 O  O   . ARG A 1 15 ? 0.846   7.369   -4.972  1.00 19.13 ? 17  ARG A O   1 
ATOM   111 C  CB  . ARG A 1 15 ? 1.143   5.032   -7.324  1.00 18.20 ? 17  ARG A CB  1 
ATOM   112 C  CG  . ARG A 1 15 ? -0.158  5.738   -7.777  1.00 31.37 ? 17  ARG A CG  1 
ATOM   113 C  CD  . ARG A 1 15 ? 0.053   6.941   -8.674  1.00 50.77 ? 17  ARG A CD  1 
ATOM   114 N  NE  . ARG A 1 15 ? -1.220  7.509   -9.124  1.00 64.04 ? 17  ARG A NE  1 
ATOM   115 C  CZ  . ARG A 1 15 ? -1.370  8.745   -9.592  1.00 82.32 ? 17  ARG A CZ  1 
ATOM   116 N  NH1 . ARG A 1 15 ? -0.328  9.568   -9.665  1.00 69.35 ? 17  ARG A NH1 1 
ATOM   117 N  NH2 . ARG A 1 15 ? -2.565  9.174   -9.976  1.00 71.96 ? 17  ARG A NH2 1 
ATOM   118 N  N   . ALA A 1 16 ? 1.228   5.338   -4.067  1.00 17.10 ? 18  ALA A N   1 
ATOM   119 C  CA  . ALA A 1 16 ? 0.513   5.582   -2.803  1.00 16.80 ? 18  ALA A CA  1 
ATOM   120 C  C   . ALA A 1 16 ? 1.102   6.778   -2.042  1.00 18.79 ? 18  ALA A C   1 
ATOM   121 O  O   . ALA A 1 16 ? 0.335   7.613   -1.555  1.00 16.38 ? 18  ALA A O   1 
ATOM   122 C  CB  . ALA A 1 16 ? 0.547   4.332   -1.914  1.00 17.83 ? 18  ALA A CB  1 
ATOM   123 N  N   . ASP A 1 17 ? 2.450   6.915   -2.021  1.00 15.73 ? 19  ASP A N   1 
ATOM   124 C  CA  . ASP A 1 17 ? 3.129   8.039   -1.370  1.00 15.34 ? 19  ASP A CA  1 
ATOM   125 C  C   . ASP A 1 17 ? 2.747   9.356   -2.050  1.00 19.96 ? 19  ASP A C   1 
ATOM   126 O  O   . ASP A 1 17 ? 2.460   10.326  -1.355  1.00 20.47 ? 19  ASP A O   1 
ATOM   127 C  CB  . ASP A 1 17 ? 4.658   7.858   -1.374  1.00 17.16 ? 19  ASP A CB  1 
ATOM   128 C  CG  . ASP A 1 17 ? 5.120   6.744   -0.452  1.00 23.49 ? 19  ASP A CG  1 
ATOM   129 O  OD1 . ASP A 1 17 ? 4.293   6.241   0.330   1.00 21.46 ? 19  ASP A OD1 1 
ATOM   130 O  OD2 . ASP A 1 17 ? 6.300   6.340   -0.548  1.00 25.09 ? 19  ASP A OD2 1 
ATOM   131 N  N   . ARG A 1 18 ? 2.734   9.373   -3.412  1.00 17.74 ? 20  ARG A N   1 
ATOM   132 C  CA  . ARG A 1 18 ? 2.366   10.545  -4.222  1.00 18.84 ? 20  ARG A CA  1 
ATOM   133 C  C   . ARG A 1 18 ? 0.945   10.978  -3.893  1.00 21.08 ? 20  ARG A C   1 
ATOM   134 O  O   . ARG A 1 18 ? 0.677   12.150  -3.612  1.00 20.08 ? 20  ARG A O   1 
ATOM   135 C  CB  . ARG A 1 18 ? 2.464   10.245  -5.727  1.00 20.10 ? 20  ARG A CB  1 
ATOM   136 C  CG  . ARG A 1 18 ? 3.889   10.025  -6.227  1.00 31.75 ? 20  ARG A CG  1 
ATOM   137 C  CD  . ARG A 1 18 ? 3.976   10.041  -7.742  1.00 55.78 ? 20  ARG A CD  1 
ATOM   138 N  NE  . ARG A 1 18 ? 5.366   9.978   -8.202  1.00 74.19 ? 20  ARG A NE  1 
ATOM   139 C  CZ  . ARG A 1 18 ? 6.013   8.856   -8.502  1.00 89.89 ? 20  ARG A CZ  1 
ATOM   140 N  NH1 . ARG A 1 18 ? 5.398   7.682   -8.407  1.00 77.64 ? 20  ARG A NH1 1 
ATOM   141 N  NH2 . ARG A 1 18 ? 7.276   8.897   -8.903  1.00 77.10 ? 20  ARG A NH2 1 
ATOM   142 N  N   . LEU A 1 19 ? 0.027   10.005  -3.927  1.00 18.00 ? 21  LEU A N   1 
ATOM   143 C  CA  . LEU A 1 19 ? -1.364  10.326  -3.659  1.00 17.88 ? 21  LEU A CA  1 
ATOM   144 C  C   . LEU A 1 19 ? -1.595  10.808  -2.237  1.00 19.79 ? 21  LEU A C   1 
ATOM   145 O  O   . LEU A 1 19 ? -2.352  11.768  -2.052  1.00 20.06 ? 21  LEU A O   1 
ATOM   146 C  CB  . LEU A 1 19 ? -2.236  9.106   -3.945  1.00 17.69 ? 21  LEU A CB  1 
ATOM   147 C  CG  . LEU A 1 19 ? -2.288  8.624   -5.396  1.00 22.39 ? 21  LEU A CG  1 
ATOM   148 C  CD1 . LEU A 1 19 ? -2.732  7.204   -5.453  1.00 21.41 ? 21  LEU A CD1 1 
ATOM   149 C  CD2 . LEU A 1 19 ? -3.236  9.516   -6.255  1.00 25.08 ? 21  LEU A CD2 1 
ATOM   150 N  N   . LEU A 1 20 ? -0.949  10.172  -1.233  1.00 16.63 ? 22  LEU A N   1 
ATOM   151 C  CA  . LEU A 1 20 ? -1.140  10.566  0.157   1.00 15.11 ? 22  LEU A CA  1 
ATOM   152 C  C   . LEU A 1 20 ? -0.629  11.982  0.399   1.00 18.16 ? 22  LEU A C   1 
ATOM   153 O  O   . LEU A 1 20 ? -1.289  12.744  1.101   1.00 18.83 ? 22  LEU A O   1 
ATOM   154 C  CB  . LEU A 1 20 ? -0.442  9.563   1.090   1.00 14.15 ? 22  LEU A CB  1 
ATOM   155 C  CG  . LEU A 1 20 ? -0.605  9.787   2.577   1.00 16.86 ? 22  LEU A CG  1 
ATOM   156 C  CD1 . LEU A 1 20 ? -2.067  9.575   3.030   1.00 16.54 ? 22  LEU A CD1 1 
ATOM   157 C  CD2 . LEU A 1 20 ? 0.295   8.831   3.344   1.00 15.28 ? 22  LEU A CD2 1 
ATOM   158 N  N   . ALA A 1 21 ? 0.528   12.351  -0.221  1.00 18.24 ? 23  ALA A N   1 
ATOM   159 C  CA  . ALA A 1 21 ? 1.090   13.701  -0.101  1.00 18.49 ? 23  ALA A CA  1 
ATOM   160 C  C   . ALA A 1 21 ? 0.111   14.745  -0.703  1.00 21.15 ? 23  ALA A C   1 
ATOM   161 O  O   . ALA A 1 21 ? 0.079   15.877  -0.266  1.00 22.40 ? 23  ALA A O   1 
ATOM   162 C  CB  . ALA A 1 21 ? 2.440   13.781  -0.806  1.00 19.53 ? 23  ALA A CB  1 
ATOM   163 N  N   . ALA A 1 22 ? -0.679  14.337  -1.698  1.00 17.85 ? 24  ALA A N   1 
ATOM   164 C  CA  . ALA A 1 22 ? -1.685  15.207  -2.348  1.00 18.99 ? 24  ALA A CA  1 
ATOM   165 C  C   . ALA A 1 22 ? -3.024  15.262  -1.559  1.00 23.39 ? 24  ALA A C   1 
ATOM   166 O  O   . ALA A 1 22 ? -3.942  15.993  -1.962  1.00 22.27 ? 24  ALA A O   1 
ATOM   167 C  CB  . ALA A 1 22 ? -1.940  14.698  -3.753  1.00 20.39 ? 24  ALA A CB  1 
ATOM   168 N  N   . GLY A 1 23 ? -3.126  14.515  -0.458  1.00 19.03 ? 25  GLY A N   1 
ATOM   169 C  CA  . GLY A 1 23 ? -4.339  14.466  0.360   1.00 19.47 ? 25  GLY A CA  1 
ATOM   170 C  C   . GLY A 1 23 ? -5.396  13.525  -0.203  1.00 21.57 ? 25  GLY A C   1 
ATOM   171 O  O   . GLY A 1 23 ? -6.554  13.571  0.221   1.00 21.47 ? 25  GLY A O   1 
ATOM   172 N  N   . LYS A 1 24 ? -4.985  12.607  -1.114  1.00 18.70 ? 26  LYS A N   1 
ATOM   173 C  CA  . LYS A 1 24 ? -5.906  11.667  -1.744  1.00 19.14 ? 26  LYS A CA  1 
ATOM   174 C  C   . LYS A 1 24 ? -5.856  10.369  -0.959  1.00 19.73 ? 26  LYS A C   1 
ATOM   175 O  O   . LYS A 1 24 ? -5.230  9.402   -1.379  1.00 18.13 ? 26  LYS A O   1 
ATOM   176 C  CB  . LYS A 1 24 ? -5.563  11.473  -3.233  1.00 22.12 ? 26  LYS A CB  1 
ATOM   177 C  CG  . LYS A 1 24 ? -5.734  12.745  -4.050  1.00 31.15 ? 26  LYS A CG  1 
ATOM   178 C  CD  . LYS A 1 24 ? -5.336  12.564  -5.495  1.00 40.62 ? 26  LYS A CD  1 
ATOM   179 C  CE  . LYS A 1 24 ? -5.777  13.739  -6.334  1.00 51.82 ? 26  LYS A CE  1 
ATOM   180 N  NZ  . LYS A 1 24 ? -5.532  13.499  -7.776  1.00 62.33 ? 26  LYS A NZ  1 
ATOM   181 N  N   . TYR A 1 25 ? -6.496  10.374  0.219   1.00 17.82 ? 27  TYR A N   1 
ATOM   182 C  CA  . TYR A 1 25 ? -6.468  9.266   1.199   1.00 16.80 ? 27  TYR A CA  1 
ATOM   183 C  C   . TYR A 1 25 ? -7.028  7.960   0.667   1.00 17.51 ? 27  TYR A C   1 
ATOM   184 O  O   . TYR A 1 25 ? -6.354  6.920   0.778   1.00 15.99 ? 27  TYR A O   1 
ATOM   185 C  CB  . TYR A 1 25 ? -7.264  9.653   2.464   1.00 16.50 ? 27  TYR A CB  1 
ATOM   186 C  CG  . TYR A 1 25 ? -6.570  10.732  3.266   1.00 15.54 ? 27  TYR A CG  1 
ATOM   187 C  CD1 . TYR A 1 25 ? -5.595  10.412  4.208   1.00 16.45 ? 27  TYR A CD1 1 
ATOM   188 C  CD2 . TYR A 1 25 ? -6.953  12.070  3.145   1.00 15.90 ? 27  TYR A CD2 1 
ATOM   189 C  CE1 . TYR A 1 25 ? -4.961  11.403  4.956   1.00 17.73 ? 27  TYR A CE1 1 
ATOM   190 C  CE2 . TYR A 1 25 ? -6.280  13.071  3.834   1.00 16.74 ? 27  TYR A CE2 1 
ATOM   191 C  CZ  . TYR A 1 25 ? -5.349  12.731  4.802   1.00 17.68 ? 27  TYR A CZ  1 
ATOM   192 O  OH  . TYR A 1 25 ? -4.693  13.717  5.488   1.00 20.82 ? 27  TYR A OH  1 
ATOM   193 N  N   . GLU A 1 26 ? -8.227  8.008   0.073   1.00 17.79 ? 28  GLU A N   1 
ATOM   194 C  CA  . GLU A 1 26 ? -8.861  6.807   -0.431  1.00 16.41 ? 28  GLU A CA  1 
ATOM   195 C  C   . GLU A 1 26 ? -8.023  6.146   -1.531  1.00 20.85 ? 28  GLU A C   1 
ATOM   196 O  O   . GLU A 1 26 ? -7.828  4.926   -1.492  1.00 19.66 ? 28  GLU A O   1 
ATOM   197 C  CB  . GLU A 1 26 ? -10.268 7.098   -0.925  1.00 18.22 ? 28  GLU A CB  1 
ATOM   198 C  CG  . GLU A 1 26 ? -11.048 5.813   -1.093  1.00 25.76 ? 28  GLU A CG  1 
ATOM   199 C  CD  . GLU A 1 26 ? -12.454 6.029   -1.587  1.00 32.75 ? 28  GLU A CD  1 
ATOM   200 O  OE1 . GLU A 1 26 ? -12.914 7.194   -1.604  1.00 27.77 ? 28  GLU A OE1 1 
ATOM   201 O  OE2 . GLU A 1 26 ? -13.108 5.022   -1.933  1.00 30.15 ? 28  GLU A OE2 1 
ATOM   202 N  N   . GLU A 1 27 ? -7.501  6.955   -2.471  1.00 19.03 ? 29  GLU A N   1 
ATOM   203 C  CA  . GLU A 1 27 ? -6.672  6.486   -3.585  1.00 18.05 ? 29  GLU A CA  1 
ATOM   204 C  C   . GLU A 1 27 ? -5.391  5.884   -3.038  1.00 19.85 ? 29  GLU A C   1 
ATOM   205 O  O   . GLU A 1 27 ? -4.915  4.873   -3.570  1.00 19.27 ? 29  GLU A O   1 
ATOM   206 C  CB  . GLU A 1 27 ? -6.384  7.605   -4.577  1.00 19.61 ? 29  GLU A CB  1 
ATOM   207 C  CG  . GLU A 1 27 ? -7.600  7.890   -5.450  1.00 27.25 ? 29  GLU A CG  1 
ATOM   208 C  CD  . GLU A 1 27 ? -7.593  9.183   -6.237  1.00 52.38 ? 29  GLU A CD  1 
ATOM   209 O  OE1 . GLU A 1 27 ? -6.578  9.474   -6.911  1.00 47.57 ? 29  GLU A OE1 1 
ATOM   210 O  OE2 . GLU A 1 27 ? -8.633  9.878   -6.228  1.00 55.19 ? 29  GLU A OE2 1 
ATOM   211 N  N   . ALA A 1 28 ? -4.824  6.501   -1.973  1.00 17.10 ? 30  ALA A N   1 
ATOM   212 C  CA  . ALA A 1 28 ? -3.612  5.933   -1.354  1.00 16.22 ? 30  ALA A CA  1 
ATOM   213 C  C   . ALA A 1 28 ? -3.901  4.583   -0.692  1.00 17.66 ? 30  ALA A C   1 
ATOM   214 O  O   . ALA A 1 28 ? -3.099  3.662   -0.823  1.00 16.58 ? 30  ALA A O   1 
ATOM   215 C  CB  . ALA A 1 28 ? -3.005  6.897   -0.348  1.00 17.32 ? 30  ALA A CB  1 
ATOM   216 N  N   . ILE A 1 29 ? -5.045  4.436   -0.020  1.00 16.62 ? 31  ILE A N   1 
ATOM   217 C  CA  . ILE A 1 29 ? -5.408  3.157   0.593   1.00 15.34 ? 31  ILE A CA  1 
ATOM   218 C  C   . ILE A 1 29 ? -5.571  2.080   -0.500  1.00 18.69 ? 31  ILE A C   1 
ATOM   219 O  O   . ILE A 1 29 ? -5.054  0.965   -0.348  1.00 17.90 ? 31  ILE A O   1 
ATOM   220 C  CB  . ILE A 1 29 ? -6.714  3.358   1.429   1.00 16.82 ? 31  ILE A CB  1 
ATOM   221 C  CG1 . ILE A 1 29 ? -6.359  3.966   2.787   1.00 16.45 ? 31  ILE A CG1 1 
ATOM   222 C  CG2 . ILE A 1 29 ? -7.500  2.046   1.586   1.00 20.23 ? 31  ILE A CG2 1 
ATOM   223 C  CD1 . ILE A 1 29 ? -7.478  4.815   3.382   1.00 18.16 ? 31  ILE A CD1 1 
ATOM   224 N  N   . SER A 1 30 ? -6.229  2.437   -1.615  1.00 17.07 ? 32  SER A N   1 
ATOM   225 C  CA  . SER A 1 30 ? -6.422  1.504   -2.724  1.00 15.65 ? 32  SER A CA  1 
ATOM   226 C  C   . SER A 1 30 ? -5.080  1.022   -3.265  1.00 18.51 ? 32  SER A C   1 
ATOM   227 O  O   . SER A 1 30 ? -4.908  -0.169  -3.469  1.00 19.01 ? 32  SER A O   1 
ATOM   228 C  CB  . SER A 1 30 ? -7.211  2.159   -3.847  1.00 16.61 ? 32  SER A CB  1 
ATOM   229 O  OG  . SER A 1 30 ? -8.540  2.367   -3.398  1.00 26.80 ? 32  SER A OG  1 
ATOM   230 N  N   . CYS A 1 31 ? -4.082  1.931   -3.393  1.00 15.38 ? 33  CYS A N   1 
ATOM   231 C  CA  . CYS A 1 31 ? -2.763  1.521   -3.876  1.00 14.12 ? 33  CYS A CA  1 
ATOM   232 C  C   . CYS A 1 31 ? -2.123  0.541   -2.907  1.00 16.50 ? 33  CYS A C   1 
ATOM   233 O  O   . CYS A 1 31 ? -1.413  -0.351  -3.361  1.00 16.78 ? 33  CYS A O   1 
ATOM   234 C  CB  . CYS A 1 31 ? -1.852  2.728   -4.076  1.00 16.09 ? 33  CYS A CB  1 
ATOM   235 S  SG  . CYS A 1 31 ? -2.291  3.750   -5.488  1.00 22.80 ? 33  CYS A SG  1 
ATOM   236 N  N   . HIS A 1 32 ? -2.262  0.779   -1.579  1.00 14.18 ? 34  HIS A N   1 
ATOM   237 C  CA  . HIS A 1 32 ? -1.652  -0.153  -0.610  1.00 14.04 ? 34  HIS A CA  1 
ATOM   238 C  C   . HIS A 1 32 ? -2.334  -1.520  -0.610  1.00 16.21 ? 34  HIS A C   1 
ATOM   239 O  O   . HIS A 1 32 ? -1.657  -2.541  -0.446  1.00 12.88 ? 34  HIS A O   1 
ATOM   240 C  CB  . HIS A 1 32 ? -1.622  0.415   0.808   1.00 14.04 ? 34  HIS A CB  1 
ATOM   241 C  CG  . HIS A 1 32 ? -0.594  1.476   0.989   1.00 16.99 ? 34  HIS A CG  1 
ATOM   242 N  ND1 . HIS A 1 32 ? 0.746   1.164   1.041   1.00 17.13 ? 34  HIS A ND1 1 
ATOM   243 C  CD2 . HIS A 1 32 ? -0.749  2.797   1.192   1.00 15.85 ? 34  HIS A CD2 1 
ATOM   244 C  CE1 . HIS A 1 32 ? 1.384   2.304   1.262   1.00 15.64 ? 34  HIS A CE1 1 
ATOM   245 N  NE2 . HIS A 1 32 ? 0.512   3.321   1.371   1.00 14.97 ? 34  HIS A NE2 1 
ATOM   246 N  N   . LYS A 1 33 ? -3.642  -1.555  -0.846  1.00 16.71 ? 35  LYS A N   1 
ATOM   247 C  CA  . LYS A 1 33 ? -4.391  -2.791  -0.949  1.00 15.51 ? 35  LYS A CA  1 
ATOM   248 C  C   . LYS A 1 33 ? -4.014  -3.502  -2.266  1.00 19.61 ? 35  LYS A C   1 
ATOM   249 O  O   . LYS A 1 33 ? -3.933  -4.731  -2.272  1.00 18.68 ? 35  LYS A O   1 
ATOM   250 C  CB  . LYS A 1 33 ? -5.891  -2.524  -0.823  1.00 16.69 ? 35  LYS A CB  1 
ATOM   251 C  CG  . LYS A 1 33 ? -6.266  -2.114  0.587   1.00 17.42 ? 35  LYS A CG  1 
ATOM   252 C  CD  . LYS A 1 33 ? -7.748  -1.713  0.734   1.00 21.97 ? 35  LYS A CD  1 
ATOM   253 C  CE  . LYS A 1 33 ? -8.674  -2.816  0.338   1.00 19.73 ? 35  LYS A CE  1 
ATOM   254 N  NZ  . LYS A 1 33 ? -10.065 -2.518  0.788   1.00 27.21 ? 35  LYS A NZ  1 
ATOM   255 N  N   . LYS A 1 34 ? -3.768  -2.732  -3.369  1.00 16.70 ? 36  LYS A N   1 
ATOM   256 C  CA  . LYS A 1 34 ? -3.333  -3.331  -4.652  1.00 16.57 ? 36  LYS A CA  1 
ATOM   257 C  C   . LYS A 1 34 ? -1.925  -3.865  -4.483  1.00 19.46 ? 36  LYS A C   1 
ATOM   258 O  O   . LYS A 1 34 ? -1.603  -4.964  -4.936  1.00 17.29 ? 36  LYS A O   1 
ATOM   259 C  CB  . LYS A 1 34 ? -3.391  -2.330  -5.821  1.00 19.38 ? 36  LYS A CB  1 
ATOM   260 C  CG  . LYS A 1 34 ? -4.805  -2.003  -6.268  1.00 21.19 ? 36  LYS A CG  1 
ATOM   261 C  CD  . LYS A 1 34 ? -4.868  -0.720  -7.069  1.00 23.67 ? 36  LYS A CD  1 
ATOM   262 C  CE  . LYS A 1 34 ? -6.292  -0.229  -7.128  1.00 30.26 ? 36  LYS A CE  1 
ATOM   263 N  NZ  . LYS A 1 34 ? -6.420  0.896   -8.084  1.00 38.55 ? 36  LYS A NZ  1 
ATOM   264 N  N   . ALA A 1 35 ? -1.057  -3.081  -3.810  1.00 16.25 ? 37  ALA A N   1 
ATOM   265 C  CA  . ALA A 1 35 ? 0.308   -3.576  -3.595  1.00 15.27 ? 37  ALA A CA  1 
ATOM   266 C  C   . ALA A 1 35 ? 0.302   -4.899  -2.809  1.00 15.11 ? 37  ALA A C   1 
ATOM   267 O  O   . ALA A 1 35 ? 1.058   -5.812  -3.154  1.00 16.16 ? 37  ALA A O   1 
ATOM   268 C  CB  . ALA A 1 35 ? 1.145   -2.531  -2.854  1.00 15.99 ? 37  ALA A CB  1 
ATOM   269 N  N   . ALA A 1 36 ? -0.583  -5.039  -1.791  1.00 16.44 ? 38  ALA A N   1 
ATOM   270 C  CA  . ALA A 1 36 ? -0.654  -6.282  -0.999  1.00 17.07 ? 38  ALA A CA  1 
ATOM   271 C  C   . ALA A 1 36 ? -1.127  -7.459  -1.855  1.00 19.17 ? 38  ALA A C   1 
ATOM   272 O  O   . ALA A 1 36 ? -0.585  -8.566  -1.714  1.00 18.34 ? 38  ALA A O   1 
ATOM   273 C  CB  . ALA A 1 36 ? -1.613  -6.097  0.161   1.00 17.58 ? 38  ALA A CB  1 
ATOM   274 N  N   . ALA A 1 37 ? -2.060  -7.204  -2.796  1.00 16.37 ? 39  ALA A N   1 
ATOM   275 C  CA  . ALA A 1 37 ? -2.581  -8.233  -3.697  1.00 15.17 ? 39  ALA A CA  1 
ATOM   276 C  C   . ALA A 1 37 ? -1.496  -8.703  -4.645  1.00 18.00 ? 39  ALA A C   1 
ATOM   277 O  O   . ALA A 1 37 ? -1.310  -9.909  -4.818  1.00 19.91 ? 39  ALA A O   1 
ATOM   278 C  CB  . ALA A 1 37 ? -3.758  -7.683  -4.481  1.00 16.25 ? 39  ALA A CB  1 
ATOM   279 N  N   . TYR A 1 38 ? -0.727  -7.755  -5.205  1.00 14.36 ? 40  TYR A N   1 
ATOM   280 C  CA  . TYR A 1 38 ? 0.376   -8.119  -6.095  1.00 14.56 ? 40  TYR A CA  1 
ATOM   281 C  C   . TYR A 1 38 ? 1.469   -8.869  -5.326  1.00 16.46 ? 40  TYR A C   1 
ATOM   282 O  O   . TYR A 1 38 ? 2.129   -9.743  -5.900  1.00 16.44 ? 40  TYR A O   1 
ATOM   283 C  CB  . TYR A 1 38 ? 0.965   -6.894  -6.793  1.00 17.24 ? 40  TYR A CB  1 
ATOM   284 C  CG  . TYR A 1 38 ? 0.046   -6.255  -7.807  1.00 21.27 ? 40  TYR A CG  1 
ATOM   285 C  CD1 . TYR A 1 38 ? -0.487  -6.995  -8.859  1.00 24.04 ? 40  TYR A CD1 1 
ATOM   286 C  CD2 . TYR A 1 38 ? -0.240  -4.894  -7.753  1.00 21.81 ? 40  TYR A CD2 1 
ATOM   287 C  CE1 . TYR A 1 38 ? -1.356  -6.403  -9.785  1.00 27.62 ? 40  TYR A CE1 1 
ATOM   288 C  CE2 . TYR A 1 38 ? -1.053  -4.287  -8.696  1.00 24.03 ? 40  TYR A CE2 1 
ATOM   289 C  CZ  . TYR A 1 38 ? -1.638  -5.050  -9.688  1.00 33.00 ? 40  TYR A CZ  1 
ATOM   290 O  OH  . TYR A 1 38 ? -2.417  -4.410  -10.606 1.00 36.35 ? 40  TYR A OH  1 
ATOM   291 N  N   . LEU A 1 39 ? 1.719   -8.488  -4.051  1.00 14.41 ? 41  LEU A N   1 
ATOM   292 C  CA  . LEU A 1 39 ? 2.702   -9.225  -3.254  1.00 14.12 ? 41  LEU A CA  1 
ATOM   293 C  C   . LEU A 1 39 ? 2.243   -10.663 -2.980  1.00 18.57 ? 41  LEU A C   1 
ATOM   294 O  O   . LEU A 1 39 ? 3.071   -11.582 -2.985  1.00 18.00 ? 41  LEU A O   1 
ATOM   295 C  CB  . LEU A 1 39 ? 3.047   -8.513  -1.943  1.00 14.64 ? 41  LEU A CB  1 
ATOM   296 C  CG  . LEU A 1 39 ? 3.934   -7.303  -2.111  1.00 18.03 ? 41  LEU A CG  1 
ATOM   297 C  CD1 . LEU A 1 39 ? 3.763   -6.329  -0.984  1.00 16.62 ? 41  LEU A CD1 1 
ATOM   298 C  CD2 . LEU A 1 39 ? 5.393   -7.725  -2.321  1.00 17.65 ? 41  LEU A CD2 1 
ATOM   299 N  N   . SER A 1 40 ? 0.949   -10.867 -2.748  1.00 17.25 ? 42  SER A N   1 
ATOM   300 C  CA  . SER A 1 40 ? 0.379   -12.205 -2.592  1.00 17.88 ? 42  SER A CA  1 
ATOM   301 C  C   . SER A 1 40 ? 0.655   -13.063 -3.841  1.00 21.35 ? 42  SER A C   1 
ATOM   302 O  O   . SER A 1 40 ? 1.003   -14.238 -3.708  1.00 20.51 ? 42  SER A O   1 
ATOM   303 C  CB  . SER A 1 40 ? -1.116  -12.114 -2.333  1.00 21.43 ? 42  SER A CB  1 
ATOM   304 O  OG  . SER A 1 40 ? -1.314  -11.548 -1.056  1.00 22.64 ? 42  SER A OG  1 
ATOM   305 N  N   . GLU A 1 41 ? 0.584   -12.449 -5.038  1.00 18.42 ? 43  GLU A N   1 
ATOM   306 C  CA  . GLU A 1 41 ? 0.902   -13.111 -6.303  1.00 19.52 ? 43  GLU A CA  1 
ATOM   307 C  C   . GLU A 1 41 ? 2.395   -13.396 -6.380  1.00 20.94 ? 43  GLU A C   1 
ATOM   308 O  O   . GLU A 1 41 ? 2.794   -14.534 -6.636  1.00 20.77 ? 43  GLU A O   1 
ATOM   309 C  CB  . GLU A 1 41 ? 0.467   -12.253 -7.496  1.00 20.73 ? 43  GLU A CB  1 
ATOM   310 C  CG  . GLU A 1 41 ? -1.034  -12.060 -7.609  1.00 25.50 ? 43  GLU A CG  1 
ATOM   311 C  CD  . GLU A 1 41 ? -1.491  -11.174 -8.753  1.00 35.88 ? 43  GLU A CD  1 
ATOM   312 O  OE1 . GLU A 1 41 ? -0.695  -10.337 -9.235  1.00 29.73 ? 43  GLU A OE1 1 
ATOM   313 O  OE2 . GLU A 1 41 ? -2.672  -11.295 -9.145  1.00 33.31 ? 43  GLU A OE2 1 
ATOM   314 N  N   . ALA A 1 42 ? 3.252   -12.372 -6.103  1.00 17.27 ? 44  ALA A N   1 
ATOM   315 C  CA  . ALA A 1 42 ? 4.712   -12.575 -6.160  1.00 16.90 ? 44  ALA A CA  1 
ATOM   316 C  C   . ALA A 1 42 ? 5.189   -13.660 -5.162  1.00 17.45 ? 44  ALA A C   1 
ATOM   317 O  O   . ALA A 1 42 ? 6.133   -14.393 -5.455  1.00 17.05 ? 44  ALA A O   1 
ATOM   318 C  CB  . ALA A 1 42 ? 5.431   -11.262 -5.879  1.00 17.22 ? 44  ALA A CB  1 
HETATM 319 N  N   . MSE A 1 43 ? 4.505   -13.788 -4.020  1.00 16.93 ? 45  MSE A N   1 
HETATM 320 C  CA  . MSE A 1 43 ? 4.846   -14.806 -2.989  1.00 16.42 ? 45  MSE A CA  1 
HETATM 321 C  C   . MSE A 1 43 ? 4.662   -16.253 -3.506  1.00 22.57 ? 45  MSE A C   1 
HETATM 322 O  O   . MSE A 1 43 ? 5.337   -17.177 -3.034  1.00 23.05 ? 45  MSE A O   1 
HETATM 323 C  CB  . MSE A 1 43 ? 3.950   -14.584 -1.760  1.00 15.81 ? 45  MSE A CB  1 
HETATM 324 C  CG  . MSE A 1 43 ? 4.577   -13.599 -0.784  1.00 17.92 ? 45  MSE A CG  1 
HETATM 325 SE SE  . MSE A 1 43 ? 3.261   -12.879 0.410   0.75 21.61 ? 45  MSE A SE  1 
HETATM 326 C  CE  . MSE A 1 43 ? 3.231   -14.259 1.676   1.00 21.26 ? 45  MSE A CE  1 
ATOM   327 N  N   . LYS A 1 44 ? 3.790   -16.445 -4.507  1.00 19.88 ? 46  LYS A N   1 
ATOM   328 C  CA  . LYS A 1 44 ? 3.587   -17.762 -5.103  1.00 20.80 ? 46  LYS A CA  1 
ATOM   329 C  C   . LYS A 1 44 ? 4.773   -18.154 -6.011  1.00 23.47 ? 46  LYS A C   1 
ATOM   330 O  O   . LYS A 1 44 ? 4.945   -19.331 -6.305  1.00 24.17 ? 46  LYS A O   1 
ATOM   331 C  CB  . LYS A 1 44 ? 2.276   -17.789 -5.896  1.00 22.21 ? 46  LYS A CB  1 
ATOM   332 C  CG  . LYS A 1 44 ? 1.065   -17.574 -5.009  1.00 27.28 ? 46  LYS A CG  1 
ATOM   333 C  CD  . LYS A 1 44 ? -0.088  -18.481 -5.396  1.00 42.93 ? 46  LYS A CD  1 
ATOM   334 C  CE  . LYS A 1 44 ? -1.237  -18.381 -4.419  1.00 56.77 ? 46  LYS A CE  1 
ATOM   335 N  NZ  . LYS A 1 44 ? -1.996  -17.111 -4.575  1.00 69.41 ? 46  LYS A NZ  1 
ATOM   336 N  N   . LEU A 1 45 ? 5.612   -17.176 -6.395  1.00 19.78 ? 47  LEU A N   1 
ATOM   337 C  CA  . LEU A 1 45 ? 6.749   -17.381 -7.302  1.00 20.78 ? 47  LEU A CA  1 
ATOM   338 C  C   . LEU A 1 45 ? 8.110   -17.473 -6.590  1.00 23.65 ? 47  LEU A C   1 
ATOM   339 O  O   . LEU A 1 45 ? 9.129   -17.717 -7.255  1.00 22.34 ? 47  LEU A O   1 
ATOM   340 C  CB  . LEU A 1 45 ? 6.805   -16.230 -8.309  1.00 20.93 ? 47  LEU A CB  1 
ATOM   341 C  CG  . LEU A 1 45 ? 5.617   -16.074 -9.261  1.00 26.39 ? 47  LEU A CG  1 
ATOM   342 C  CD1 . LEU A 1 45 ? 5.812   -14.864 -10.126 1.00 27.67 ? 47  LEU A CD1 1 
ATOM   343 C  CD2 . LEU A 1 45 ? 5.363   -17.339 -10.082 1.00 25.87 ? 47  LEU A CD2 1 
ATOM   344 N  N   . THR A 1 46 ? 8.147   -17.283 -5.257  1.00 21.00 ? 48  THR A N   1 
ATOM   345 C  CA  . THR A 1 46 ? 9.417   -17.339 -4.523  1.00 21.21 ? 48  THR A CA  1 
ATOM   346 C  C   . THR A 1 46 ? 9.980   -18.771 -4.545  1.00 24.81 ? 48  THR A C   1 
ATOM   347 O  O   . THR A 1 46 ? 9.227   -19.745 -4.640  1.00 24.27 ? 48  THR A O   1 
ATOM   348 C  CB  . THR A 1 46 ? 9.302   -16.798 -3.089  1.00 20.20 ? 48  THR A CB  1 
ATOM   349 O  OG1 . THR A 1 46 ? 8.373   -17.581 -2.343  1.00 22.45 ? 48  THR A OG1 1 
ATOM   350 C  CG2 . THR A 1 46 ? 8.968   -15.326 -3.044  1.00 17.45 ? 48  THR A CG2 1 
ATOM   351 N  N   . GLN A 1 47 ? 11.297  -18.873 -4.501  1.00 21.98 ? 49  GLN A N   1 
ATOM   352 C  CA  . GLN A 1 47 ? 11.990  -20.158 -4.516  1.00 21.46 ? 49  GLN A CA  1 
ATOM   353 C  C   . GLN A 1 47 ? 12.794  -20.346 -3.231  1.00 27.13 ? 49  GLN A C   1 
ATOM   354 O  O   . GLN A 1 47 ? 13.403  -21.406 -3.016  1.00 27.61 ? 49  GLN A O   1 
ATOM   355 C  CB  . GLN A 1 47 ? 12.912  -20.235 -5.747  1.00 23.16 ? 49  GLN A CB  1 
ATOM   356 C  CG  . GLN A 1 47 ? 12.130  -20.404 -7.059  1.00 24.87 ? 49  GLN A CG  1 
ATOM   357 C  CD  . GLN A 1 47 ? 13.043  -20.607 -8.253  1.00 43.14 ? 49  GLN A CD  1 
ATOM   358 O  OE1 . GLN A 1 47 ? 14.218  -20.963 -8.128  1.00 43.31 ? 49  GLN A OE1 1 
ATOM   359 N  NE2 . GLN A 1 47 ? 12.518  -20.409 -9.448  1.00 30.94 ? 49  GLN A NE2 1 
ATOM   360 N  N   . SER A 1 48 ? 12.848  -19.307 -2.406  1.00 22.61 ? 50  SER A N   1 
ATOM   361 C  CA  . SER A 1 48 ? 13.585  -19.393 -1.150  1.00 21.88 ? 50  SER A CA  1 
ATOM   362 C  C   . SER A 1 48 ? 12.707  -18.906 -0.017  1.00 24.04 ? 50  SER A C   1 
ATOM   363 O  O   . SER A 1 48 ? 11.844  -18.025 -0.209  1.00 21.36 ? 50  SER A O   1 
ATOM   364 C  CB  . SER A 1 48 ? 14.889  -18.607 -1.226  1.00 23.47 ? 50  SER A CB  1 
ATOM   365 O  OG  . SER A 1 48 ? 14.634  -17.213 -1.249  1.00 26.12 ? 50  SER A OG  1 
ATOM   366 N  N   . GLU A 1 49 ? 12.948  -19.461 1.176   1.00 22.21 ? 51  GLU A N   1 
ATOM   367 C  CA  . GLU A 1 49 ? 12.214  -19.069 2.374   1.00 22.08 ? 51  GLU A CA  1 
ATOM   368 C  C   . GLU A 1 49 ? 12.554  -17.608 2.761   1.00 22.78 ? 51  GLU A C   1 
ATOM   369 O  O   . GLU A 1 49 ? 11.646  -16.882 3.186   1.00 18.81 ? 51  GLU A O   1 
ATOM   370 C  CB  . GLU A 1 49 ? 12.507  -20.049 3.527   1.00 24.25 ? 51  GLU A CB  1 
ATOM   371 C  CG  . GLU A 1 49 ? 11.652  -19.868 4.776   1.00 33.70 ? 51  GLU A CG  1 
ATOM   372 C  CD  . GLU A 1 49 ? 10.134  -19.911 4.668   1.00 53.75 ? 51  GLU A CD  1 
ATOM   373 O  OE1 . GLU A 1 49 ? 9.599   -20.367 3.630   1.00 52.61 ? 51  GLU A OE1 1 
ATOM   374 O  OE2 . GLU A 1 49 ? 9.475   -19.504 5.651   1.00 40.26 ? 51  GLU A OE2 1 
ATOM   375 N  N   . GLN A 1 50 ? 13.805  -17.142 2.517   1.00 19.55 ? 52  GLN A N   1 
ATOM   376 C  CA  . GLN A 1 50 ? 14.144  -15.763 2.876   1.00 19.27 ? 52  GLN A CA  1 
ATOM   377 C  C   . GLN A 1 50 ? 13.388  -14.783 1.987   1.00 19.77 ? 52  GLN A C   1 
ATOM   378 O  O   . GLN A 1 50 ? 12.842  -13.805 2.518   1.00 17.54 ? 52  GLN A O   1 
ATOM   379 C  CB  . GLN A 1 50 ? 15.666  -15.484 2.851   1.00 20.73 ? 52  GLN A CB  1 
ATOM   380 C  CG  . GLN A 1 50 ? 16.316  -15.321 1.482   1.00 22.90 ? 52  GLN A CG  1 
ATOM   381 C  CD  . GLN A 1 50 ? 16.832  -16.608 0.879   1.00 27.81 ? 52  GLN A CD  1 
ATOM   382 O  OE1 . GLN A 1 50 ? 16.554  -17.711 1.358   1.00 24.03 ? 52  GLN A OE1 1 
ATOM   383 N  NE2 . GLN A 1 50 ? 17.591  -16.498 -0.206  1.00 22.56 ? 52  GLN A NE2 1 
ATOM   384 N  N   . ALA A 1 51 ? 13.246  -15.097 0.658   1.00 15.96 ? 53  ALA A N   1 
ATOM   385 C  CA  . ALA A 1 51 ? 12.501  -14.183 -0.233  1.00 17.74 ? 53  ALA A CA  1 
ATOM   386 C  C   . ALA A 1 51 ? 11.022  -14.185 0.152   1.00 18.28 ? 53  ALA A C   1 
ATOM   387 O  O   . ALA A 1 51 ? 10.408  -13.120 0.236   1.00 17.40 ? 53  ALA A O   1 
ATOM   388 C  CB  . ALA A 1 51 ? 12.669  -14.592 -1.681  1.00 19.70 ? 53  ALA A CB  1 
ATOM   389 N  N   . HIS A 1 52 ? 10.477  -15.369 0.461   1.00 17.55 ? 54  HIS A N   1 
ATOM   390 C  CA  . HIS A 1 52 ? 9.070   -15.522 0.850   1.00 18.19 ? 54  HIS A CA  1 
ATOM   391 C  C   . HIS A 1 52 ? 8.745   -14.766 2.132   1.00 18.93 ? 54  HIS A C   1 
ATOM   392 O  O   . HIS A 1 52 ? 7.794   -13.959 2.154   1.00 17.19 ? 54  HIS A O   1 
ATOM   393 C  CB  . HIS A 1 52 ? 8.676   -17.003 0.990   1.00 19.71 ? 54  HIS A CB  1 
ATOM   394 C  CG  . HIS A 1 52 ? 7.189   -17.229 0.984   1.00 23.46 ? 54  HIS A CG  1 
ATOM   395 N  ND1 . HIS A 1 52 ? 6.483   -17.361 -0.202  1.00 25.18 ? 54  HIS A ND1 1 
ATOM   396 C  CD2 . HIS A 1 52 ? 6.320   -17.322 2.020   1.00 24.46 ? 54  HIS A CD2 1 
ATOM   397 C  CE1 . HIS A 1 52 ? 5.222   -17.564 0.149   1.00 24.64 ? 54  HIS A CE1 1 
ATOM   398 N  NE2 . HIS A 1 52 ? 5.070   -17.537 1.470   1.00 25.21 ? 54  HIS A NE2 1 
ATOM   399 N  N   . LEU A 1 53 ? 9.581   -14.946 3.178   1.00 17.34 ? 55  LEU A N   1 
ATOM   400 C  CA  . LEU A 1 53 ? 9.395   -14.267 4.458   1.00 17.54 ? 55  LEU A CA  1 
ATOM   401 C  C   . LEU A 1 53 ? 9.491   -12.744 4.298   1.00 17.62 ? 55  LEU A C   1 
ATOM   402 O  O   . LEU A 1 53 ? 8.701   -12.024 4.894   1.00 15.43 ? 55  LEU A O   1 
ATOM   403 C  CB  . LEU A 1 53 ? 10.412  -14.778 5.512   1.00 18.10 ? 55  LEU A CB  1 
ATOM   404 C  CG  . LEU A 1 53 ? 10.208  -16.207 6.010   1.00 21.66 ? 55  LEU A CG  1 
ATOM   405 C  CD1 . LEU A 1 53 ? 11.455  -16.681 6.766   1.00 21.41 ? 55  LEU A CD1 1 
ATOM   406 C  CD2 . LEU A 1 53 ? 8.968   -16.328 6.911   1.00 23.32 ? 55  LEU A CD2 1 
ATOM   407 N  N   . SER A 1 54 ? 10.437  -12.259 3.471   1.00 15.24 ? 56  SER A N   1 
ATOM   408 C  CA  . SER A 1 54 ? 10.598  -10.834 3.224   1.00 15.32 ? 56  SER A CA  1 
ATOM   409 C  C   . SER A 1 54 ? 9.426   -10.243 2.442   1.00 16.75 ? 56  SER A C   1 
ATOM   410 O  O   . SER A 1 54 ? 8.966   -9.136  2.785   1.00 15.35 ? 56  SER A O   1 
ATOM   411 C  CB  . SER A 1 54 ? 11.898  -10.593 2.473   1.00 17.77 ? 56  SER A CB  1 
ATOM   412 O  OG  . SER A 1 54 ? 12.083  -9.206  2.273   1.00 17.00 ? 56  SER A OG  1 
ATOM   413 N  N   . LEU A 1 55 ? 8.851   -11.005 1.477   1.00 14.05 ? 57  LEU A N   1 
ATOM   414 C  CA  . LEU A 1 55 ? 7.702   -10.452 0.749   1.00 15.05 ? 57  LEU A CA  1 
ATOM   415 C  C   . LEU A 1 55 ? 6.480   -10.405 1.674   1.00 15.93 ? 57  LEU A C   1 
ATOM   416 O  O   . LEU A 1 55 ? 5.704   -9.443  1.624   1.00 15.19 ? 57  LEU A O   1 
ATOM   417 C  CB  . LEU A 1 55 ? 7.376   -11.260 -0.514  1.00 14.87 ? 57  LEU A CB  1 
ATOM   418 C  CG  . LEU A 1 55 ? 8.376   -11.165 -1.680  1.00 19.10 ? 57  LEU A CG  1 
ATOM   419 C  CD1 . LEU A 1 55 ? 7.854   -11.919 -2.920  1.00 18.24 ? 57  LEU A CD1 1 
ATOM   420 C  CD2 . LEU A 1 55 ? 8.705   -9.709  -2.047  1.00 21.03 ? 57  LEU A CD2 1 
ATOM   421 N  N   . GLU A 1 56 ? 6.379   -11.385 2.569   1.00 13.79 ? 58  GLU A N   1 
ATOM   422 C  CA  . GLU A 1 56 ? 5.273   -11.452 3.561   1.00 15.50 ? 58  GLU A CA  1 
ATOM   423 C  C   . GLU A 1 56 ? 5.323   -10.261 4.522   1.00 17.69 ? 58  GLU A C   1 
ATOM   424 O  O   . GLU A 1 56 ? 4.290   -9.631  4.808   1.00 17.23 ? 58  GLU A O   1 
ATOM   425 C  CB  . GLU A 1 56 ? 5.384   -12.771 4.344   1.00 18.56 ? 58  GLU A CB  1 
ATOM   426 C  CG  . GLU A 1 56 ? 4.315   -12.955 5.406   1.00 24.57 ? 58  GLU A CG  1 
ATOM   427 C  CD  . GLU A 1 56 ? 4.410   -14.278 6.134   1.00 54.11 ? 58  GLU A CD  1 
ATOM   428 O  OE1 . GLU A 1 56 ? 5.399   -14.490 6.879   1.00 42.78 ? 58  GLU A OE1 1 
ATOM   429 O  OE2 . GLU A 1 56 ? 3.484   -15.102 5.965   1.00 49.94 ? 58  GLU A OE2 1 
ATOM   430 N  N   . LEU A 1 57 ? 6.526   -9.910  4.984   1.00 14.47 ? 59  LEU A N   1 
ATOM   431 C  CA  . LEU A 1 57 ? 6.700   -8.747  5.848   1.00 14.73 ? 59  LEU A CA  1 
ATOM   432 C  C   . LEU A 1 57 ? 6.371   -7.448  5.087   1.00 15.33 ? 59  LEU A C   1 
ATOM   433 O  O   . LEU A 1 57 ? 5.657   -6.605  5.629   1.00 14.27 ? 59  LEU A O   1 
ATOM   434 C  CB  . LEU A 1 57 ? 8.146   -8.732  6.376   1.00 14.90 ? 59  LEU A CB  1 
ATOM   435 C  CG  . LEU A 1 57 ? 8.527   -7.561  7.268   1.00 20.77 ? 59  LEU A CG  1 
ATOM   436 C  CD1 . LEU A 1 57 ? 7.572   -7.387  8.462   1.00 20.15 ? 59  LEU A CD1 1 
ATOM   437 C  CD2 . LEU A 1 57 ? 9.919   -7.753  7.793   1.00 21.48 ? 59  LEU A CD2 1 
ATOM   438 N  N   . GLN A 1 58 ? 6.735   -7.366  3.785   1.00 14.08 ? 60  GLN A N   1 
ATOM   439 C  CA  . GLN A 1 58 ? 6.405   -6.240  2.877   1.00 14.63 ? 60  GLN A CA  1 
ATOM   440 C  C   . GLN A 1 58 ? 4.907   -6.101  2.733   1.00 17.37 ? 60  GLN A C   1 
ATOM   441 O  O   . GLN A 1 58 ? 4.362   -4.964  2.765   1.00 14.78 ? 60  GLN A O   1 
ATOM   442 C  CB  . GLN A 1 58 ? 7.083   -6.424  1.498   1.00 17.27 ? 60  GLN A CB  1 
ATOM   443 C  CG  . GLN A 1 58 ? 7.091   -5.183  0.598   1.00 19.25 ? 60  GLN A CG  1 
ATOM   444 C  CD  . GLN A 1 58 ? 7.842   -5.329  -0.719  1.00 22.71 ? 60  GLN A CD  1 
ATOM   445 O  OE1 . GLN A 1 58 ? 7.501   -4.686  -1.716  1.00 25.81 ? 60  GLN A OE1 1 
ATOM   446 N  NE2 . GLN A 1 58 ? 8.768   -6.273  -0.819  1.00 20.45 ? 60  GLN A NE2 1 
ATOM   447 N  N   . ARG A 1 59 ? 4.214   -7.247  2.592   1.00 15.81 ? 61  ARG A N   1 
ATOM   448 C  CA  . ARG A 1 59 ? 2.751   -7.197  2.474   1.00 15.81 ? 61  ARG A CA  1 
ATOM   449 C  C   . ARG A 1 59 ? 2.132   -6.689  3.785   1.00 17.17 ? 61  ARG A C   1 
ATOM   450 O  O   . ARG A 1 59 ? 1.266   -5.801  3.770   1.00 16.40 ? 61  ARG A O   1 
ATOM   451 C  CB  . ARG A 1 59 ? 2.205   -8.561  2.089   1.00 15.80 ? 61  ARG A CB  1 
ATOM   452 C  CG  . ARG A 1 59 ? 0.671   -8.579  1.958   1.00 17.58 ? 61  ARG A CG  1 
ATOM   453 C  CD  . ARG A 1 59 ? 0.165   -9.943  1.545   1.00 19.33 ? 61  ARG A CD  1 
ATOM   454 N  NE  . ARG A 1 59 ? 0.404   -10.943 2.588   1.00 18.51 ? 61  ARG A NE  1 
ATOM   455 C  CZ  . ARG A 1 59 ? 0.146   -12.243 2.472   1.00 27.70 ? 61  ARG A CZ  1 
ATOM   456 N  NH1 . ARG A 1 59 ? -0.384  -12.727 1.353   1.00 23.55 ? 61  ARG A NH1 1 
ATOM   457 N  NH2 . ARG A 1 59 ? 0.427   -13.071 3.469   1.00 24.16 ? 61  ARG A NH2 1 
ATOM   458 N  N   . ASP A 1 60 ? 2.631   -7.179  4.931   1.00 15.47 ? 62  ASP A N   1 
ATOM   459 C  CA  . ASP A 1 60 ? 2.135   -6.720  6.227   1.00 17.03 ? 62  ASP A CA  1 
ATOM   460 C  C   . ASP A 1 60 ? 2.423   -5.223  6.440   1.00 17.05 ? 62  ASP A C   1 
ATOM   461 O  O   . ASP A 1 60 ? 1.597   -4.509  7.037   1.00 16.28 ? 62  ASP A O   1 
ATOM   462 C  CB  . ASP A 1 60 ? 2.707   -7.552  7.395   1.00 21.21 ? 62  ASP A CB  1 
ATOM   463 C  CG  . ASP A 1 60 ? 1.889   -7.352  8.672   1.00 42.52 ? 62  ASP A CG  1 
ATOM   464 O  OD1 . ASP A 1 60 ? 0.644   -7.169  8.568   1.00 44.97 ? 62  ASP A OD1 1 
ATOM   465 O  OD2 . ASP A 1 60 ? 2.491   -7.309  9.761   1.00 54.53 ? 62  ASP A OD2 1 
ATOM   466 N  N   . SER A 1 61 ? 3.544   -4.721  5.896   1.00 14.71 ? 63  SER A N   1 
ATOM   467 C  CA  . SER A 1 61 ? 3.854   -3.307  6.002   1.00 13.59 ? 63  SER A CA  1 
ATOM   468 C  C   . SER A 1 61 ? 2.780   -2.485  5.287   1.00 14.63 ? 63  SER A C   1 
ATOM   469 O  O   . SER A 1 61 ? 2.333   -1.463  5.837   1.00 16.26 ? 63  SER A O   1 
ATOM   470 C  CB  . SER A 1 61 ? 5.228   -3.015  5.421   1.00 14.61 ? 63  SER A CB  1 
ATOM   471 O  OG  . SER A 1 61 ? 6.172   -3.692  6.235   1.00 23.44 ? 63  SER A OG  1 
ATOM   472 N  N   . HIS A 1 62 ? 2.253   -2.998  4.139   1.00 11.97 ? 64  HIS A N   1 
ATOM   473 C  CA  . HIS A 1 62 ? 1.189   -2.271  3.430   1.00 12.46 ? 64  HIS A CA  1 
ATOM   474 C  C   . HIS A 1 62 ? -0.125  -2.223  4.298   1.00 14.00 ? 64  HIS A C   1 
ATOM   475 O  O   . HIS A 1 62 ? -0.903  -1.245  4.206   1.00 14.47 ? 64  HIS A O   1 
ATOM   476 C  CB  . HIS A 1 62 ? 0.927   -2.884  2.035   1.00 12.46 ? 64  HIS A CB  1 
ATOM   477 C  CG  . HIS A 1 62 ? 1.980   -2.442  1.066   1.00 14.56 ? 64  HIS A CG  1 
ATOM   478 N  ND1 . HIS A 1 62 ? 2.089   -1.122  0.679   1.00 16.24 ? 64  HIS A ND1 1 
ATOM   479 C  CD2 . HIS A 1 62 ? 2.981   -3.147  0.496   1.00 16.17 ? 64  HIS A CD2 1 
ATOM   480 C  CE1 . HIS A 1 62 ? 3.147   -1.061  -0.114  1.00 17.08 ? 64  HIS A CE1 1 
ATOM   481 N  NE2 . HIS A 1 62 ? 3.735   -2.258  -0.232  1.00 17.20 ? 64  HIS A NE2 1 
HETATM 482 N  N   . MSE A 1 63 ? -0.357  -3.283  5.119   1.00 12.20 ? 65  MSE A N   1 
HETATM 483 C  CA  . MSE A 1 63 ? -1.504  -3.354  6.042   1.00 13.88 ? 65  MSE A CA  1 
HETATM 484 C  C   . MSE A 1 63 ? -1.356  -2.344  7.146   1.00 16.26 ? 65  MSE A C   1 
HETATM 485 O  O   . MSE A 1 63 ? -2.347  -1.685  7.533   1.00 14.27 ? 65  MSE A O   1 
HETATM 486 C  CB  . MSE A 1 63 ? -1.701  -4.773  6.633   1.00 15.92 ? 65  MSE A CB  1 
HETATM 487 C  CG  . MSE A 1 63 ? -1.981  -5.854  5.602   1.00 19.36 ? 65  MSE A CG  1 
HETATM 488 SE SE  . MSE A 1 63 ? -3.530  -5.543  4.386   0.75 21.15 ? 65  MSE A SE  1 
HETATM 489 C  CE  . MSE A 1 63 ? -2.760  -4.443  3.015   1.00 20.39 ? 65  MSE A CE  1 
ATOM   490 N  N   . LYS A 1 64 ? -0.113  -2.154  7.650   1.00 15.15 ? 66  LYS A N   1 
ATOM   491 C  CA  A LYS A 1 64 ? 0.132   -1.151  8.683   0.50 15.14 ? 66  LYS A CA  1 
ATOM   492 C  CA  B LYS A 1 64 ? 0.130   -1.148  8.681   0.50 14.96 ? 66  LYS A CA  1 
ATOM   493 C  C   . LYS A 1 64 ? -0.092  0.251   8.103   1.00 17.17 ? 66  LYS A C   1 
ATOM   494 O  O   . LYS A 1 64 ? -0.655  1.113   8.784   1.00 16.36 ? 66  LYS A O   1 
ATOM   495 C  CB  A LYS A 1 64 ? 1.542   -1.301  9.267   0.50 17.47 ? 66  LYS A CB  1 
ATOM   496 C  CB  B LYS A 1 64 ? 1.543   -1.286  9.271   0.50 16.87 ? 66  LYS A CB  1 
ATOM   497 C  CG  A LYS A 1 64 ? 1.692   -2.624  10.003  0.50 23.48 ? 66  LYS A CG  1 
ATOM   498 C  CG  B LYS A 1 64 ? 1.821   -2.662  9.882   0.50 17.40 ? 66  LYS A CG  1 
ATOM   499 C  CD  A LYS A 1 64 ? 3.107   -2.902  10.455  0.50 31.81 ? 66  LYS A CD  1 
ATOM   500 C  CD  B LYS A 1 64 ? 0.940   -2.972  11.100  0.50 21.92 ? 66  LYS A CD  1 
ATOM   501 C  CE  A LYS A 1 64 ? 3.158   -4.232  11.159  0.50 44.05 ? 66  LYS A CE  1 
ATOM   502 C  CE  B LYS A 1 64 ? 1.410   -4.194  11.853  0.50 26.98 ? 66  LYS A CE  1 
ATOM   503 N  NZ  A LYS A 1 64 ? 4.547   -4.653  11.457  0.50 55.81 ? 66  LYS A NZ  1 
ATOM   504 N  NZ  B LYS A 1 64 ? 0.374   -4.693  12.790  0.50 34.33 ? 66  LYS A NZ  1 
ATOM   505 N  N   . GLN A 1 65 ? 0.294   0.453   6.829   1.00 14.07 ? 67  GLN A N   1 
ATOM   506 C  CA  . GLN A 1 65 ? 0.083   1.705   6.108   1.00 14.74 ? 67  GLN A CA  1 
ATOM   507 C  C   . GLN A 1 65 ? -1.408  1.971   5.985   1.00 16.67 ? 67  GLN A C   1 
ATOM   508 O  O   . GLN A 1 65 ? -1.876  3.098   6.235   1.00 16.88 ? 67  GLN A O   1 
ATOM   509 C  CB  . GLN A 1 65 ? 0.739   1.657   4.723   1.00 16.08 ? 67  GLN A CB  1 
ATOM   510 C  CG  . GLN A 1 65 ? 2.269   1.814   4.780   1.00 13.84 ? 67  GLN A CG  1 
ATOM   511 C  CD  . GLN A 1 65 ? 2.766   3.187   5.175   1.00 17.88 ? 67  GLN A CD  1 
ATOM   512 O  OE1 . GLN A 1 65 ? 1.993   4.177   5.299   1.00 16.07 ? 67  GLN A OE1 1 
ATOM   513 N  NE2 . GLN A 1 65 ? 4.082   3.317   5.262   1.00 16.11 ? 67  GLN A NE2 1 
ATOM   514 N  N   . LEU A 1 66 ? -2.181  0.931   5.638   1.00 14.74 ? 68  LEU A N   1 
ATOM   515 C  CA  . LEU A 1 66 ? -3.628  1.085   5.476   1.00 16.37 ? 68  LEU A CA  1 
ATOM   516 C  C   . LEU A 1 66 ? -4.238  1.582   6.790   1.00 14.69 ? 68  LEU A C   1 
ATOM   517 O  O   . LEU A 1 66 ? -5.064  2.520   6.784   1.00 14.97 ? 68  LEU A O   1 
ATOM   518 C  CB  . LEU A 1 66 ? -4.186  -0.292  5.029   1.00 17.54 ? 68  LEU A CB  1 
ATOM   519 C  CG  . LEU A 1 66 ? -5.689  -0.482  4.847   1.00 23.78 ? 68  LEU A CG  1 
ATOM   520 C  CD1 . LEU A 1 66 ? -5.939  -1.706  4.043   1.00 24.14 ? 68  LEU A CD1 1 
ATOM   521 C  CD2 . LEU A 1 66 ? -6.383  -0.707  6.147   1.00 26.62 ? 68  LEU A CD2 1 
ATOM   522 N  N   . LEU A 1 67 ? -3.802  1.015   7.928   1.00 14.03 ? 69  LEU A N   1 
ATOM   523 C  CA  . LEU A 1 67 ? -4.346  1.394   9.249   1.00 16.88 ? 69  LEU A CA  1 
ATOM   524 C  C   . LEU A 1 67 ? -4.001  2.846   9.594   1.00 17.21 ? 69  LEU A C   1 
ATOM   525 O  O   . LEU A 1 67 ? -4.888  3.625   10.000  1.00 15.37 ? 69  LEU A O   1 
ATOM   526 C  CB  . LEU A 1 67 ? -3.833  0.441   10.360  1.00 17.79 ? 69  LEU A CB  1 
ATOM   527 C  CG  . LEU A 1 67 ? -4.413  -0.976  10.302  1.00 25.79 ? 69  LEU A CG  1 
ATOM   528 C  CD1 . LEU A 1 67 ? -3.502  -1.976  11.002  1.00 28.00 ? 69  LEU A CD1 1 
ATOM   529 C  CD2 . LEU A 1 67 ? -5.778  -1.028  10.897  1.00 29.79 ? 69  LEU A CD2 1 
ATOM   530 N  N   . LEU A 1 68 ? -2.741  3.244   9.323   1.00 15.57 ? 70  LEU A N   1 
ATOM   531 C  CA  . LEU A 1 68 ? -2.296  4.605   9.574   1.00 14.77 ? 70  LEU A CA  1 
ATOM   532 C  C   . LEU A 1 68 ? -3.077  5.590   8.726   1.00 16.13 ? 70  LEU A C   1 
ATOM   533 O  O   . LEU A 1 68 ? -3.603  6.570   9.258   1.00 16.12 ? 70  LEU A O   1 
ATOM   534 C  CB  . LEU A 1 68 ? -0.816  4.741   9.229   1.00 14.43 ? 70  LEU A CB  1 
ATOM   535 C  CG  . LEU A 1 68 ? -0.245  6.160   9.190   1.00 21.32 ? 70  LEU A CG  1 
ATOM   536 C  CD1 . LEU A 1 68 ? -0.346  6.868   10.548  1.00 23.03 ? 70  LEU A CD1 1 
ATOM   537 C  CD2 . LEU A 1 68 ? 1.183   6.116   8.700   1.00 23.32 ? 70  LEU A CD2 1 
ATOM   538 N  N   . ILE A 1 69 ? -3.190  5.287   7.421   1.00 12.82 ? 71  ILE A N   1 
ATOM   539 C  CA  . ILE A 1 69 ? -3.826  6.191   6.466   1.00 13.68 ? 71  ILE A CA  1 
ATOM   540 C  C   . ILE A 1 69 ? -5.321  6.302   6.786   1.00 16.55 ? 71  ILE A C   1 
ATOM   541 O  O   . ILE A 1 69 ? -5.896  7.407   6.689   1.00 17.22 ? 71  ILE A O   1 
ATOM   542 C  CB  . ILE A 1 69 ? -3.519  5.837   4.997   1.00 16.71 ? 71  ILE A CB  1 
ATOM   543 C  CG1 . ILE A 1 69 ? -1.991  6.000   4.744   1.00 16.18 ? 71  ILE A CG1 1 
ATOM   544 C  CG2 . ILE A 1 69 ? -4.323  6.773   4.030   1.00 14.11 ? 71  ILE A CG2 1 
ATOM   545 C  CD1 . ILE A 1 69 ? -1.487  5.203   3.583   1.00 21.43 ? 71  ILE A CD1 1 
ATOM   546 N  N   . GLN A 1 70 ? -5.967  5.178   7.172   1.00 15.24 ? 72  GLN A N   1 
ATOM   547 C  CA  . GLN A 1 70 ? -7.389  5.234   7.543   1.00 16.54 ? 72  GLN A CA  1 
ATOM   548 C  C   . GLN A 1 70 ? -7.611  6.189   8.722   1.00 18.24 ? 72  GLN A C   1 
ATOM   549 O  O   . GLN A 1 70 ? -8.506  7.053   8.676   1.00 17.32 ? 72  GLN A O   1 
ATOM   550 C  CB  . GLN A 1 70 ? -7.919  3.831   7.854   1.00 17.85 ? 72  GLN A CB  1 
ATOM   551 C  CG  . GLN A 1 70 ? -8.340  3.054   6.620   1.00 24.56 ? 72  GLN A CG  1 
ATOM   552 C  CD  . GLN A 1 70 ? -9.737  3.418   6.177   1.00 25.83 ? 72  GLN A CD  1 
ATOM   553 O  OE1 . GLN A 1 70 ? -10.312 4.443   6.599   1.00 23.64 ? 72  GLN A OE1 1 
ATOM   554 N  NE2 . GLN A 1 70 ? -10.320 2.602   5.301   1.00 22.41 ? 72  GLN A NE2 1 
ATOM   555 N  N   . GLU A 1 71 ? -6.768  6.081   9.760   1.00 17.03 ? 73  GLU A N   1 
ATOM   556 C  CA  . GLU A 1 71 ? -6.836  6.957   10.931  1.00 18.69 ? 73  GLU A CA  1 
ATOM   557 C  C   . GLU A 1 71 ? -6.621  8.427   10.538  1.00 18.63 ? 73  GLU A C   1 
ATOM   558 O  O   . GLU A 1 71 ? -7.367  9.293   10.989  1.00 17.23 ? 73  GLU A O   1 
ATOM   559 C  CB  . GLU A 1 71 ? -5.806  6.507   11.982  1.00 20.55 ? 73  GLU A CB  1 
ATOM   560 C  CG  . GLU A 1 71 ? -5.998  7.145   13.349  1.00 38.18 ? 73  GLU A CG  1 
ATOM   561 C  CD  . GLU A 1 71 ? -5.211  8.415   13.612  1.00 72.08 ? 73  GLU A CD  1 
ATOM   562 O  OE1 . GLU A 1 71 ? -3.987  8.422   13.347  1.00 74.54 ? 73  GLU A OE1 1 
ATOM   563 O  OE2 . GLU A 1 71 ? -5.808  9.388   14.127  1.00 72.75 ? 73  GLU A OE2 1 
ATOM   564 N  N   . ARG A 1 72 ? -5.606  8.711   9.693   1.00 15.88 ? 74  ARG A N   1 
ATOM   565 C  CA  . ARG A 1 72 ? -5.343  10.066  9.236   1.00 15.40 ? 74  ARG A CA  1 
ATOM   566 C  C   . ARG A 1 72 ? -6.468  10.599  8.361   1.00 18.07 ? 74  ARG A C   1 
ATOM   567 O  O   . ARG A 1 72 ? -6.785  11.793  8.428   1.00 18.86 ? 74  ARG A O   1 
ATOM   568 C  CB  . ARG A 1 72 ? -4.022  10.135  8.462   1.00 15.99 ? 74  ARG A CB  1 
ATOM   569 C  CG  . ARG A 1 72 ? -2.809  9.794   9.355   1.00 20.43 ? 74  ARG A CG  1 
ATOM   570 C  CD  . ARG A 1 72 ? -2.757  10.598  10.646  1.00 22.03 ? 74  ARG A CD  1 
ATOM   571 N  NE  . ARG A 1 72 ? -2.775  12.040  10.384  1.00 26.51 ? 74  ARG A NE  1 
ATOM   572 C  CZ  . ARG A 1 72 ? -2.487  12.979  11.281  1.00 40.47 ? 74  ARG A CZ  1 
ATOM   573 N  NH1 . ARG A 1 72 ? -2.176  12.644  12.529  1.00 28.80 ? 74  ARG A NH1 1 
ATOM   574 N  NH2 . ARG A 1 72 ? -2.514  14.258  10.940  1.00 31.99 ? 74  ARG A NH2 1 
ATOM   575 N  N   . TRP A 1 73 ? -7.104  9.716   7.573   1.00 14.99 ? 75  TRP A N   1 
ATOM   576 C  CA  . TRP A 1 73 ? -8.195  10.135  6.689   1.00 16.22 ? 75  TRP A CA  1 
ATOM   577 C  C   . TRP A 1 73 ? -9.381  10.599  7.515   1.00 19.34 ? 75  TRP A C   1 
ATOM   578 O  O   . TRP A 1 73 ? -10.001 11.630  7.183   1.00 18.51 ? 75  TRP A O   1 
ATOM   579 C  CB  . TRP A 1 73 ? -8.584  8.951   5.804   1.00 15.43 ? 75  TRP A CB  1 
ATOM   580 C  CG  . TRP A 1 73 ? -9.642  9.197   4.770   1.00 16.53 ? 75  TRP A CG  1 
ATOM   581 C  CD1 . TRP A 1 73 ? -10.121 10.397  4.321   1.00 18.64 ? 75  TRP A CD1 1 
ATOM   582 C  CD2 . TRP A 1 73 ? -10.325 8.186   4.023   1.00 16.60 ? 75  TRP A CD2 1 
ATOM   583 N  NE1 . TRP A 1 73 ? -11.047 10.188  3.314   1.00 18.69 ? 75  TRP A NE1 1 
ATOM   584 C  CE2 . TRP A 1 73 ? -11.188 8.840   3.116   1.00 20.02 ? 75  TRP A CE2 1 
ATOM   585 C  CE3 . TRP A 1 73 ? -10.219 6.781   3.967   1.00 17.17 ? 75  TRP A CE3 1 
ATOM   586 C  CZ2 . TRP A 1 73 ? -12.036 8.131   2.249   1.00 20.22 ? 75  TRP A CZ2 1 
ATOM   587 C  CZ3 . TRP A 1 73 ? -11.060 6.081   3.120   1.00 18.39 ? 75  TRP A CZ3 1 
ATOM   588 C  CH2 . TRP A 1 73 ? -11.944 6.753   2.260   1.00 19.44 ? 75  TRP A CH2 1 
ATOM   589 N  N   . LYS A 1 74 ? -9.724  9.824   8.571   1.00 16.36 ? 76  LYS A N   1 
ATOM   590 C  CA  . LYS A 1 74 ? -10.835 10.152  9.504   1.00 17.79 ? 76  LYS A CA  1 
ATOM   591 C  C   . LYS A 1 74 ? -10.589 11.541  10.121  1.00 19.74 ? 76  LYS A C   1 
ATOM   592 O  O   . LYS A 1 74 ? -11.475 12.396  10.112  1.00 17.77 ? 76  LYS A O   1 
ATOM   593 C  CB  . LYS A 1 74 ? -10.930 9.070   10.602  1.00 20.04 ? 76  LYS A CB  1 
ATOM   594 C  CG  . LYS A 1 74 ? -12.036 9.361   11.626  1.00 26.21 ? 76  LYS A CG  1 
ATOM   595 C  CD  . LYS A 1 74 ? -12.109 8.319   12.734  1.00 38.54 ? 76  LYS A CD  1 
ATOM   596 C  CE  . LYS A 1 74 ? -13.270 8.624   13.658  1.00 52.43 ? 76  LYS A CE  1 
ATOM   597 N  NZ  . LYS A 1 74 ? -13.487 7.553   14.665  1.00 65.06 ? 76  LYS A NZ  1 
ATOM   598 N  N   . ARG A 1 75 ? -9.359  11.792  10.598  1.00 18.63 ? 77  ARG A N   1 
ATOM   599 C  CA  . ARG A 1 75 ? -8.977  13.086  11.142  1.00 19.42 ? 77  ARG A CA  1 
ATOM   600 C  C   . ARG A 1 75 ? -9.174  14.227  10.088  1.00 21.26 ? 77  ARG A C   1 
ATOM   601 O  O   . ARG A 1 75 ? -9.749  15.266  10.426  1.00 20.74 ? 77  ARG A O   1 
ATOM   602 C  CB  . ARG A 1 75 ? -7.517  13.030  11.642  1.00 18.68 ? 77  ARG A CB  1 
ATOM   603 C  CG  . ARG A 1 75 ? -7.007  14.336  12.218  1.00 35.44 ? 77  ARG A CG  1 
ATOM   604 C  CD  . ARG A 1 75 ? -5.565  14.222  12.674  1.00 44.13 ? 77  ARG A CD  1 
ATOM   605 N  NE  . ARG A 1 75 ? -5.069  15.489  13.214  1.00 57.03 ? 77  ARG A NE  1 
ATOM   606 C  CZ  . ARG A 1 75 ? -4.419  15.610  14.367  1.00 76.91 ? 77  ARG A CZ  1 
ATOM   607 N  NH1 . ARG A 1 75 ? -4.167  14.540  15.113  1.00 65.48 ? 77  ARG A NH1 1 
ATOM   608 N  NH2 . ARG A 1 75 ? -4.003  16.802  14.779  1.00 66.32 ? 77  ARG A NH2 1 
ATOM   609 N  N   . ALA A 1 76 ? -8.751  14.006  8.823   1.00 17.73 ? 78  ALA A N   1 
ATOM   610 C  CA  . ALA A 1 76 ? -8.847  14.999  7.743   1.00 17.52 ? 78  ALA A CA  1 
ATOM   611 C  C   . ALA A 1 76 ? -10.290 15.256  7.354   1.00 20.92 ? 78  ALA A C   1 
ATOM   612 O  O   . ALA A 1 76 ? -10.663 16.409  7.066   1.00 20.10 ? 78  ALA A O   1 
ATOM   613 C  CB  . ALA A 1 76 ? -8.053  14.557  6.529   1.00 17.10 ? 78  ALA A CB  1 
ATOM   614 N  N   . GLN A 1 77 ? -11.113 14.193  7.389   1.00 18.83 ? 79  GLN A N   1 
ATOM   615 C  CA  . GLN A 1 77 ? -12.552 14.318  7.116   1.00 18.63 ? 79  GLN A CA  1 
ATOM   616 C  C   . GLN A 1 77 ? -13.224 15.190  8.173   1.00 21.05 ? 79  GLN A C   1 
ATOM   617 O  O   . GLN A 1 77 ? -14.022 16.054  7.821   1.00 20.16 ? 79  GLN A O   1 
ATOM   618 C  CB  . GLN A 1 77 ? -13.226 12.939  7.090   1.00 18.82 ? 79  GLN A CB  1 
ATOM   619 C  CG  . GLN A 1 77 ? -12.956 12.138  5.821   1.00 20.08 ? 79  GLN A CG  1 
ATOM   620 C  CD  . GLN A 1 77 ? -13.620 10.793  5.871   1.00 23.35 ? 79  GLN A CD  1 
ATOM   621 O  OE1 . GLN A 1 77 ? -13.796 10.204  6.940   1.00 22.38 ? 79  GLN A OE1 1 
ATOM   622 N  NE2 . GLN A 1 77 ? -14.081 10.316  4.721   1.00 18.45 ? 79  GLN A NE2 1 
ATOM   623 N  N   . ARG A 1 78 ? -12.889 14.975  9.469   1.00 19.81 ? 80  ARG A N   1 
ATOM   624 C  CA  . ARG A 1 78 ? -13.477 15.779  10.566  1.00 21.53 ? 80  ARG A CA  1 
ATOM   625 C  C   . ARG A 1 78 ? -13.048 17.245  10.439  1.00 23.48 ? 80  ARG A C   1 
ATOM   626 O  O   . ARG A 1 78 ? -13.883 18.153  10.624  1.00 22.18 ? 80  ARG A O   1 
ATOM   627 C  CB  . ARG A 1 78 ? -13.024 15.228  11.940  1.00 22.09 ? 80  ARG A CB  1 
ATOM   628 C  CG  . ARG A 1 78 ? -13.569 13.838  12.278  1.00 34.08 ? 80  ARG A CG  1 
ATOM   629 C  CD  . ARG A 1 78 ? -13.263 13.438  13.713  1.00 48.06 ? 80  ARG A CD  1 
ATOM   630 N  NE  . ARG A 1 78 ? -14.115 14.151  14.672  1.00 67.54 ? 80  ARG A NE  1 
ATOM   631 C  CZ  . ARG A 1 78 ? -13.977 14.099  15.994  1.00 86.52 ? 80  ARG A CZ  1 
ATOM   632 N  NH1 . ARG A 1 78 ? -13.009 13.370  16.541  1.00 77.81 ? 80  ARG A NH1 1 
ATOM   633 N  NH2 . ARG A 1 78 ? -14.802 14.781  16.781  1.00 68.80 ? 80  ARG A NH2 1 
ATOM   634 N  N   . GLU A 1 79 ? -11.753 17.467  10.089  1.00 21.02 ? 81  GLU A N   1 
ATOM   635 C  CA  . GLU A 1 79 ? -11.201 18.803  9.894   1.00 21.83 ? 81  GLU A CA  1 
ATOM   636 C  C   . GLU A 1 79 ? -11.894 19.515  8.732   1.00 22.23 ? 81  GLU A C   1 
ATOM   637 O  O   . GLU A 1 79 ? -12.235 20.705  8.849   1.00 22.58 ? 81  GLU A O   1 
ATOM   638 C  CB  . GLU A 1 79 ? -9.687  18.760  9.662   1.00 22.64 ? 81  GLU A CB  1 
ATOM   639 C  CG  . GLU A 1 79 ? -9.043  20.139  9.742   1.00 37.79 ? 81  GLU A CG  1 
ATOM   640 C  CD  . GLU A 1 79 ? -8.725  20.718  11.113  1.00 69.91 ? 81  GLU A CD  1 
ATOM   641 O  OE1 . GLU A 1 79 ? -9.463  20.439  12.087  1.00 59.09 ? 81  GLU A OE1 1 
ATOM   642 O  OE2 . GLU A 1 79 ? -7.743  21.492  11.200  1.00 71.40 ? 81  GLU A OE2 1 
ATOM   643 N  N   . GLU A 1 80 ? -12.169 18.769  7.645   1.00 18.15 ? 82  GLU A N   1 
ATOM   644 C  CA  . GLU A 1 80 ? -12.850 19.323  6.479   1.00 19.10 ? 82  GLU A CA  1 
ATOM   645 C  C   . GLU A 1 80 ? -14.228 19.857  6.860   1.00 23.50 ? 82  GLU A C   1 
ATOM   646 O  O   . GLU A 1 80 ? -14.615 20.948  6.418   1.00 24.63 ? 82  GLU A O   1 
ATOM   647 C  CB  . GLU A 1 80 ? -12.986 18.267  5.380   1.00 21.16 ? 82  GLU A CB  1 
ATOM   648 C  CG  . GLU A 1 80 ? -13.195 18.865  3.999   1.00 28.88 ? 82  GLU A CG  1 
ATOM   649 C  CD  . GLU A 1 80 ? -11.976 19.543  3.402   1.00 38.90 ? 82  GLU A CD  1 
ATOM   650 O  OE1 . GLU A 1 80 ? -10.857 19.352  3.931   1.00 30.76 ? 82  GLU A OE1 1 
ATOM   651 O  OE2 . GLU A 1 80 ? -12.139 20.259  2.390   1.00 30.89 ? 82  GLU A OE2 1 
ATOM   652 N  N   . ARG A 1 81 ? -14.982 19.068  7.648   1.00 21.24 ? 83  ARG A N   1 
ATOM   653 C  CA  . ARG A 1 81 ? -16.320 19.473  8.098   1.00 22.26 ? 83  ARG A CA  1 
ATOM   654 C  C   . ARG A 1 81 ? -16.240 20.655  9.046   1.00 25.30 ? 83  ARG A C   1 
ATOM   655 O  O   . ARG A 1 81 ? -17.097 21.545  8.999   1.00 25.22 ? 83  ARG A O   1 
ATOM   656 C  CB  . ARG A 1 81 ? -17.064 18.308  8.782   1.00 25.61 ? 83  ARG A CB  1 
ATOM   657 C  CG  . ARG A 1 81 ? -17.523 17.213  7.840   1.00 27.57 ? 83  ARG A CG  1 
ATOM   658 C  CD  . ARG A 1 81 ? -18.521 16.276  8.510   1.00 23.16 ? 83  ARG A CD  1 
ATOM   659 N  NE  . ARG A 1 81 ? -17.829 15.301  9.352   1.00 39.38 ? 83  ARG A NE  1 
ATOM   660 C  CZ  . ARG A 1 81 ? -17.822 15.304  10.680  1.00 42.68 ? 83  ARG A CZ  1 
ATOM   661 N  NH1 . ARG A 1 81 ? -18.506 16.216  11.353  1.00 33.58 ? 83  ARG A NH1 1 
ATOM   662 N  NH2 . ARG A 1 81 ? -17.144 14.382  11.345  1.00 34.38 ? 83  ARG A NH2 1 
ATOM   663 N  N   . LEU A 1 82 ? -15.221 20.672  9.912   1.00 23.22 ? 84  LEU A N   1 
ATOM   664 C  CA  . LEU A 1 82 ? -15.060 21.737  10.896  1.00 25.11 ? 84  LEU A CA  1 
ATOM   665 C  C   . LEU A 1 82 ? -14.829 23.108  10.228  1.00 29.11 ? 84  LEU A C   1 
ATOM   666 O  O   . LEU A 1 82 ? -15.386 24.111  10.670  1.00 29.77 ? 84  LEU A O   1 
ATOM   667 C  CB  . LEU A 1 82 ? -13.907 21.391  11.855  1.00 24.89 ? 84  LEU A CB  1 
ATOM   668 C  CG  . LEU A 1 82 ? -13.676 22.317  13.061  1.00 31.21 ? 84  LEU A CG  1 
ATOM   669 C  CD1 . LEU A 1 82 ? -14.785 22.152  14.118  1.00 31.79 ? 84  LEU A CD1 1 
ATOM   670 C  CD2 . LEU A 1 82 ? -12.322 22.058  13.686  1.00 32.26 ? 84  LEU A CD2 1 
ATOM   671 N  N   . LYS A 1 83 ? -14.060 23.117  9.137   1.00 24.90 ? 85  LYS A N   1 
ATOM   672 C  CA  . LYS A 1 83 ? -13.645 24.291  8.385   1.00 24.12 ? 85  LYS A CA  1 
ATOM   673 C  C   . LYS A 1 83 ? -14.611 24.695  7.252   1.00 27.73 ? 85  LYS A C   1 
ATOM   674 O  O   . LYS A 1 83 ? -14.397 25.745  6.653   1.00 28.22 ? 85  LYS A O   1 
ATOM   675 C  CB  . LYS A 1 83 ? -12.245 24.041  7.798   1.00 24.59 ? 85  LYS A CB  1 
ATOM   676 C  CG  . LYS A 1 83 ? -11.156 24.123  8.855   1.00 26.65 ? 85  LYS A CG  1 
ATOM   677 C  CD  . LYS A 1 83 ? -9.796  23.830  8.251   1.00 35.69 ? 85  LYS A CD  1 
ATOM   678 C  CE  . LYS A 1 83 ? -8.687  24.076  9.245   1.00 52.32 ? 85  LYS A CE  1 
ATOM   679 N  NZ  . LYS A 1 83 ? -7.364  23.677  8.694   1.00 59.02 ? 85  LYS A NZ  1 
ATOM   680 N  N   . ALA A 1 84 ? -15.639 23.881  6.943   1.00 24.52 ? 86  ALA A N   1 
ATOM   681 C  CA  . ALA A 1 84 ? -16.573 24.204  5.869   1.00 25.57 ? 86  ALA A CA  1 
ATOM   682 C  C   . ALA A 1 84 ? -17.578 25.268  6.322   1.00 26.77 ? 86  ALA A C   1 
ATOM   683 O  O   . ALA A 1 84 ? -17.852 25.339  7.535   1.00 31.79 ? 86  ALA A O   1 
ATOM   684 C  CB  . ALA A 1 84 ? -17.318 22.948  5.430   1.00 26.68 ? 86  ALA A CB  1 
ATOM   685 O  OXT . ALA A 1 84 ? -18.135 25.986  5.462   1.00 37.43 ? 86  ALA A OXT 1 
HETATM 686 S  S   . SO4 B 2 .  ? 8.568   -0.028  -1.728  0.50 17.37 ? 401 SO4 A S   1 
HETATM 687 O  O1  . SO4 B 2 .  ? 7.705   0.720   -0.831  0.50 16.93 ? 401 SO4 A O1  1 
HETATM 688 O  O2  . SO4 B 2 .  ? 9.665   0.818   -2.160  0.50 19.81 ? 401 SO4 A O2  1 
HETATM 689 O  O3  . SO4 B 2 .  ? 9.077   -1.192  -1.024  0.50 16.93 ? 401 SO4 A O3  1 
HETATM 690 O  O4  . SO4 B 2 .  ? 7.827   -0.458  -2.899  0.50 19.81 ? 401 SO4 A O4  1 
HETATM 691 S  S   . SO4 C 2 .  ? -14.139 11.986  1.543   0.50 34.65 ? 402 SO4 A S   1 
HETATM 692 O  O1  . SO4 C 2 .  ? -15.146 11.229  2.302   0.50 36.01 ? 402 SO4 A O1  1 
HETATM 693 O  O2  . SO4 C 2 .  ? -14.561 13.381  1.433   0.50 36.30 ? 402 SO4 A O2  1 
HETATM 694 O  O3  . SO4 C 2 .  ? -12.856 11.932  2.199   0.50 34.70 ? 402 SO4 A O3  1 
HETATM 695 O  O4  . SO4 C 2 .  ? -14.036 11.418  0.211   0.50 32.92 ? 402 SO4 A O4  1 
HETATM 696 O  O   . HOH D 3 .  ? -3.600  -4.592  -12.790 1.00 27.93 ? 501 HOH A O   1 
HETATM 697 O  O   . HOH D 3 .  ? 5.849   -2.680  -1.981  1.00 21.65 ? 502 HOH A O   1 
HETATM 698 O  O   . HOH D 3 .  ? 1.625   16.760  1.691   1.00 29.96 ? 503 HOH A O   1 
HETATM 699 O  O   . HOH D 3 .  ? -12.404 9.808   -1.144  1.00 26.50 ? 504 HOH A O   1 
HETATM 700 O  O   . HOH D 3 .  ? 5.043   6.087   2.887   1.00 27.35 ? 505 HOH A O   1 
HETATM 701 O  O   . HOH D 3 .  ? -2.082  10.212  13.903  1.00 52.02 ? 506 HOH A O   1 
HETATM 702 O  O   . HOH D 3 .  ? -17.227 26.539  2.989   1.00 37.77 ? 507 HOH A O   1 
HETATM 703 O  O   . HOH D 3 .  ? -14.819 5.202   -4.007  1.00 41.55 ? 508 HOH A O   1 
HETATM 704 O  O   . HOH D 3 .  ? 4.921   -7.364  10.934  1.00 50.62 ? 509 HOH A O   1 
HETATM 705 O  O   . HOH D 3 .  ? -15.163 3.970   -0.530  1.00 25.31 ? 510 HOH A O   1 
HETATM 706 O  O   . HOH D 3 .  ? -16.701 26.303  9.788   1.00 33.14 ? 511 HOH A O   1 
HETATM 707 O  O   . HOH D 3 .  ? -3.896  -2.209  -10.010 1.00 45.03 ? 512 HOH A O   1 
HETATM 708 O  O   . HOH D 3 .  ? 9.904   -18.491 -9.749  1.00 29.79 ? 513 HOH A O   1 
HETATM 709 O  O   . HOH D 3 .  ? -5.396  10.918  -8.897  1.00 51.02 ? 514 HOH A O   1 
HETATM 710 O  O   . HOH D 3 .  ? 6.796   -19.058 5.428   1.00 43.70 ? 515 HOH A O   1 
HETATM 711 O  O   . HOH D 3 .  ? 0.431   -15.983 -1.692  1.00 25.12 ? 516 HOH A O   1 
HETATM 712 O  O   . HOH D 3 .  ? -12.863 25.775  4.395   1.00 49.45 ? 517 HOH A O   1 
HETATM 713 O  O   . HOH D 3 .  ? -5.189  16.257  4.610   1.00 29.58 ? 518 HOH A O   1 
HETATM 714 O  O   . HOH D 3 .  ? -7.157  2.936   11.371  1.00 34.19 ? 519 HOH A O   1 
HETATM 715 O  O   . HOH D 3 .  ? -8.490  9.325   13.579  1.00 39.80 ? 520 HOH A O   1 
HETATM 716 O  O   . HOH D 3 .  ? 5.956   -15.983 9.109   1.00 54.99 ? 521 HOH A O   1 
HETATM 717 O  O   . HOH D 3 .  ? -4.799  13.684  8.600   1.00 26.79 ? 522 HOH A O   1 
HETATM 718 O  O   . HOH D 3 .  ? -12.038 2.884   -3.293  1.00 34.59 ? 523 HOH A O   1 
HETATM 719 O  O   . HOH D 3 .  ? -20.112 24.328  8.734   1.00 30.05 ? 524 HOH A O   1 
HETATM 720 O  O   . HOH D 3 .  ? 4.540   3.223   0.304   1.00 21.36 ? 525 HOH A O   1 
HETATM 721 O  O   . HOH D 3 .  ? 7.468   -12.523 7.341   1.00 22.54 ? 526 HOH A O   1 
HETATM 722 O  O   . HOH D 3 .  ? -8.800  18.180  5.983   1.00 26.97 ? 527 HOH A O   1 
HETATM 723 O  O   . HOH D 3 .  ? -0.310  1.257   11.552  1.00 23.45 ? 528 HOH A O   1 
HETATM 724 O  O   . HOH D 3 .  ? 12.615  -16.409 -4.545  1.00 28.15 ? 529 HOH A O   1 
HETATM 725 O  O   . HOH D 3 .  ? 1.773   5.875   1.490   1.00 18.61 ? 530 HOH A O   1 
HETATM 726 O  O   . HOH D 3 .  ? 8.496   -4.424  4.857   1.00 22.85 ? 531 HOH A O   1 
HETATM 727 O  O   . HOH D 3 .  ? 8.512   -1.284  -9.806  1.00 29.70 ? 532 HOH A O   1 
HETATM 728 O  O   . HOH D 3 .  ? 9.436   -20.051 -1.556  1.00 29.40 ? 533 HOH A O   1 
HETATM 729 O  O   . HOH D 3 .  ? 5.752   -4.341  8.944   1.00 43.22 ? 534 HOH A O   1 
HETATM 730 O  O   . HOH D 3 .  ? -6.752  26.053  7.313   1.00 45.90 ? 535 HOH A O   1 
HETATM 731 O  O   . HOH D 3 .  ? -20.402 18.242  10.857  1.00 27.54 ? 536 HOH A O   1 
HETATM 732 O  O   . HOH D 3 .  ? -2.648  11.285  -11.844 1.00 66.54 ? 537 HOH A O   1 
HETATM 733 O  O   . HOH D 3 .  ? -7.267  16.057  1.360   1.00 39.32 ? 538 HOH A O   1 
HETATM 734 O  O   . HOH D 3 .  ? -9.874  10.297  -0.266  1.00 20.17 ? 539 HOH A O   1 
HETATM 735 O  O   . HOH D 3 .  ? -9.874  4.521   -4.689  1.00 35.20 ? 540 HOH A O   1 
HETATM 736 O  O   . HOH D 3 .  ? -9.593  16.357  13.057  1.00 30.33 ? 541 HOH A O   1 
HETATM 737 O  O   . HOH D 3 .  ? 6.785   7.739   -4.052  1.00 24.24 ? 542 HOH A O   1 
HETATM 738 O  O   . HOH D 3 .  ? 18.639  -18.940 -1.281  1.00 30.99 ? 543 HOH A O   1 
HETATM 739 O  O   . HOH D 3 .  ? 6.100   -19.947 -3.060  1.00 36.70 ? 544 HOH A O   1 
HETATM 740 O  O   . HOH D 3 .  ? -5.635  4.133   -6.259  1.00 38.26 ? 545 HOH A O   1 
HETATM 741 O  O   . HOH D 3 .  ? -3.978  2.470   -8.044  1.00 37.94 ? 546 HOH A O   1 
HETATM 742 O  O   . HOH D 3 .  ? 3.207   -21.588 -5.757  1.00 50.06 ? 547 HOH A O   1 
HETATM 743 O  O   . HOH D 3 .  ? 9.206   0.889   -5.104  0.50 27.17 ? 548 HOH A O   1 
HETATM 744 O  O   . HOH D 3 .  ? -18.558 23.053  11.055  1.00 26.06 ? 549 HOH A O   1 
HETATM 745 O  O   . HOH D 3 .  ? -0.786  1.774   -12.498 1.00 34.27 ? 550 HOH A O   1 
HETATM 746 O  O   . HOH D 3 .  ? 4.189   4.487   -9.588  1.00 38.96 ? 551 HOH A O   1 
HETATM 747 O  O   . HOH D 3 .  ? -10.831 13.828  3.190   1.00 38.02 ? 552 HOH A O   1 
HETATM 748 O  O   . HOH D 3 .  ? 16.369  -19.881 3.357   1.00 53.82 ? 553 HOH A O   1 
HETATM 749 O  O   . HOH D 3 .  ? 16.251  -21.848 -2.325  1.00 45.53 ? 554 HOH A O   1 
HETATM 750 O  O   . HOH D 3 .  ? -8.476  9.766   -2.698  1.00 21.74 ? 555 HOH A O   1 
HETATM 751 O  O   . HOH D 3 .  ? -1.265  15.135  14.469  1.00 40.97 ? 556 HOH A O   1 
HETATM 752 O  O   . HOH D 3 .  ? 0.633   -8.561  11.818  1.00 39.93 ? 557 HOH A O   1 
HETATM 753 O  O   . HOH D 3 .  ? 1.735   4.419   -10.990 1.00 44.49 ? 558 HOH A O   1 
HETATM 754 O  O   . HOH D 3 .  ? -12.962 13.551  19.616  1.00 50.01 ? 559 HOH A O   1 
HETATM 755 O  O   . HOH D 3 .  ? 6.436   4.965   -11.146 1.00 50.29 ? 560 HOH A O   1 
HETATM 756 O  O   . HOH D 3 .  ? 15.045  -21.734 1.214   1.00 29.34 ? 561 HOH A O   1 
HETATM 757 O  O   . HOH D 3 .  ? -9.811  19.410  0.516   1.00 45.48 ? 562 HOH A O   1 
HETATM 758 O  O   . HOH D 3 .  ? -5.632  6.692   -8.063  1.00 45.18 ? 563 HOH A O   1 
HETATM 759 O  O   . HOH D 3 .  ? 1.797   14.909  -4.673  1.00 43.36 ? 564 HOH A O   1 
HETATM 760 O  O   . HOH D 3 .  ? 11.940  -10.627 -0.992  1.00 28.25 ? 565 HOH A O   1 
HETATM 761 O  O   . HOH D 3 .  ? 9.494   -7.393  -13.337 1.00 38.19 ? 566 HOH A O   1 
HETATM 762 O  O   . HOH D 3 .  ? -9.235  20.806  6.244   1.00 32.38 ? 567 HOH A O   1 
HETATM 763 O  O   . HOH D 3 .  ? -9.528  12.696  0.946   1.00 32.73 ? 568 HOH A O   1 
HETATM 764 O  O   . HOH D 3 .  ? 7.478   -10.896 -9.686  1.00 25.34 ? 569 HOH A O   1 
HETATM 765 O  O   . HOH D 3 .  ? 8.316   -8.641  -10.960 1.00 26.30 ? 570 HOH A O   1 
HETATM 766 O  O   . HOH D 3 .  ? -12.758 28.245  7.860   1.00 50.19 ? 571 HOH A O   1 
HETATM 767 O  O   . HOH D 3 .  ? 8.643   -12.741 -6.692  1.00 49.34 ? 572 HOH A O   1 
HETATM 768 O  O   . HOH D 3 .  ? 2.710   8.131   -10.226 1.00 55.19 ? 573 HOH A O   1 
HETATM 769 O  O   . HOH D 3 .  ? -9.643  -3.011  4.010   1.00 24.45 ? 574 HOH A O   1 
HETATM 770 O  O   . HOH D 3 .  ? 10.076  -21.634 0.568   1.00 48.11 ? 575 HOH A O   1 
HETATM 771 O  O   . HOH D 3 .  ? -11.254 8.393   17.023  1.00 60.49 ? 576 HOH A O   1 
HETATM 772 O  O   . HOH D 3 .  ? -10.553 22.617  4.792   1.00 30.04 ? 577 HOH A O   1 
HETATM 773 O  O   . HOH D 3 .  ? -9.608  2.014   -7.474  1.00 63.28 ? 578 HOH A O   1 
HETATM 774 O  O   . HOH D 3 .  ? -7.936  15.370  -9.367  1.00 61.35 ? 579 HOH A O   1 
HETATM 775 O  O   . HOH D 3 .  ? 5.254   -20.802 0.130   1.00 53.25 ? 580 HOH A O   1 
HETATM 776 O  O   . HOH D 3 .  ? -5.981  16.185  9.452   1.00 36.31 ? 581 HOH A O   1 
HETATM 777 O  O   . HOH D 3 .  ? -9.497  14.352  -1.669  1.00 49.28 ? 582 HOH A O   1 
HETATM 778 O  O   . HOH D 3 .  ? 2.378   -17.988 -1.147  1.00 27.74 ? 583 HOH A O   1 
HETATM 779 O  O   . HOH D 3 .  ? -9.745  14.164  15.176  1.00 37.21 ? 584 HOH A O   1 
HETATM 780 O  O   . HOH D 3 .  ? -8.262  12.171  -9.789  1.00 49.20 ? 585 HOH A O   1 
HETATM 781 O  O   . HOH D 3 .  ? 8.972   7.257   -6.096  1.00 24.80 ? 586 HOH A O   1 
HETATM 782 O  O   . HOH D 3 .  ? -9.540  4.274   11.362  1.00 36.39 ? 587 HOH A O   1 
HETATM 783 O  O   . HOH D 3 .  ? 5.148   1.246   2.386   1.00 39.70 ? 588 HOH A O   1 
HETATM 784 O  O   . HOH D 3 .  ? -1.861  3.388   12.931  1.00 42.10 ? 589 HOH A O   1 
HETATM 785 O  O   . HOH D 3 .  ? -11.129 7.267   -4.910  1.00 57.24 ? 590 HOH A O   1 
HETATM 786 O  O   . HOH D 3 .  ? -10.340 11.271  14.278  1.00 40.82 ? 591 HOH A O   1 
HETATM 787 O  O   . HOH D 3 .  ? 8.160   -23.761 2.530   1.00 61.86 ? 592 HOH A O   1 
HETATM 788 O  O   . HOH D 3 .  ? -7.405  17.534  3.661   1.00 55.64 ? 593 HOH A O   1 
HETATM 789 O  O   . HOH D 3 .  ? -8.316  4.365   -6.903  1.00 42.92 ? 594 HOH A O   1 
HETATM 790 O  O   . HOH D 3 .  ? 16.460  -19.555 -4.929  1.00 37.85 ? 595 HOH A O   1 
HETATM 791 O  O   . HOH D 3 .  ? 9.999   -14.021 -8.689  1.00 50.58 ? 596 HOH A O   1 
HETATM 792 O  O   . HOH D 3 .  ? 9.968   -24.077 5.314   1.00 65.97 ? 597 HOH A O   1 
HETATM 793 O  O   . HOH D 3 .  ? -2.624  8.220   -14.047 1.00 55.21 ? 598 HOH A O   1 
HETATM 794 O  O   . HOH D 3 .  ? -6.350  17.592  7.162   1.00 34.62 ? 599 HOH A O   1 
HETATM 795 O  O   . HOH D 3 .  ? -7.884  15.859  -4.201  1.00 46.35 ? 600 HOH A O   1 
HETATM 796 O  O   . HOH D 3 .  ? -4.097  26.134  6.642   1.00 55.11 ? 601 HOH A O   1 
HETATM 797 O  O   . HOH D 3 .  ? 9.069   -12.703 9.451   1.00 34.79 ? 602 HOH A O   1 
# 
loop_
_atom_site_anisotrop.id 
_atom_site_anisotrop.type_symbol 
_atom_site_anisotrop.pdbx_label_atom_id 
_atom_site_anisotrop.pdbx_label_alt_id 
_atom_site_anisotrop.pdbx_label_comp_id 
_atom_site_anisotrop.pdbx_label_asym_id 
_atom_site_anisotrop.pdbx_label_seq_id 
_atom_site_anisotrop.pdbx_PDB_ins_code 
_atom_site_anisotrop.U[1][1] 
_atom_site_anisotrop.U[2][2] 
_atom_site_anisotrop.U[3][3] 
_atom_site_anisotrop.U[1][2] 
_atom_site_anisotrop.U[1][3] 
_atom_site_anisotrop.U[2][3] 
_atom_site_anisotrop.pdbx_auth_seq_id 
_atom_site_anisotrop.pdbx_auth_comp_id 
_atom_site_anisotrop.pdbx_auth_asym_id 
_atom_site_anisotrop.pdbx_auth_atom_id 
1   N  N   . GLY A 1  ? 0.3627 0.4963 0.4776 0.0102 0.0209  -0.0045 0  GLY A N   
2   C  CA  . GLY A 1  ? 0.3484 0.4838 0.4556 0.0119 0.0182  -0.0064 0  GLY A CA  
3   C  C   . GLY A 1  ? 0.3407 0.4842 0.4558 0.0157 0.0085  -0.0075 0  GLY A C   
4   O  O   . GLY A 1  ? 0.3385 0.4824 0.4565 0.0183 0.0029  -0.0044 0  GLY A O   
5   N  N   . MSE A 2  ? 0.2453 0.3953 0.3647 0.0158 0.0074  -0.0123 4  MSE A N   
6   C  CA  . MSE A 2  ? 0.2006 0.3580 0.3276 0.0185 -0.0003 -0.0146 4  MSE A CA  
7   C  C   . MSE A 2  ? 0.2279 0.3892 0.3671 0.0199 -0.0050 -0.0134 4  MSE A C   
8   O  O   . MSE A 2  ? 0.2107 0.3731 0.3591 0.0184 -0.0021 -0.0138 4  MSE A O   
9   C  CB  . MSE A 2  ? 0.2155 0.3790 0.3510 0.0171 0.0018  -0.0210 4  MSE A CB  
10  C  CG  . MSE A 2  ? 0.2856 0.4479 0.4105 0.0171 0.0028  -0.0234 4  MSE A CG  
11  SE SE  . MSE A 2  ? 0.3399 0.5110 0.4792 0.0163 0.0040  -0.0317 4  MSE A SE  
12  C  CE  . MSE A 2  ? 0.3037 0.4752 0.4497 0.0121 0.0151  -0.0349 4  MSE A CE  
13  N  N   . GLU A 3  ? 0.1555 0.3193 0.2958 0.0227 -0.0121 -0.0128 5  GLU A N   
14  C  CA  . GLU A 3  ? 0.1345 0.3015 0.2851 0.0239 -0.0160 -0.0118 5  GLU A CA  
15  C  C   . GLU A 3  ? 0.1544 0.3266 0.3116 0.0250 -0.0206 -0.0148 5  GLU A C   
16  O  O   . GLU A 3  ? 0.1478 0.3207 0.3001 0.0262 -0.0242 -0.0154 5  GLU A O   
17  C  CB  . GLU A 3  ? 0.1577 0.3208 0.3033 0.0261 -0.0191 -0.0069 5  GLU A CB  
18  C  CG  . GLU A 3  ? 0.2888 0.4450 0.4278 0.0251 -0.0146 -0.0032 5  GLU A CG  
19  C  CD  . GLU A 3  ? 0.4887 0.6398 0.6204 0.0279 -0.0182 0.0016  5  GLU A CD  
20  O  OE1 . GLU A 3  ? 0.3050 0.4590 0.4366 0.0308 -0.0244 0.0016  5  GLU A OE1 
21  O  OE2 . GLU A 3  ? 0.4602 0.6044 0.5864 0.0273 -0.0146 0.0049  5  GLU A OE2 
22  N  N   . GLY A 4  ? 0.1133 0.2885 0.2811 0.0246 -0.0205 -0.0171 6  GLY A N   
23  C  CA  . GLY A 4  ? 0.0906 0.2685 0.2647 0.0254 -0.0241 -0.0195 6  GLY A CA  
24  C  C   . GLY A 4  ? 0.1270 0.3044 0.3055 0.0265 -0.0266 -0.0167 6  GLY A C   
25  O  O   . GLY A 4  ? 0.1074 0.2829 0.2843 0.0268 -0.0259 -0.0134 6  GLY A O   
26  N  N   . PRO A 5  ? 0.1042 0.2827 0.2879 0.0270 -0.0293 -0.0180 7  PRO A N   
27  C  CA  . PRO A 5  ? 0.0978 0.2753 0.2845 0.0278 -0.0311 -0.0154 7  PRO A CA  
28  C  C   . PRO A 5  ? 0.0987 0.2741 0.2889 0.0282 -0.0296 -0.0141 7  PRO A C   
29  O  O   . PRO A 5  ? 0.0926 0.2670 0.2830 0.0288 -0.0301 -0.0113 7  PRO A O   
30  C  CB  . PRO A 5  ? 0.1262 0.3039 0.3164 0.0275 -0.0327 -0.0176 7  PRO A CB  
31  C  CG  . PRO A 5  ? 0.1954 0.3729 0.3859 0.0270 -0.0318 -0.0212 7  PRO A CG  
32  C  CD  . PRO A 5  ? 0.1450 0.3244 0.3307 0.0266 -0.0304 -0.0216 7  PRO A CD  
33  N  N   . LEU A 6  ? 0.0913 0.2665 0.2845 0.0281 -0.0282 -0.0166 8  LEU A N   
34  C  CA  . LEU A 6  ? 0.0686 0.2424 0.2657 0.0286 -0.0275 -0.0162 8  LEU A CA  
35  C  C   . LEU A 6  ? 0.1295 0.3031 0.3247 0.0277 -0.0249 -0.0140 8  LEU A C   
36  O  O   . LEU A 6  ? 0.1075 0.2794 0.3039 0.0282 -0.0252 -0.0117 8  LEU A O   
37  C  CB  . LEU A 6  ? 0.0651 0.2396 0.2670 0.0293 -0.0272 -0.0205 8  LEU A CB  
38  C  CG  . LEU A 6  ? 0.1171 0.2908 0.3240 0.0304 -0.0276 -0.0215 8  LEU A CG  
39  C  CD1 . LEU A 6  ? 0.1235 0.2934 0.3291 0.0318 -0.0300 -0.0188 8  LEU A CD1 
40  C  CD2 . LEU A 6  ? 0.1369 0.3116 0.3490 0.0318 -0.0286 -0.0265 8  LEU A CD2 
41  N  N   . ASN A 7  ? 0.1018 0.2760 0.2927 0.0263 -0.0222 -0.0142 9  ASN A N   
42  C  CA  . ASN A 7  ? 0.1067 0.2785 0.2933 0.0251 -0.0190 -0.0116 9  ASN A CA  
43  C  C   . ASN A 7  ? 0.1324 0.3017 0.3146 0.0266 -0.0215 -0.0072 9  ASN A C   
44  O  O   . ASN A 7  ? 0.1128 0.2791 0.2948 0.0266 -0.0205 -0.0047 9  ASN A O   
45  C  CB  . ASN A 7  ? 0.1544 0.3257 0.3344 0.0235 -0.0155 -0.0126 9  ASN A CB  
46  C  CG  . ASN A 7  ? 0.4928 0.6591 0.6656 0.0220 -0.0112 -0.0096 9  ASN A CG  
47  O  OD1 . ASN A 7  ? 0.4418 0.6040 0.6083 0.0232 -0.0127 -0.0054 9  ASN A OD1 
48  N  ND2 . ASN A 7  ? 0.4139 0.5799 0.5871 0.0193 -0.0055 -0.0120 9  ASN A ND2 
49  N  N   . LEU A 8  ? 0.0720 0.2427 0.2515 0.0279 -0.0251 -0.0068 10 LEU A N   
50  C  CA  . LEU A 8  ? 0.0695 0.2391 0.2467 0.0297 -0.0278 -0.0036 10 LEU A CA  
51  C  C   . LEU A 8  ? 0.0849 0.2542 0.2683 0.0305 -0.0288 -0.0026 10 LEU A C   
52  O  O   . LEU A 8  ? 0.0898 0.2569 0.2720 0.0317 -0.0293 0.0001  10 LEU A O   
53  C  CB  . LEU A 8  ? 0.0794 0.2518 0.2547 0.0307 -0.0315 -0.0046 10 LEU A CB  
54  C  CG  . LEU A 8  ? 0.1760 0.3472 0.3420 0.0311 -0.0318 -0.0043 10 LEU A CG  
55  C  CD1 . LEU A 8  ? 0.1846 0.3598 0.3507 0.0322 -0.0362 -0.0066 10 LEU A CD1 
56  C  CD2 . LEU A 8  ? 0.2586 0.4245 0.4168 0.0329 -0.0321 -0.0002 10 LEU A CD2 
57  N  N   . ALA A 9  ? 0.0726 0.2431 0.2618 0.0301 -0.0290 -0.0051 11 ALA A N   
58  C  CA  . ALA A 9  ? 0.0795 0.2488 0.2729 0.0310 -0.0297 -0.0045 11 ALA A CA  
59  C  C   . ALA A 9  ? 0.0740 0.2407 0.2681 0.0308 -0.0278 -0.0033 11 ALA A C   
60  O  O   . ALA A 9  ? 0.0734 0.2384 0.2679 0.0318 -0.0283 -0.0012 11 ALA A O   
61  C  CB  . ALA A 9  ? 0.0908 0.2598 0.2871 0.0309 -0.0302 -0.0072 11 ALA A CB  
62  N  N   . HIS A 10 ? 0.0591 0.2260 0.2540 0.0294 -0.0255 -0.0051 12 HIS A N   
63  C  CA  . HIS A 10 ? 0.0466 0.2115 0.2436 0.0285 -0.0229 -0.0049 12 HIS A CA  
64  C  C   . HIS A 10 ? 0.1045 0.2657 0.2958 0.0283 -0.0214 -0.0010 12 HIS A C   
65  O  O   . HIS A 10 ? 0.1121 0.2705 0.3047 0.0285 -0.0208 0.0004  12 HIS A O   
66  C  CB  . HIS A 10 ? 0.0452 0.2121 0.2456 0.0266 -0.0201 -0.0086 12 HIS A CB  
67  C  CG  . HIS A 10 ? 0.0777 0.2473 0.2847 0.0277 -0.0222 -0.0127 12 HIS A CG  
68  N  ND1 . HIS A 10 ? 0.1066 0.2749 0.3175 0.0291 -0.0243 -0.0137 12 HIS A ND1 
69  C  CD2 . HIS A 10 ? 0.1071 0.2793 0.3163 0.0278 -0.0226 -0.0164 12 HIS A CD2 
70  C  CE1 . HIS A 10 ? 0.0916 0.2615 0.3062 0.0305 -0.0265 -0.0175 12 HIS A CE1 
71  N  NE2 . HIS A 10 ? 0.1010 0.2732 0.3153 0.0298 -0.0255 -0.0192 12 HIS A NE2 
72  N  N   . GLN A 11 ? 0.0645 0.2250 0.2488 0.0284 -0.0214 0.0007  13 GLN A N   
73  C  CA  . GLN A 11 ? 0.0724 0.2280 0.2493 0.0292 -0.0209 0.0046  13 GLN A CA  
74  C  C   . GLN A 11 ? 0.0905 0.2455 0.2688 0.0319 -0.0244 0.0067  13 GLN A C   
75  O  O   . GLN A 11 ? 0.1061 0.2565 0.2821 0.0327 -0.0238 0.0094  13 GLN A O   
76  C  CB  . GLN A 11 ? 0.1064 0.2613 0.2744 0.0297 -0.0216 0.0054  13 GLN A CB  
77  C  CG  . GLN A 11 ? 0.2618 0.4094 0.4192 0.0313 -0.0215 0.0097  13 GLN A CG  
78  C  CD  . GLN A 11 ? 0.6849 0.8316 0.8325 0.0332 -0.0244 0.0104  13 GLN A CD  
79  O  OE1 . GLN A 11 ? 0.6122 0.7620 0.7583 0.0320 -0.0240 0.0079  13 GLN A OE1 
80  N  NE2 . GLN A 11 ? 0.6862 0.8283 0.8265 0.0365 -0.0275 0.0138  13 GLN A NE2 
81  N  N   . GLN A 12 ? 0.0512 0.2110 0.2334 0.0332 -0.0278 0.0053  14 GLN A N   
82  C  CA  . GLN A 12 ? 0.0517 0.2117 0.2364 0.0355 -0.0302 0.0065  14 GLN A CA  
83  C  C   . GLN A 12 ? 0.1008 0.2586 0.2899 0.0352 -0.0288 0.0065  14 GLN A C   
84  O  O   . GLN A 12 ? 0.0918 0.2476 0.2816 0.0369 -0.0296 0.0082  14 GLN A O   
85  C  CB  . GLN A 12 ? 0.0691 0.2342 0.2578 0.0361 -0.0328 0.0045  14 GLN A CB  
86  C  CG  . GLN A 12 ? 0.1289 0.2968 0.3142 0.0369 -0.0353 0.0040  14 GLN A CG  
87  C  CD  . GLN A 12 ? 0.1956 0.3617 0.3771 0.0399 -0.0379 0.0064  14 GLN A CD  
88  O  OE1 . GLN A 12 ? 0.2040 0.3710 0.3898 0.0417 -0.0393 0.0068  14 GLN A OE1 
89  N  NE2 . GLN A 12 ? 0.2724 0.4356 0.4456 0.0407 -0.0386 0.0079  14 GLN A NE2 
90  N  N   . SER A 13 ? 0.0735 0.2320 0.2662 0.0335 -0.0273 0.0040  15 SER A N   
91  C  CA  . SER A 13 ? 0.0582 0.2148 0.2548 0.0336 -0.0268 0.0032  15 SER A CA  
92  C  C   . SER A 13 ? 0.1240 0.2763 0.3195 0.0329 -0.0245 0.0049  15 SER A C   
93  O  O   . SER A 13 ? 0.1074 0.2570 0.3040 0.0340 -0.0248 0.0058  15 SER A O   
94  C  CB  . SER A 13 ? 0.0725 0.2309 0.2728 0.0327 -0.0268 -0.0003 15 SER A CB  
95  O  OG  . SER A 13 ? 0.0997 0.2560 0.3028 0.0334 -0.0273 -0.0016 15 SER A OG  
96  N  N   . ARG A 14 ? 0.1149 0.2656 0.3071 0.0310 -0.0216 0.0054  16 ARG A N   
97  C  CA  . ARG A 14 ? 0.1326 0.2773 0.3223 0.0296 -0.0183 0.0072  16 ARG A CA  
98  C  C   . ARG A 14 ? 0.1538 0.2937 0.3378 0.0323 -0.0198 0.0113  16 ARG A C   
99  O  O   . ARG A 14 ? 0.1737 0.3089 0.3584 0.0326 -0.0189 0.0124  16 ARG A O   
100 C  CB  . ARG A 14 ? 0.1506 0.2935 0.3361 0.0268 -0.0141 0.0071  16 ARG A CB  
101 C  CG  . ARG A 14 ? 0.2383 0.3864 0.4307 0.0243 -0.0123 0.0024  16 ARG A CG  
102 C  CD  . ARG A 14 ? 0.3421 0.4878 0.5312 0.0209 -0.0065 0.0017  16 ARG A CD  
103 N  NE  . ARG A 14 ? 0.3964 0.5395 0.5747 0.0216 -0.0063 0.0047  16 ARG A NE  
104 C  CZ  . ARG A 14 ? 0.5650 0.7126 0.7423 0.0215 -0.0069 0.0026  16 ARG A CZ  
105 N  NH1 . ARG A 14 ? 0.3791 0.5336 0.5656 0.0212 -0.0081 -0.0019 16 ARG A NH1 
106 N  NH2 . ARG A 14 ? 0.4200 0.5646 0.5867 0.0222 -0.0070 0.0050  16 ARG A NH2 
107 N  N   . ARG A 15 ? 0.1065 0.2477 0.2856 0.0345 -0.0228 0.0129  17 ARG A N   
108 C  CA  . ARG A 15 ? 0.1097 0.2473 0.2841 0.0379 -0.0254 0.0162  17 ARG A CA  
109 C  C   . ARG A 15 ? 0.1611 0.3004 0.3420 0.0400 -0.0275 0.0155  17 ARG A C   
110 O  O   . ARG A 15 ? 0.1378 0.2720 0.3170 0.0421 -0.0279 0.0177  17 ARG A O   
111 C  CB  . ARG A 15 ? 0.1268 0.2678 0.2970 0.0400 -0.0290 0.0164  17 ARG A CB  
112 C  CG  . ARG A 15 ? 0.2960 0.4342 0.4616 0.0445 -0.0332 0.0189  17 ARG A CG  
113 C  CD  . ARG A 15 ? 0.5491 0.6765 0.7036 0.0457 -0.0319 0.0229  17 ARG A CD  
114 N  NE  . ARG A 15 ? 0.7193 0.8444 0.8694 0.0510 -0.0372 0.0248  17 ARG A NE  
115 C  CZ  . ARG A 15 ? 0.9574 1.0719 1.0985 0.0537 -0.0375 0.0286  17 ARG A CZ  
116 N  NH1 . ARG A 15 ? 0.7981 0.9032 0.9338 0.0508 -0.0319 0.0310  17 ARG A NH1 
117 N  NH2 . ARG A 15 ? 0.8277 0.9407 0.9656 0.0594 -0.0434 0.0296  17 ARG A NH2 
118 N  N   . ALA A 16 ? 0.1056 0.2509 0.2934 0.0394 -0.0283 0.0126  18 ALA A N   
119 C  CA  . ALA A 16 ? 0.0996 0.2463 0.2926 0.0411 -0.0295 0.0116  18 ALA A CA  
120 C  C   . ALA A 16 ? 0.1261 0.2676 0.3204 0.0408 -0.0276 0.0119  18 ALA A C   
121 O  O   . ALA A 16 ? 0.0959 0.2353 0.2911 0.0431 -0.0284 0.0127  18 ALA A O   
122 C  CB  . ALA A 16 ? 0.1095 0.2610 0.3068 0.0401 -0.0298 0.0087  18 ALA A CB  
123 N  N   . ASP A 17 ? 0.0879 0.2272 0.2826 0.0380 -0.0250 0.0108  19 ASP A N   
124 C  CA  . ASP A 17 ? 0.0838 0.2184 0.2806 0.0371 -0.0231 0.0103  19 ASP A CA  
125 C  C   . ASP A 17 ? 0.1464 0.2736 0.3382 0.0382 -0.0220 0.0138  19 ASP A C   
126 O  O   . ASP A 17 ? 0.1537 0.2772 0.3470 0.0395 -0.0221 0.0140  19 ASP A O   
127 C  CB  . ASP A 17 ? 0.1057 0.2408 0.3056 0.0336 -0.0205 0.0074  19 ASP A CB  
128 C  CG  . ASP A 17 ? 0.1824 0.3230 0.3870 0.0335 -0.0223 0.0036  19 ASP A CG  
129 O  OD1 . ASP A 17 ? 0.1561 0.2985 0.3606 0.0356 -0.0247 0.0034  19 ASP A OD1 
130 O  OD2 . ASP A 17 ? 0.2008 0.3435 0.4089 0.0313 -0.0212 0.0005  19 ASP A OD2 
131 N  N   . ARG A 18 ? 0.1216 0.2458 0.3066 0.0379 -0.0211 0.0166  20 ARG A N   
132 C  CA  . ARG A 18 ? 0.1411 0.2562 0.3183 0.0395 -0.0204 0.0205  20 ARG A CA  
133 C  C   . ARG A 18 ? 0.1695 0.2845 0.3469 0.0444 -0.0247 0.0218  20 ARG A C   
134 O  O   . ARG A 18 ? 0.1594 0.2678 0.3357 0.0462 -0.0245 0.0234  20 ARG A O   
135 C  CB  . ARG A 18 ? 0.1614 0.2733 0.3291 0.0391 -0.0196 0.0231  20 ARG A CB  
136 C  CG  . ARG A 18 ? 0.3096 0.4201 0.4765 0.0340 -0.0141 0.0218  20 ARG A CG  
137 C  CD  . ARG A 18 ? 0.6202 0.7243 0.7750 0.0336 -0.0122 0.0249  20 ARG A CD  
138 N  NE  . ARG A 18 ? 0.8541 0.9562 1.0087 0.0283 -0.0056 0.0233  20 ARG A NE  
139 C  CZ  . ARG A 18 ? 1.0496 1.1587 1.2072 0.0259 -0.0042 0.0202  20 ARG A CZ  
140 N  NH1 . ARG A 18 ? 0.8906 1.0085 1.0509 0.0281 -0.0091 0.0187  20 ARG A NH1 
141 N  NH2 . ARG A 18 ? 0.8876 0.9952 1.0465 0.0210 0.0023  0.0182  20 ARG A NH2 
142 N  N   . LEU A 19 ? 0.1271 0.2499 0.3068 0.0465 -0.0284 0.0208  21 LEU A N   
143 C  CA  . LEU A 19 ? 0.1243 0.2488 0.3061 0.0511 -0.0322 0.0210  21 LEU A CA  
144 C  C   . LEU A 19 ? 0.1459 0.2713 0.3349 0.0516 -0.0316 0.0190  21 LEU A C   
145 O  O   . LEU A 19 ? 0.1502 0.2723 0.3396 0.0552 -0.0331 0.0198  21 LEU A O   
146 C  CB  . LEU A 19 ? 0.1181 0.2516 0.3027 0.0523 -0.0355 0.0192  21 LEU A CB  
147 C  CG  . LEU A 19 ? 0.1803 0.3133 0.3572 0.0529 -0.0374 0.0208  21 LEU A CG  
148 C  CD1 . LEU A 19 ? 0.1632 0.3057 0.3447 0.0521 -0.0392 0.0178  21 LEU A CD1 
149 C  CD2 . LEU A 19 ? 0.2183 0.3459 0.3888 0.0581 -0.0415 0.0234  21 LEU A CD2 
150 N  N   . LEU A 20 ? 0.1027 0.2323 0.2968 0.0487 -0.0297 0.0161  22 LEU A N   
151 C  CA  . LEU A 20 ? 0.0817 0.2116 0.2809 0.0492 -0.0291 0.0139  22 LEU A CA  
152 C  C   . LEU A 20 ? 0.1235 0.2451 0.3215 0.0493 -0.0274 0.0148  22 LEU A C   
153 O  O   . LEU A 20 ? 0.1318 0.2515 0.3321 0.0517 -0.0279 0.0143  22 LEU A O   
154 C  CB  . LEU A 20 ? 0.0672 0.2011 0.2693 0.0465 -0.0279 0.0108  22 LEU A CB  
155 C  CG  . LEU A 20 ? 0.1005 0.2342 0.3059 0.0471 -0.0273 0.0082  22 LEU A CG  
156 C  CD1 . LEU A 20 ? 0.0943 0.2317 0.3024 0.0497 -0.0281 0.0075  22 LEU A CD1 
157 C  CD2 . LEU A 20 ? 0.0798 0.2153 0.2854 0.0448 -0.0269 0.0056  22 LEU A CD2 
158 N  N   . ALA A 21 ? 0.1274 0.2437 0.3219 0.0464 -0.0249 0.0160  23 ALA A N   
159 C  CA  . ALA A 21 ? 0.1338 0.2414 0.3272 0.0455 -0.0225 0.0168  23 ALA A CA  
160 C  C   . ALA A 21 ? 0.1716 0.2719 0.3599 0.0497 -0.0240 0.0203  23 ALA A C   
161 O  O   . ALA A 21 ? 0.1897 0.2831 0.3784 0.0507 -0.0231 0.0206  23 ALA A O   
162 C  CB  . ALA A 21 ? 0.1492 0.2528 0.3402 0.0411 -0.0187 0.0171  23 ALA A CB  
163 N  N   . ALA A 22 ? 0.1310 0.2325 0.3146 0.0524 -0.0268 0.0228  24 ALA A N   
164 C  CA  . ALA A 22 ? 0.1493 0.2445 0.3277 0.0575 -0.0296 0.0259  24 ALA A CA  
165 C  C   . ALA A 22 ? 0.2006 0.3018 0.3862 0.0621 -0.0334 0.0236  24 ALA A C   
166 O  O   . ALA A 22 ? 0.1886 0.2856 0.3719 0.0673 -0.0366 0.0252  24 ALA A O   
167 C  CB  . ALA A 22 ? 0.1700 0.2645 0.3403 0.0589 -0.0318 0.0286  24 ALA A CB  
168 N  N   . GLY A 23 ? 0.1397 0.2499 0.3335 0.0605 -0.0326 0.0198  25 GLY A N   
169 C  CA  . GLY A 23 ? 0.1407 0.2571 0.3420 0.0639 -0.0346 0.0170  25 GLY A CA  
170 C  C   . GLY A 23 ? 0.1635 0.2886 0.3675 0.0662 -0.0380 0.0161  25 GLY A C   
171 O  O   . GLY A 23 ? 0.1580 0.2886 0.3689 0.0695 -0.0397 0.0136  25 GLY A O   
172 N  N   . LYS A 24 ? 0.1277 0.2552 0.3276 0.0640 -0.0386 0.0172  26 LYS A N   
173 C  CA  . LYS A 24 ? 0.1296 0.2654 0.3322 0.0658 -0.0420 0.0159  26 LYS A CA  
174 C  C   . LYS A 24 ? 0.1323 0.2766 0.3409 0.0620 -0.0396 0.0125  26 LYS A C   
175 O  O   . LYS A 24 ? 0.1122 0.2585 0.3181 0.0589 -0.0390 0.0127  26 LYS A O   
176 C  CB  . LYS A 24 ? 0.1718 0.3038 0.3648 0.0661 -0.0442 0.0189  26 LYS A CB  
177 C  CG  . LYS A 24 ? 0.2924 0.4139 0.4771 0.0704 -0.0466 0.0226  26 LYS A CG  
178 C  CD  . LYS A 24 ? 0.4182 0.5341 0.5910 0.0706 -0.0480 0.0258  26 LYS A CD  
179 C  CE  . LYS A 24 ? 0.5671 0.6717 0.7300 0.0762 -0.0516 0.0295  26 LYS A CE  
180 N  NZ  . LYS A 24 ? 0.7068 0.8055 0.8561 0.0770 -0.0533 0.0325  26 LYS A NZ  
181 N  N   . TYR A 25 ? 0.1043 0.2525 0.3203 0.0624 -0.0382 0.0095  27 TYR A N   
182 C  CA  . TYR A 25 ? 0.0883 0.2418 0.3084 0.0589 -0.0351 0.0065  27 TYR A CA  
183 C  C   . TYR A 25 ? 0.0936 0.2550 0.3169 0.0578 -0.0362 0.0048  27 TYR A C   
184 O  O   . TYR A 25 ? 0.0749 0.2370 0.2958 0.0541 -0.0344 0.0045  27 TYR A O   
185 C  CB  . TYR A 25 ? 0.0817 0.2370 0.3082 0.0601 -0.0328 0.0035  27 TYR A CB  
186 C  CG  . TYR A 25 ? 0.0731 0.2208 0.2966 0.0603 -0.0310 0.0044  27 TYR A CG  
187 C  CD1 . TYR A 25 ? 0.0868 0.2313 0.3070 0.0570 -0.0282 0.0038  27 TYR A CD1 
188 C  CD2 . TYR A 25 ? 0.0788 0.2221 0.3031 0.0640 -0.0326 0.0053  27 TYR A CD2 
189 C  CE1 . TYR A 25 ? 0.1058 0.2438 0.3239 0.0572 -0.0269 0.0037  27 TYR A CE1 
190 C  CE2 . TYR A 25 ? 0.0928 0.2288 0.3145 0.0639 -0.0308 0.0057  27 TYR A CE2 
191 C  CZ  . TYR A 25 ? 0.1061 0.2401 0.3255 0.0604 -0.0279 0.0045  27 TYR A CZ  
192 O  OH  . TYR A 25 ? 0.1488 0.2760 0.3664 0.0602 -0.0267 0.0042  27 TYR A OH  
193 N  N   . GLU A 26 ? 0.0934 0.2605 0.3222 0.0610 -0.0395 0.0031  28 GLU A N   
194 C  CA  . GLU A 26 ? 0.0717 0.2469 0.3050 0.0598 -0.0407 0.0005  28 GLU A CA  
195 C  C   . GLU A 26 ? 0.1311 0.3046 0.3566 0.0581 -0.0424 0.0028  28 GLU A C   
196 O  O   . GLU A 26 ? 0.1146 0.2915 0.3410 0.0546 -0.0408 0.0013  28 GLU A O   
197 C  CB  . GLU A 26 ? 0.0896 0.2716 0.3312 0.0642 -0.0449 -0.0024 28 GLU A CB  
198 C  CG  . GLU A 26 ? 0.1792 0.3708 0.4287 0.0621 -0.0449 -0.0068 28 GLU A CG  
199 C  CD  . GLU A 26 ? 0.2615 0.4616 0.5214 0.0664 -0.0495 -0.0111 28 GLU A CD  
200 O  OE1 . GLU A 26 ? 0.1983 0.3968 0.4599 0.0714 -0.0523 -0.0109 28 GLU A OE1 
201 O  OE2 . GLU A 26 ? 0.2233 0.4318 0.4904 0.0649 -0.0503 -0.0151 28 GLU A OE2 
202 N  N   . GLU A 27 ? 0.1128 0.2799 0.3303 0.0603 -0.0450 0.0064  29 GLU A N   
203 C  CA  . GLU A 27 ? 0.1041 0.2686 0.3132 0.0588 -0.0459 0.0087  29 GLU A CA  
204 C  C   . GLU A 27 ? 0.1285 0.2906 0.3350 0.0540 -0.0415 0.0091  29 GLU A C   
205 O  O   . GLU A 27 ? 0.1214 0.2854 0.3254 0.0516 -0.0412 0.0086  29 GLU A O   
206 C  CB  . GLU A 27 ? 0.1298 0.2859 0.3294 0.0620 -0.0484 0.0126  29 GLU A CB  
207 C  CG  . GLU A 27 ? 0.2256 0.3842 0.4257 0.0675 -0.0546 0.0118  29 GLU A CG  
208 C  CD  . GLU A 27 ? 0.5506 0.6988 0.7407 0.0722 -0.0576 0.0158  29 GLU A CD  
209 O  OE1 . GLU A 27 ? 0.4965 0.6359 0.6751 0.0705 -0.0556 0.0196  29 GLU A OE1 
210 O  OE2 . GLU A 27 ? 0.5847 0.7338 0.7786 0.0775 -0.0619 0.0147  29 GLU A OE2 
211 N  N   . ALA A 28 ? 0.0950 0.2529 0.3020 0.0529 -0.0384 0.0097  30 ALA A N   
212 C  CA  . ALA A 28 ? 0.0849 0.2411 0.2904 0.0491 -0.0351 0.0093  30 ALA A CA  
213 C  C   . ALA A 28 ? 0.1001 0.2614 0.3095 0.0469 -0.0339 0.0064  30 ALA A C   
214 O  O   . ALA A 28 ? 0.0871 0.2485 0.2943 0.0445 -0.0330 0.0060  30 ALA A O   
215 C  CB  . ALA A 28 ? 0.1007 0.2514 0.3061 0.0489 -0.0329 0.0098  30 ALA A CB  
216 N  N   . ILE A 29 ? 0.0836 0.2488 0.2990 0.0478 -0.0335 0.0043  31 ILE A N   
217 C  CA  . ILE A 29 ? 0.0653 0.2340 0.2836 0.0454 -0.0315 0.0015  31 ILE A CA  
218 C  C   . ILE A 29 ? 0.1062 0.2793 0.3248 0.0443 -0.0333 0.0007  31 ILE A C   
219 O  O   . ILE A 29 ? 0.0969 0.2697 0.3137 0.0416 -0.0318 -0.0001 31 ILE A O   
220 C  CB  . ILE A 29 ? 0.0806 0.2526 0.3059 0.0464 -0.0298 -0.0011 31 ILE A CB  
221 C  CG1 . ILE A 29 ? 0.0783 0.2449 0.3016 0.0463 -0.0268 -0.0009 31 ILE A CG1 
222 C  CG2 . ILE A 29 ? 0.1205 0.2976 0.3507 0.0439 -0.0278 -0.0042 31 ILE A CG2 
223 C  CD1 . ILE A 29 ? 0.0973 0.2658 0.3268 0.0486 -0.0256 -0.0027 31 ILE A CD1 
224 N  N   . SER A 30 ? 0.0839 0.2607 0.3039 0.0468 -0.0370 0.0008  32 SER A N   
225 C  CA  . SER A 30 ? 0.0646 0.2457 0.2843 0.0461 -0.0394 -0.0004 32 SER A CA  
226 C  C   . SER A 30 ? 0.1046 0.2817 0.3169 0.0440 -0.0387 0.0015  32 SER A C   
227 O  O   . SER A 30 ? 0.1102 0.2894 0.3226 0.0417 -0.0381 -0.0003 32 SER A O   
228 C  CB  . SER A 30 ? 0.0758 0.2594 0.2958 0.0500 -0.0444 -0.0003 32 SER A CB  
229 O  OG  . SER A 30 ? 0.1997 0.3892 0.4293 0.0520 -0.0453 -0.0035 32 SER A OG  
230 N  N   . CYS A 31 ? 0.0690 0.2400 0.2752 0.0445 -0.0381 0.0045  33 CYS A N   
231 C  CA  . CYS A 31 ? 0.0558 0.2240 0.2566 0.0423 -0.0367 0.0055  33 CYS A CA  
232 C  C   . CYS A 31 ? 0.0854 0.2535 0.2881 0.0397 -0.0343 0.0037  33 CYS A C   
233 O  O   . CYS A 31 ? 0.0896 0.2579 0.2902 0.0379 -0.0339 0.0027  33 CYS A O   
234 C  CB  . CYS A 31 ? 0.0846 0.2464 0.2803 0.0428 -0.0356 0.0083  33 CYS A CB  
235 S  SG  . CYS A 31 ? 0.1732 0.3314 0.3618 0.0458 -0.0383 0.0113  33 CYS A SG  
236 N  N   . HIS A 32 ? 0.0559 0.2220 0.2610 0.0397 -0.0327 0.0031  34 HIS A N   
237 C  CA  . HIS A 32 ? 0.0548 0.2190 0.2595 0.0379 -0.0308 0.0016  34 HIS A CA  
238 C  C   . HIS A 32 ? 0.0808 0.2477 0.2873 0.0364 -0.0304 -0.0005 34 HIS A C   
239 O  O   . HIS A 32 ? 0.0495 0.2005 0.2394 0.0321 -0.0278 -0.0020 34 HIS A O   
240 C  CB  . HIS A 32 ? 0.0561 0.2163 0.2609 0.0385 -0.0292 0.0015  34 HIS A CB  
241 C  CG  . HIS A 32 ? 0.0953 0.2520 0.2984 0.0391 -0.0294 0.0026  34 HIS A CG  
242 N  ND1 . HIS A 32 ? 0.0983 0.2530 0.2997 0.0382 -0.0295 0.0017  34 HIS A ND1 
243 C  CD2 . HIS A 32 ? 0.0812 0.2359 0.2851 0.0406 -0.0293 0.0038  34 HIS A CD2 
244 C  CE1 . HIS A 32 ? 0.0802 0.2322 0.2818 0.0386 -0.0292 0.0022  34 HIS A CE1 
245 N  NE2 . HIS A 32 ? 0.0716 0.2230 0.2742 0.0400 -0.0290 0.0037  34 HIS A NE2 
246 N  N   . LYS A 33 ? 0.0842 0.2556 0.2952 0.0367 -0.0308 -0.0016 35 LYS A N   
247 C  CA  . LYS A 33 ? 0.0668 0.2415 0.2811 0.0349 -0.0301 -0.0042 35 LYS A CA  
248 C  C   . LYS A 33 ? 0.1185 0.2956 0.3311 0.0343 -0.0324 -0.0048 35 LYS A C   
249 O  O   . LYS A 33 ? 0.1067 0.2838 0.3194 0.0321 -0.0314 -0.0066 35 LYS A O   
250 C  CB  . LYS A 33 ? 0.0775 0.2575 0.2993 0.0353 -0.0299 -0.0062 35 LYS A CB  
251 C  CG  . LYS A 33 ? 0.0874 0.2643 0.3103 0.0352 -0.0262 -0.0065 35 LYS A CG  
252 C  CD  . LYS A 33 ? 0.1398 0.3229 0.3721 0.0359 -0.0256 -0.0091 35 LYS A CD  
253 C  CE  . LYS A 33 ? 0.1072 0.2961 0.3463 0.0334 -0.0248 -0.0129 35 LYS A CE  
254 N  NZ  . LYS A 33 ? 0.1966 0.3914 0.4460 0.0335 -0.0227 -0.0165 35 LYS A NZ  
255 N  N   . LYS A 34 ? 0.0819 0.2605 0.2920 0.0361 -0.0351 -0.0032 36 LYS A N   
256 C  CA  . LYS A 34 ? 0.0810 0.2611 0.2877 0.0356 -0.0370 -0.0036 36 LYS A CA  
257 C  C   . LYS A 34 ? 0.1201 0.2963 0.3229 0.0341 -0.0351 -0.0034 36 LYS A C   
258 O  O   . LYS A 34 ? 0.0928 0.2696 0.2947 0.0326 -0.0350 -0.0052 36 LYS A O   
259 C  CB  . LYS A 34 ? 0.1180 0.2981 0.3203 0.0381 -0.0398 -0.0017 36 LYS A CB  
260 C  CG  . LYS A 34 ? 0.1379 0.3230 0.3443 0.0405 -0.0433 -0.0030 36 LYS A CG  
261 C  CD  . LYS A 34 ? 0.1722 0.3545 0.3728 0.0441 -0.0461 -0.0001 36 LYS A CD  
262 C  CE  . LYS A 34 ? 0.2520 0.4390 0.4585 0.0475 -0.0500 -0.0017 36 LYS A CE  
263 N  NZ  . LYS A 34 ? 0.3609 0.5439 0.5599 0.0517 -0.0539 0.0011  36 LYS A NZ  
264 N  N   . ALA A 35 ? 0.0815 0.2535 0.2825 0.0346 -0.0336 -0.0016 37 ALA A N   
265 C  CA  . ALA A 35 ? 0.0707 0.2398 0.2698 0.0335 -0.0324 -0.0023 37 ALA A CA  
266 C  C   . ALA A 35 ? 0.0689 0.2364 0.2688 0.0324 -0.0317 -0.0043 37 ALA A C   
267 O  O   . ALA A 35 ? 0.0827 0.2498 0.2815 0.0317 -0.0319 -0.0060 37 ALA A O   
268 C  CB  . ALA A 35 ? 0.0811 0.2467 0.2798 0.0341 -0.0314 -0.0010 37 ALA A CB  
269 N  N   . ALA A 36 ? 0.0857 0.2518 0.2871 0.0323 -0.0308 -0.0046 38 ALA A N   
270 C  CA  . ALA A 36 ? 0.0954 0.2576 0.2956 0.0311 -0.0295 -0.0061 38 ALA A CA  
271 C  C   . ALA A 36 ? 0.1205 0.2856 0.3223 0.0294 -0.0297 -0.0081 38 ALA A C   
272 O  O   . ALA A 36 ? 0.1121 0.2735 0.3115 0.0287 -0.0293 -0.0095 38 ALA A O   
273 C  CB  . ALA A 36 ? 0.1025 0.2622 0.3034 0.0309 -0.0272 -0.0059 38 ALA A CB  
274 N  N   . ALA A 37 ? 0.0817 0.2530 0.2871 0.0291 -0.0309 -0.0087 39 ALA A N   
275 C  CA  . ALA A 37 ? 0.0645 0.2396 0.2722 0.0276 -0.0316 -0.0114 39 ALA A CA  
276 C  C   . ALA A 37 ? 0.1017 0.2765 0.3057 0.0278 -0.0329 -0.0119 39 ALA A C   
277 O  O   . ALA A 37 ? 0.1265 0.3000 0.3301 0.0264 -0.0325 -0.0141 39 ALA A O   
278 C  CB  . ALA A 37 ? 0.0745 0.2564 0.2865 0.0282 -0.0338 -0.0123 39 ALA A CB  
279 N  N   . TYR A 38 ? 0.0564 0.2317 0.2575 0.0293 -0.0338 -0.0101 40 TYR A N   
280 C  CA  . TYR A 38 ? 0.0600 0.2354 0.2579 0.0291 -0.0340 -0.0109 40 TYR A CA  
281 C  C   . TYR A 38 ? 0.0857 0.2567 0.2832 0.0290 -0.0328 -0.0120 40 TYR A C   
282 O  O   . TYR A 38 ? 0.0857 0.2566 0.2823 0.0285 -0.0328 -0.0142 40 TYR A O   
283 C  CB  . TYR A 38 ? 0.0949 0.2706 0.2895 0.0302 -0.0341 -0.0087 40 TYR A CB  
284 C  CG  . TYR A 38 ? 0.1457 0.3243 0.3382 0.0312 -0.0361 -0.0077 40 TYR A CG  
285 C  CD1 . TYR A 38 ? 0.1803 0.3620 0.3714 0.0310 -0.0380 -0.0099 40 TYR A CD1 
286 C  CD2 . TYR A 38 ? 0.1535 0.3308 0.3445 0.0329 -0.0366 -0.0047 40 TYR A CD2 
287 C  CE1 . TYR A 38 ? 0.2257 0.4095 0.4141 0.0327 -0.0410 -0.0093 40 TYR A CE1 
288 C  CE2 . TYR A 38 ? 0.1822 0.3609 0.3699 0.0347 -0.0392 -0.0037 40 TYR A CE2 
289 C  CZ  . TYR A 38 ? 0.2952 0.4772 0.4815 0.0348 -0.0418 -0.0061 40 TYR A CZ  
290 O  OH  . TYR A 38 ? 0.3388 0.5216 0.5210 0.0375 -0.0454 -0.0054 40 TYR A OH  
291 N  N   . LEU A 39 ? 0.0610 0.2279 0.2586 0.0298 -0.0322 -0.0108 41 LEU A N   
292 C  CA  . LEU A 39 ? 0.0594 0.2214 0.2559 0.0306 -0.0322 -0.0121 41 LEU A CA  
293 C  C   . LEU A 39 ? 0.1174 0.2756 0.3126 0.0297 -0.0319 -0.0139 41 LEU A C   
294 O  O   . LEU A 39 ? 0.1116 0.2667 0.3055 0.0304 -0.0325 -0.0158 41 LEU A O   
295 C  CB  . LEU A 39 ? 0.0677 0.2254 0.2632 0.0322 -0.0323 -0.0107 41 LEU A CB  
296 C  CG  . LEU A 39 ? 0.1093 0.2692 0.3064 0.0329 -0.0325 -0.0101 41 LEU A CG  
297 C  CD1 . LEU A 39 ? 0.0925 0.2496 0.2892 0.0341 -0.0325 -0.0085 41 LEU A CD1 
298 C  CD2 . LEU A 39 ? 0.1039 0.2641 0.3026 0.0338 -0.0333 -0.0130 41 LEU A CD2 
299 N  N   . SER A 40 ? 0.1004 0.2586 0.2965 0.0281 -0.0307 -0.0135 42 SER A N   
300 C  CA  . SER A 40 ? 0.1098 0.2643 0.3053 0.0263 -0.0294 -0.0153 42 SER A CA  
301 C  C   . SER A 40 ? 0.1523 0.3101 0.3490 0.0255 -0.0305 -0.0180 42 SER A C   
302 O  O   . SER A 40 ? 0.1441 0.2966 0.3387 0.0252 -0.0302 -0.0198 42 SER A O   
303 C  CB  . SER A 40 ? 0.1529 0.3093 0.3518 0.0241 -0.0273 -0.0154 42 SER A CB  
304 O  OG  . SER A 40 ? 0.1707 0.3222 0.3673 0.0246 -0.0255 -0.0133 42 SER A OG  
305 N  N   . GLU A 41 ? 0.1120 0.2772 0.3105 0.0255 -0.0319 -0.0183 43 GLU A N   
306 C  CA  . GLU A 41 ? 0.1249 0.2935 0.3234 0.0250 -0.0329 -0.0209 43 GLU A CA  
307 C  C   . GLU A 41 ? 0.1445 0.3105 0.3409 0.0265 -0.0330 -0.0219 43 GLU A C   
308 O  O   . GLU A 41 ? 0.1432 0.3070 0.3391 0.0263 -0.0331 -0.0246 43 GLU A O   
309 C  CB  . GLU A 41 ? 0.1380 0.3133 0.3364 0.0251 -0.0344 -0.0205 43 GLU A CB  
310 C  CG  . GLU A 41 ? 0.1958 0.3751 0.3978 0.0243 -0.0354 -0.0209 43 GLU A CG  
311 C  CD  . GLU A 41 ? 0.3260 0.5108 0.5265 0.0256 -0.0381 -0.0204 43 GLU A CD  
312 O  OE1 . GLU A 41 ? 0.2498 0.4341 0.4457 0.0271 -0.0382 -0.0183 43 GLU A OE1 
313 O  OE2 . GLU A 41 ? 0.2908 0.4800 0.4949 0.0252 -0.0401 -0.0225 43 GLU A OE2 
314 N  N   . ALA A 42 ? 0.0978 0.2643 0.2941 0.0281 -0.0329 -0.0200 44 ALA A N   
315 C  CA  . ALA A 42 ? 0.0933 0.2589 0.2899 0.0295 -0.0329 -0.0219 44 ALA A CA  
316 C  C   . ALA A 42 ? 0.1028 0.2616 0.2987 0.0311 -0.0339 -0.0235 44 ALA A C   
317 O  O   . ALA A 42 ? 0.0976 0.2557 0.2944 0.0322 -0.0345 -0.0266 44 ALA A O   
318 C  CB  . ALA A 42 ? 0.0964 0.2635 0.2942 0.0304 -0.0325 -0.0203 44 ALA A CB  
319 N  N   . MSE A 43 ? 0.0989 0.2519 0.2926 0.0312 -0.0339 -0.0216 45 MSE A N   
320 C  CA  . MSE A 43 ? 0.0968 0.2404 0.2867 0.0330 -0.0348 -0.0224 45 MSE A CA  
321 C  C   . MSE A 43 ? 0.1760 0.3165 0.3651 0.0320 -0.0344 -0.0250 45 MSE A C   
322 O  O   . MSE A 43 ? 0.1854 0.3188 0.3717 0.0342 -0.0358 -0.0265 45 MSE A O   
323 C  CB  . MSE A 43 ? 0.0925 0.2297 0.2785 0.0325 -0.0336 -0.0195 45 MSE A CB  
324 C  CG  . MSE A 43 ? 0.1203 0.2556 0.3048 0.0351 -0.0350 -0.0180 45 MSE A CG  
325 SE SE  . MSE A 43 ? 0.1696 0.3009 0.3505 0.0338 -0.0324 -0.0144 45 MSE A SE  
326 C  CE  . MSE A 43 ? 0.1740 0.2894 0.3446 0.0351 -0.0318 -0.0143 45 MSE A CE  
327 N  N   . LYS A 44 ? 0.1395 0.2852 0.3308 0.0290 -0.0332 -0.0258 46 LYS A N   
328 C  CA  . LYS A 44 ? 0.1519 0.2954 0.3431 0.0277 -0.0328 -0.0288 46 LYS A CA  
329 C  C   . LYS A 44 ? 0.1840 0.3308 0.3768 0.0294 -0.0341 -0.0322 46 LYS A C   
330 O  O   . LYS A 44 ? 0.1944 0.3374 0.3865 0.0294 -0.0342 -0.0350 46 LYS A O   
331 C  CB  . LYS A 44 ? 0.1670 0.3162 0.3609 0.0241 -0.0318 -0.0296 46 LYS A CB  
332 C  CG  . LYS A 44 ? 0.2320 0.3785 0.4261 0.0221 -0.0298 -0.0276 46 LYS A CG  
333 C  CD  . LYS A 44 ? 0.4292 0.5758 0.6262 0.0185 -0.0282 -0.0303 46 LYS A CD  
334 C  CE  . LYS A 44 ? 0.6052 0.7486 0.8033 0.0160 -0.0251 -0.0289 46 LYS A CE  
335 N  NZ  . LYS A 44 ? 0.7607 0.9132 0.9636 0.0158 -0.0257 -0.0277 46 LYS A NZ  
336 N  N   . LEU A 45 ? 0.1346 0.2875 0.3295 0.0307 -0.0345 -0.0320 47 LEU A N   
337 C  CA  . LEU A 45 ? 0.1451 0.3022 0.3425 0.0318 -0.0346 -0.0355 47 LEU A CA  
338 C  C   . LEU A 45 ? 0.1815 0.3359 0.3812 0.0354 -0.0362 -0.0373 47 LEU A C   
339 O  O   . LEU A 45 ? 0.1624 0.3206 0.3657 0.0365 -0.0359 -0.0411 47 LEU A O   
340 C  CB  . LEU A 45 ? 0.1439 0.3091 0.3423 0.0303 -0.0330 -0.0347 47 LEU A CB  
341 C  CG  . LEU A 45 ? 0.2127 0.3815 0.4086 0.0277 -0.0326 -0.0338 47 LEU A CG  
342 C  CD1 . LEU A 45 ? 0.2275 0.4018 0.4220 0.0272 -0.0313 -0.0324 47 LEU A CD1 
343 C  CD2 . LEU A 45 ? 0.2064 0.3750 0.4016 0.0267 -0.0327 -0.0376 47 LEU A CD2 
344 N  N   . THR A 46 ? 0.1507 0.2989 0.3483 0.0375 -0.0379 -0.0352 48 THR A N   
345 C  CA  . THR A 46 ? 0.1535 0.2993 0.3532 0.0417 -0.0407 -0.0375 48 THR A CA  
346 C  C   . THR A 46 ? 0.2011 0.3413 0.4002 0.0444 -0.0426 -0.0412 48 THR A C   
347 O  O   . THR A 46 ? 0.1978 0.3319 0.3926 0.0431 -0.0419 -0.0408 48 THR A O   
348 C  CB  . THR A 46 ? 0.1440 0.2837 0.3400 0.0437 -0.0426 -0.0344 48 THR A CB  
349 O  OG1 . THR A 46 ? 0.1785 0.3078 0.3668 0.0435 -0.0426 -0.0320 48 THR A OG1 
350 C  CG2 . THR A 46 ? 0.1065 0.2521 0.3044 0.0418 -0.0411 -0.0315 48 THR A CG2 
351 N  N   . GLN A 47 ? 0.1627 0.3052 0.3671 0.0480 -0.0449 -0.0454 49 GLN A N   
352 C  CA  . GLN A 47 ? 0.1577 0.2950 0.3626 0.0516 -0.0474 -0.0497 49 GLN A CA  
353 C  C   . GLN A 47 ? 0.2324 0.3624 0.4359 0.0576 -0.0528 -0.0508 49 GLN A C   
354 O  O   . GLN A 47 ? 0.2410 0.3646 0.4437 0.0620 -0.0561 -0.0541 49 GLN A O   
355 C  CB  . GLN A 47 ? 0.1729 0.3203 0.3867 0.0512 -0.0457 -0.0552 49 GLN A CB  
356 C  CG  . GLN A 47 ? 0.1936 0.3454 0.4059 0.0464 -0.0413 -0.0548 49 GLN A CG  
357 C  CD  . GLN A 47 ? 0.4200 0.5800 0.6391 0.0462 -0.0391 -0.0605 49 GLN A CD  
358 O  OE1 . GLN A 47 ? 0.4195 0.5810 0.6451 0.0498 -0.0408 -0.0654 49 GLN A OE1 
359 N  NE2 . GLN A 47 ? 0.2644 0.4296 0.4817 0.0420 -0.0353 -0.0601 49 GLN A NE2 
360 N  N   . SER A 48 ? 0.1751 0.3059 0.3782 0.0583 -0.0540 -0.0485 50 SER A N   
361 C  CA  . SER A 48 ? 0.1691 0.2927 0.3697 0.0643 -0.0598 -0.0497 50 SER A CA  
362 C  C   . SER A 48 ? 0.2027 0.3177 0.3932 0.0638 -0.0600 -0.0439 50 SER A C   
363 O  O   . SER A 48 ? 0.1674 0.2867 0.3575 0.0591 -0.0560 -0.0402 50 SER A O   
364 C  CB  . SER A 48 ? 0.1816 0.3160 0.3943 0.0667 -0.0621 -0.0548 50 SER A CB  
365 O  OG  . SER A 48 ? 0.2116 0.3533 0.4274 0.0629 -0.0591 -0.0524 50 SER A OG  
366 N  N   . GLU A 49 ? 0.1869 0.2888 0.3683 0.0692 -0.0649 -0.0436 51 GLU A N   
367 C  CA  . GLU A 49 ? 0.1922 0.2842 0.3624 0.0694 -0.0651 -0.0386 51 GLU A CA  
368 C  C   . GLU A 49 ? 0.1965 0.2970 0.3721 0.0693 -0.0660 -0.0387 51 GLU A C   
369 O  O   . GLU A 49 ? 0.1483 0.2473 0.3190 0.0662 -0.0630 -0.0343 51 GLU A O   
370 C  CB  . GLU A 49 ? 0.2300 0.3044 0.3871 0.0758 -0.0703 -0.0384 51 GLU A CB  
371 C  CG  . GLU A 49 ? 0.3593 0.4199 0.5011 0.0758 -0.0694 -0.0330 51 GLU A CG  
372 C  CD  . GLU A 49 ? 0.6164 0.6734 0.7525 0.0689 -0.0617 -0.0278 51 GLU A CD  
373 O  OE1 . GLU A 49 ? 0.5984 0.6606 0.7399 0.0643 -0.0574 -0.0281 51 GLU A OE1 
374 O  OE2 . GLU A 49 ? 0.4517 0.5004 0.5777 0.0683 -0.0601 -0.0239 51 GLU A OE2 
375 N  N   . GLN A 50 ? 0.1484 0.2588 0.3356 0.0721 -0.0695 -0.0442 52 GLN A N   
376 C  CA  . GLN A 50 ? 0.1402 0.2584 0.3335 0.0715 -0.0701 -0.0448 52 GLN A CA  
377 C  C   . GLN A 50 ? 0.1417 0.2696 0.3400 0.0645 -0.0632 -0.0417 52 GLN A C   
378 O  O   . GLN A 50 ? 0.1144 0.2420 0.3099 0.0628 -0.0619 -0.0384 52 GLN A O   
379 C  CB  . GLN A 50 ? 0.1516 0.2784 0.3575 0.0757 -0.0749 -0.0522 52 GLN A CB  
380 C  CG  . GLN A 50 ? 0.1693 0.3105 0.3903 0.0724 -0.0712 -0.0567 52 GLN A CG  
381 C  CD  . GLN A 50 ? 0.2309 0.3712 0.4545 0.0751 -0.0726 -0.0608 52 GLN A CD  
382 O  OE1 . GLN A 50 ? 0.1904 0.3188 0.4040 0.0787 -0.0757 -0.0594 52 GLN A OE1 
383 N  NE2 . GLN A 50 ? 0.1557 0.3085 0.3930 0.0731 -0.0697 -0.0659 52 GLN A NE2 
384 N  N   . ALA A 51 ? 0.0892 0.2242 0.2931 0.0607 -0.0589 -0.0425 53 ALA A N   
385 C  CA  . ALA A 51 ? 0.1081 0.2510 0.3150 0.0547 -0.0531 -0.0395 53 ALA A CA  
386 C  C   . ALA A 51 ? 0.1206 0.2565 0.3175 0.0522 -0.0507 -0.0335 53 ALA A C   
387 O  O   . ALA A 51 ? 0.1085 0.2472 0.3053 0.0496 -0.0483 -0.0304 53 ALA A O   
388 C  CB  . ALA A 51 ? 0.1286 0.2788 0.3412 0.0519 -0.0497 -0.0417 53 ALA A CB  
389 N  N   . HIS A 52 ? 0.1171 0.2435 0.3062 0.0531 -0.0512 -0.0323 54 HIS A N   
390 C  CA  . HIS A 52 ? 0.1302 0.2498 0.3109 0.0503 -0.0482 -0.0277 54 HIS A CA  
391 C  C   . HIS A 52 ? 0.1437 0.2573 0.3183 0.0515 -0.0490 -0.0248 54 HIS A C   
392 O  O   . HIS A 52 ? 0.1208 0.2372 0.2952 0.0482 -0.0457 -0.0216 54 HIS A O   
393 C  CB  . HIS A 52 ? 0.1556 0.2645 0.3290 0.0508 -0.0481 -0.0276 54 HIS A CB  
394 C  CG  . HIS A 52 ? 0.2058 0.3110 0.3746 0.0463 -0.0434 -0.0240 54 HIS A CG  
395 N  ND1 . HIS A 52 ? 0.2232 0.3362 0.3973 0.0419 -0.0402 -0.0244 54 HIS A ND1 
396 C  CD2 . HIS A 52 ? 0.2248 0.3198 0.3846 0.0455 -0.0415 -0.0208 54 HIS A CD2 
397 C  CE1 . HIS A 52 ? 0.2194 0.3274 0.3893 0.0387 -0.0368 -0.0220 54 HIS A CE1 
398 N  NE2 . HIS A 52 ? 0.2329 0.3304 0.3945 0.0404 -0.0368 -0.0196 54 HIS A NE2 
399 N  N   . LEU A 53 ? 0.1276 0.2339 0.2975 0.0567 -0.0538 -0.0263 55 LEU A N   
400 C  CA  . LEU A 53 ? 0.1348 0.2344 0.2974 0.0586 -0.0552 -0.0241 55 LEU A CA  
401 C  C   . LEU A 53 ? 0.1294 0.2397 0.3002 0.0567 -0.0542 -0.0241 55 LEU A C   
402 O  O   . LEU A 53 ? 0.1039 0.2118 0.2704 0.0551 -0.0520 -0.0210 55 LEU A O   
403 C  CB  . LEU A 53 ? 0.1473 0.2371 0.3032 0.0655 -0.0618 -0.0266 55 LEU A CB  
404 C  CG  . LEU A 53 ? 0.2019 0.2761 0.3451 0.0681 -0.0629 -0.0256 55 LEU A CG  
405 C  CD1 . LEU A 53 ? 0.2026 0.2694 0.3415 0.0760 -0.0710 -0.0293 55 LEU A CD1 
406 C  CD2 . LEU A 53 ? 0.2319 0.2932 0.3609 0.0660 -0.0587 -0.0204 55 LEU A CD2 
407 N  N   . SER A 54 ? 0.0917 0.2131 0.2742 0.0565 -0.0552 -0.0278 56 SER A N   
408 C  CA  . SER A 54 ? 0.0871 0.2177 0.2772 0.0543 -0.0537 -0.0278 56 SER A CA  
409 C  C   . SER A 54 ? 0.1035 0.2386 0.2945 0.0492 -0.0482 -0.0239 56 SER A C   
410 O  O   . SER A 54 ? 0.0853 0.2218 0.2763 0.0479 -0.0467 -0.0217 56 SER A O   
411 C  CB  . SER A 54 ? 0.1110 0.2511 0.3130 0.0549 -0.0549 -0.0330 56 SER A CB  
412 O  OG  . SER A 54 ? 0.0966 0.2440 0.3054 0.0524 -0.0528 -0.0331 56 SER A OG  
413 N  N   . LEU A 55 ? 0.0687 0.2054 0.2597 0.0467 -0.0455 -0.0230 57 LEU A N   
414 C  CA  . LEU A 55 ? 0.0797 0.2209 0.2715 0.0426 -0.0414 -0.0198 57 LEU A CA  
415 C  C   . LEU A 55 ? 0.0952 0.2298 0.2801 0.0420 -0.0400 -0.0163 57 LEU A C   
416 O  O   . LEU A 55 ? 0.0845 0.2222 0.2705 0.0400 -0.0378 -0.0141 57 LEU A O   
417 C  CB  . LEU A 55 ? 0.0755 0.2205 0.2691 0.0402 -0.0396 -0.0205 57 LEU A CB  
418 C  CG  . LEU A 55 ? 0.1244 0.2769 0.3246 0.0398 -0.0391 -0.0236 57 LEU A CG  
419 C  CD1 . LEU A 55 ? 0.1125 0.2681 0.3125 0.0374 -0.0372 -0.0240 57 LEU A CD1 
420 C  CD2 . LEU A 55 ? 0.1451 0.3039 0.3499 0.0383 -0.0375 -0.0229 57 LEU A CD2 
421 N  N   . GLU A 56 ? 0.0741 0.1985 0.2512 0.0438 -0.0410 -0.0163 58 GLU A N   
422 C  CA  . GLU A 56 ? 0.1010 0.2175 0.2704 0.0430 -0.0387 -0.0135 58 GLU A CA  
423 C  C   . GLU A 56 ? 0.1298 0.2450 0.2973 0.0444 -0.0393 -0.0123 58 GLU A C   
424 O  O   . GLU A 56 ? 0.1241 0.2397 0.2909 0.0423 -0.0361 -0.0101 58 GLU A O   
425 C  CB  . GLU A 56 ? 0.1474 0.2510 0.3069 0.0452 -0.0396 -0.0136 58 GLU A CB  
426 C  CG  . GLU A 56 ? 0.2302 0.3233 0.3801 0.0439 -0.0361 -0.0108 58 GLU A CG  
427 C  CD  . GLU A 56 ? 0.6133 0.6913 0.7512 0.0458 -0.0363 -0.0105 58 GLU A CD  
428 O  OE1 . GLU A 56 ? 0.4749 0.5448 0.6057 0.0509 -0.0411 -0.0114 58 GLU A OE1 
429 O  OE2 . GLU A 56 ? 0.5628 0.6364 0.6982 0.0423 -0.0319 -0.0096 58 GLU A OE2 
430 N  N   . LEU A 57 ? 0.0890 0.2038 0.2571 0.0480 -0.0436 -0.0145 59 LEU A N   
431 C  CA  . LEU A 57 ? 0.0927 0.2069 0.2600 0.0495 -0.0447 -0.0143 59 LEU A CA  
432 C  C   . LEU A 57 ? 0.0940 0.2184 0.2701 0.0464 -0.0422 -0.0133 59 LEU A C   
433 O  O   . LEU A 57 ? 0.0815 0.2048 0.2558 0.0457 -0.0404 -0.0115 59 LEU A O   
434 C  CB  . LEU A 57 ? 0.0951 0.2079 0.2630 0.0540 -0.0506 -0.0181 59 LEU A CB  
435 C  CG  . LEU A 57 ? 0.1697 0.2821 0.3375 0.0558 -0.0528 -0.0191 59 LEU A CG  
436 C  CD1 . LEU A 57 ? 0.1690 0.2715 0.3250 0.0564 -0.0511 -0.0161 59 LEU A CD1 
437 C  CD2 . LEU A 57 ? 0.1788 0.2898 0.3477 0.0608 -0.0594 -0.0238 59 LEU A CD2 
438 N  N   . GLN A 58 ? 0.0725 0.2056 0.2568 0.0445 -0.0416 -0.0144 60 GLN A N   
439 C  CA  . GLN A 58 ? 0.0747 0.2157 0.2653 0.0418 -0.0390 -0.0130 60 GLN A CA  
440 C  C   . GLN A 58 ? 0.1100 0.2511 0.2987 0.0396 -0.0359 -0.0099 60 GLN A C   
441 O  O   . GLN A 58 ? 0.0759 0.2193 0.2664 0.0389 -0.0346 -0.0081 60 GLN A O   
442 C  CB  . GLN A 58 ? 0.1036 0.2518 0.3006 0.0404 -0.0384 -0.0148 60 GLN A CB  
443 C  CG  . GLN A 58 ? 0.1251 0.2793 0.3269 0.0381 -0.0362 -0.0137 60 GLN A CG  
444 C  CD  . GLN A 58 ? 0.1656 0.3253 0.3718 0.0365 -0.0347 -0.0156 60 GLN A CD  
445 O  OE1 . GLN A 58 ? 0.2038 0.3666 0.4103 0.0344 -0.0322 -0.0137 60 GLN A OE1 
446 N  NE2 . GLN A 58 ? 0.1360 0.2965 0.3445 0.0376 -0.0362 -0.0191 60 GLN A NE2 
447 N  N   . ARG A 59 ? 0.0923 0.2308 0.2778 0.0387 -0.0348 -0.0095 61 ARG A N   
448 C  CA  . ARG A 59 ? 0.0919 0.2315 0.2774 0.0364 -0.0317 -0.0075 61 ARG A CA  
449 C  C   . ARG A 59 ? 0.1123 0.2463 0.2936 0.0371 -0.0302 -0.0063 61 ARG A C   
450 O  O   . ARG A 59 ? 0.1006 0.2379 0.2847 0.0362 -0.0286 -0.0051 61 ARG A O   
451 C  CB  . ARG A 59 ? 0.0927 0.2307 0.2769 0.0348 -0.0305 -0.0082 61 ARG A CB  
452 C  CG  . ARG A 59 ? 0.1138 0.2540 0.3000 0.0322 -0.0274 -0.0074 61 ARG A CG  
453 C  CD  . ARG A 59 ? 0.1366 0.2754 0.3226 0.0300 -0.0260 -0.0089 61 ARG A CD  
454 N  NE  . ARG A 59 ? 0.1326 0.2602 0.3106 0.0306 -0.0249 -0.0089 61 ARG A NE  
455 C  CZ  . ARG A 59 ? 0.2513 0.3741 0.4271 0.0289 -0.0234 -0.0100 61 ARG A CZ  
456 N  NH1 . ARG A 59 ? 0.1945 0.3238 0.3763 0.0264 -0.0230 -0.0118 61 ARG A NH1 
457 N  NH2 . ARG A 59 ? 0.2138 0.3241 0.3802 0.0299 -0.0226 -0.0096 61 ARG A NH2 
458 N  N   . ASP A 60 ? 0.0964 0.2214 0.2700 0.0392 -0.0314 -0.0067 62 ASP A N   
459 C  CA  . ASP A 60 ? 0.1203 0.2386 0.2880 0.0400 -0.0298 -0.0057 62 ASP A CA  
460 C  C   . ASP A 60 ? 0.1182 0.2403 0.2895 0.0411 -0.0309 -0.0057 62 ASP A C   
461 O  O   . ASP A 60 ? 0.1090 0.2302 0.2793 0.0407 -0.0285 -0.0046 62 ASP A O   
462 C  CB  . ASP A 60 ? 0.1812 0.2873 0.3375 0.0427 -0.0313 -0.0062 62 ASP A CB  
463 C  CG  . ASP A 60 ? 0.4570 0.5542 0.6044 0.0426 -0.0280 -0.0048 62 ASP A CG  
464 O  OD1 . ASP A 60 ? 0.4861 0.5860 0.6364 0.0395 -0.0230 -0.0039 62 ASP A OD1 
465 O  OD2 . ASP A 60 ? 0.6153 0.7034 0.7532 0.0459 -0.0304 -0.0052 62 ASP A OD2 
466 N  N   . SER A 61 ? 0.0852 0.2121 0.2615 0.0422 -0.0341 -0.0070 63 SER A N   
467 C  CA  . SER A 61 ? 0.0685 0.1988 0.2490 0.0427 -0.0348 -0.0072 63 SER A CA  
468 C  C   . SER A 61 ? 0.0782 0.2141 0.2636 0.0406 -0.0319 -0.0051 63 SER A C   
469 O  O   . SER A 61 ? 0.0990 0.2342 0.2847 0.0411 -0.0308 -0.0044 63 SER A O   
470 C  CB  . SER A 61 ? 0.0781 0.2127 0.2643 0.0433 -0.0376 -0.0095 63 SER A CB  
471 O  OG  . SER A 61 ? 0.1931 0.3225 0.3752 0.0462 -0.0412 -0.0121 63 SER A OG  
472 N  N   . HIS A 62 ? 0.0520 0.1778 0.2250 0.0348 -0.0284 -0.0049 64 HIS A N   
473 C  CA  . HIS A 62 ? 0.0518 0.1876 0.2342 0.0351 -0.0276 -0.0031 64 HIS A CA  
474 C  C   . HIS A 62 ? 0.0654 0.2092 0.2572 0.0374 -0.0265 -0.0023 64 HIS A C   
475 O  O   . HIS A 62 ? 0.0691 0.2160 0.2646 0.0377 -0.0255 -0.0015 64 HIS A O   
476 C  CB  . HIS A 62 ? 0.0510 0.1891 0.2332 0.0331 -0.0273 -0.0031 64 HIS A CB  
477 C  CG  . HIS A 62 ? 0.0671 0.2213 0.2648 0.0360 -0.0305 -0.0027 64 HIS A CG  
478 N  ND1 . HIS A 62 ? 0.0873 0.2429 0.2868 0.0363 -0.0304 -0.0013 64 HIS A ND1 
479 C  CD2 . HIS A 62 ? 0.0872 0.2423 0.2850 0.0356 -0.0313 -0.0042 64 HIS A CD2 
480 C  CE1 . HIS A 62 ? 0.0973 0.2543 0.2976 0.0356 -0.0304 -0.0020 64 HIS A CE1 
481 N  NE2 . HIS A 62 ? 0.0988 0.2561 0.2988 0.0352 -0.0311 -0.0039 64 HIS A NE2 
482 N  N   . MSE A 63 ? 0.0508 0.1824 0.2305 0.0352 -0.0240 -0.0032 65 MSE A N   
483 C  CA  . MSE A 63 ? 0.0694 0.2041 0.2538 0.0361 -0.0211 -0.0030 65 MSE A CA  
484 C  C   . MSE A 63 ? 0.1022 0.2326 0.2831 0.0380 -0.0207 -0.0029 65 MSE A C   
485 O  O   . MSE A 63 ? 0.0757 0.2074 0.2592 0.0376 -0.0178 -0.0030 65 MSE A O   
486 C  CB  . MSE A 63 ? 0.1000 0.2273 0.2777 0.0347 -0.0186 -0.0035 65 MSE A CB  
487 C  CG  . MSE A 63 ? 0.1410 0.2722 0.3225 0.0325 -0.0185 -0.0042 65 MSE A CG  
488 SE SE  . MSE A 63 ? 0.1552 0.2990 0.3494 0.0301 -0.0169 -0.0054 65 MSE A SE  
489 C  CE  . MSE A 63 ? 0.1412 0.2932 0.3403 0.0323 -0.0222 -0.0043 65 MSE A CE  
490 N  N   . LYS A 64 ? 0.0912 0.2170 0.2674 0.0400 -0.0238 -0.0033 66 LYS A N   
491 C  CA  A LYS A 64 ? 0.0935 0.2154 0.2665 0.0420 -0.0242 -0.0037 66 LYS A CA  
492 C  CA  B LYS A 64 ? 0.0912 0.2130 0.2641 0.0419 -0.0242 -0.0037 66 LYS A CA  
493 C  C   . LYS A 64 ? 0.1143 0.2427 0.2954 0.0420 -0.0246 -0.0032 66 LYS A C   
494 O  O   . LYS A 64 ? 0.1047 0.2316 0.2855 0.0428 -0.0228 -0.0034 66 LYS A O   
495 C  CB  A LYS A 64 ? 0.1266 0.2430 0.2940 0.0444 -0.0284 -0.0051 66 LYS A CB  
496 C  CB  B LYS A 64 ? 0.1190 0.2354 0.2865 0.0444 -0.0284 -0.0052 66 LYS A CB  
497 C  CG  A LYS A 64 ? 0.2093 0.3167 0.3663 0.0453 -0.0286 -0.0054 66 LYS A CG  
498 C  CG  B LYS A 64 ? 0.1318 0.2397 0.2895 0.0453 -0.0290 -0.0055 66 LYS A CG  
499 C  CD  A LYS A 64 ? 0.3179 0.4206 0.4702 0.0485 -0.0340 -0.0074 66 LYS A CD  
500 C  CD  B LYS A 64 ? 0.1958 0.2941 0.3430 0.0453 -0.0250 -0.0048 66 LYS A CD  
501 C  CE  A LYS A 64 ? 0.4805 0.5723 0.6208 0.0500 -0.0342 -0.0071 66 LYS A CE  
502 C  CE  B LYS A 64 ? 0.2680 0.3546 0.4023 0.0471 -0.0262 -0.0049 66 LYS A CE  
503 N  NZ  A LYS A 64 ? 0.6320 0.7200 0.7686 0.0539 -0.0406 -0.0096 66 LYS A NZ  
504 N  NZ  B LYS A 64 ? 0.3679 0.4446 0.4917 0.0457 -0.0203 -0.0037 66 LYS A NZ  
505 N  N   . GLN A 65 ? 0.0709 0.2055 0.2582 0.0413 -0.0263 -0.0026 67 GLN A N   
506 C  CA  . GLN A 65 ? 0.0758 0.2151 0.2691 0.0415 -0.0265 -0.0016 67 GLN A CA  
507 C  C   . GLN A 65 ? 0.0981 0.2404 0.2949 0.0414 -0.0241 -0.0009 67 GLN A C   
508 O  O   . GLN A 65 ? 0.0999 0.2424 0.2990 0.0426 -0.0235 -0.0007 67 GLN A O   
509 C  CB  . GLN A 65 ? 0.0901 0.2338 0.2869 0.0406 -0.0281 -0.0009 67 GLN A CB  
510 C  CG  . GLN A 65 ? 0.0623 0.2045 0.2589 0.0407 -0.0300 -0.0024 67 GLN A CG  
511 C  CD  . GLN A 65 ? 0.1135 0.2540 0.3120 0.0414 -0.0303 -0.0028 67 GLN A CD  
512 O  OE1 . GLN A 65 ? 0.0903 0.2302 0.2899 0.0420 -0.0291 -0.0016 67 GLN A OE1 
513 N  NE2 . GLN A 65 ? 0.0906 0.2307 0.2909 0.0411 -0.0318 -0.0052 67 GLN A NE2 
514 N  N   . LEU A 66 ? 0.0725 0.2174 0.2702 0.0399 -0.0228 -0.0012 68 LEU A N   
515 C  CA  . LEU A 66 ? 0.0898 0.2392 0.2931 0.0397 -0.0207 -0.0017 68 LEU A CA  
516 C  C   . LEU A 66 ? 0.0702 0.2160 0.2721 0.0403 -0.0175 -0.0028 68 LEU A C   
517 O  O   . LEU A 66 ? 0.0709 0.2198 0.2781 0.0416 -0.0168 -0.0032 68 LEU A O   
518 C  CB  . LEU A 66 ? 0.1032 0.2553 0.3078 0.0375 -0.0195 -0.0028 68 LEU A CB  
519 C  CG  . LEU A 66 ? 0.1779 0.3358 0.3898 0.0364 -0.0172 -0.0047 68 LEU A CG  
520 C  CD1 . LEU A 66 ? 0.1805 0.3420 0.3947 0.0343 -0.0174 -0.0057 68 LEU A CD1 
521 C  CD2 . LEU A 66 ? 0.2157 0.3697 0.4262 0.0352 -0.0120 -0.0062 68 LEU A CD2 
522 N  N   . LEU A 67 ? 0.0671 0.2052 0.2608 0.0398 -0.0157 -0.0033 69 LEU A N   
523 C  CA  . LEU A 67 ? 0.1062 0.2392 0.2961 0.0403 -0.0120 -0.0045 69 LEU A CA  
524 C  C   . LEU A 67 ? 0.1104 0.2424 0.3010 0.0427 -0.0137 -0.0045 69 LEU A C   
525 O  O   . LEU A 67 ? 0.0855 0.2189 0.2797 0.0435 -0.0112 -0.0055 69 LEU A O   
526 C  CB  . LEU A 67 ? 0.1251 0.2479 0.3029 0.0399 -0.0104 -0.0047 69 LEU A CB  
527 C  CG  . LEU A 67 ? 0.2278 0.3487 0.4035 0.0370 -0.0069 -0.0049 69 LEU A CG  
528 C  CD1 . LEU A 67 ? 0.2636 0.3737 0.4265 0.0375 -0.0076 -0.0042 69 LEU A CD1 
529 C  CD2 . LEU A 67 ? 0.2778 0.3986 0.4555 0.0350 -0.0003 -0.0065 69 LEU A CD2 
530 N  N   . LEU A 68 ? 0.0906 0.2214 0.2797 0.0438 -0.0178 -0.0037 70 LEU A N   
531 C  CA  . LEU A 68 ? 0.0805 0.2100 0.2708 0.0456 -0.0193 -0.0040 70 LEU A CA  
532 C  C   . LEU A 68 ? 0.0930 0.2281 0.2916 0.0463 -0.0194 -0.0031 70 LEU A C   
533 O  O   . LEU A 68 ? 0.0927 0.2268 0.2931 0.0478 -0.0181 -0.0039 70 LEU A O   
534 C  CB  . LEU A 68 ? 0.0768 0.2051 0.2662 0.0458 -0.0232 -0.0039 70 LEU A CB  
535 C  CG  . LEU A 68 ? 0.1632 0.2911 0.3558 0.0467 -0.0247 -0.0043 70 LEU A CG  
536 C  CD1 . LEU A 68 ? 0.1881 0.3102 0.3767 0.0483 -0.0239 -0.0064 70 LEU A CD1 
537 C  CD2 . LEU A 68 ? 0.1881 0.3162 0.3817 0.0460 -0.0276 -0.0049 70 LEU A CD2 
538 N  N   . ILE A 69 ? 0.0537 0.1858 0.2476 0.0430 -0.0200 -0.0019 71 ILE A N   
539 C  CA  . ILE A 69 ? 0.0554 0.2001 0.2644 0.0471 -0.0222 -0.0004 71 ILE A CA  
540 C  C   . ILE A 69 ? 0.0888 0.2371 0.3031 0.0481 -0.0199 -0.0022 71 ILE A C   
541 O  O   . ILE A 69 ? 0.0956 0.2448 0.3140 0.0505 -0.0204 -0.0023 71 ILE A O   
542 C  CB  . ILE A 69 ? 0.0921 0.2404 0.3024 0.0465 -0.0246 0.0014  71 ILE A CB  
543 C  CG1 . ILE A 69 ? 0.0878 0.2325 0.2944 0.0455 -0.0261 0.0023  71 ILE A CG1 
544 C  CG2 . ILE A 69 ? 0.0568 0.2079 0.2713 0.0489 -0.0265 0.0026  71 ILE A CG2 
545 C  CD1 . ILE A 69 ? 0.1536 0.3011 0.3594 0.0440 -0.0273 0.0033  71 ILE A CD1 
546 N  N   . GLN A 70 ? 0.0714 0.2216 0.2860 0.0462 -0.0170 -0.0038 72 GLN A N   
547 C  CA  . GLN A 70 ? 0.0843 0.2387 0.3055 0.0466 -0.0139 -0.0064 72 GLN A CA  
548 C  C   . GLN A 70 ? 0.1076 0.2577 0.3276 0.0481 -0.0112 -0.0078 72 GLN A C   
549 O  O   . GLN A 70 ? 0.0922 0.2462 0.3195 0.0503 -0.0109 -0.0092 72 GLN A O   
550 C  CB  . GLN A 70 ? 0.1006 0.2562 0.3215 0.0434 -0.0100 -0.0081 72 GLN A CB  
551 C  CG  . GLN A 70 ? 0.1810 0.3441 0.4082 0.0424 -0.0122 -0.0084 72 GLN A CG  
552 C  CD  . GLN A 70 ? 0.1902 0.3620 0.4292 0.0436 -0.0121 -0.0113 72 GLN A CD  
553 O  OE1 . GLN A 70 ? 0.1606 0.3336 0.4041 0.0461 -0.0114 -0.0126 72 GLN A OE1 
554 N  NE2 . GLN A 70 ? 0.1426 0.3213 0.3877 0.0424 -0.0133 -0.0129 72 GLN A NE2 
555 N  N   . GLU A 71 ? 0.0980 0.2403 0.3088 0.0474 -0.0099 -0.0075 73 GLU A N   
556 C  CA  . GLU A 71 ? 0.1217 0.2589 0.3294 0.0488 -0.0076 -0.0091 73 GLU A CA  
557 C  C   . GLU A 71 ? 0.1195 0.2570 0.3313 0.0517 -0.0108 -0.0084 73 GLU A C   
558 O  O   . GLU A 71 ? 0.1003 0.2382 0.3160 0.0535 -0.0090 -0.0103 73 GLU A O   
559 C  CB  . GLU A 71 ? 0.1524 0.2805 0.3480 0.0480 -0.0072 -0.0090 73 GLU A CB  
560 C  CG  . GLU A 71 ? 0.3797 0.5014 0.5696 0.0492 -0.0041 -0.0113 73 GLU A CG  
561 C  CD  . GLU A 71 ? 0.8104 0.9288 0.9994 0.0515 -0.0074 -0.0116 73 GLU A CD  
562 O  OE1 . GLU A 71 ? 0.8432 0.9595 1.0294 0.0515 -0.0117 -0.0105 73 GLU A OE1 
563 O  OE2 . GLU A 71 ? 0.8181 0.9361 1.0098 0.0531 -0.0054 -0.0135 73 GLU A OE2 
564 N  N   . ARG A 72 ? 0.0853 0.2220 0.2961 0.0519 -0.0151 -0.0060 74 ARG A N   
565 C  CA  . ARG A 72 ? 0.0787 0.2140 0.2923 0.0540 -0.0176 -0.0049 74 ARG A CA  
566 C  C   . ARG A 72 ? 0.1082 0.2488 0.3297 0.0564 -0.0186 -0.0046 74 ARG A C   
567 O  O   . ARG A 72 ? 0.1179 0.2565 0.3422 0.0591 -0.0191 -0.0049 74 ARG A O   
568 C  CB  . ARG A 72 ? 0.0879 0.2210 0.2987 0.0529 -0.0207 -0.0026 74 ARG A CB  
569 C  CG  . ARG A 72 ? 0.1479 0.2761 0.3523 0.0514 -0.0209 -0.0040 74 ARG A CG  
570 C  CD  . ARG A 72 ? 0.1708 0.2937 0.3726 0.0527 -0.0197 -0.0065 74 ARG A CD  
571 N  NE  . ARG A 72 ? 0.2268 0.3478 0.4326 0.0543 -0.0203 -0.0062 74 ARG A NE  
572 C  CZ  . ARG A 72 ? 0.4059 0.5217 0.6102 0.0553 -0.0200 -0.0085 74 ARG A CZ  
573 N  NH1 . ARG A 72 ? 0.2612 0.3735 0.4595 0.0552 -0.0193 -0.0112 74 ARG A NH1 
574 N  NH2 . ARG A 72 ? 0.2979 0.4114 0.5060 0.0565 -0.0205 -0.0080 74 ARG A NH2 
575 N  N   . TRP A 73 ? 0.0658 0.2128 0.2910 0.0558 -0.0192 -0.0044 75 TRP A N   
576 C  CA  . TRP A 73 ? 0.0767 0.2296 0.3099 0.0588 -0.0214 -0.0047 75 TRP A CA  
577 C  C   . TRP A 73 ? 0.1132 0.2687 0.3531 0.0607 -0.0185 -0.0084 75 TRP A C   
578 O  O   . TRP A 73 ? 0.1006 0.2570 0.3457 0.0646 -0.0207 -0.0089 75 TRP A O   
579 C  CB  . TRP A 73 ? 0.0636 0.2232 0.2994 0.0573 -0.0226 -0.0048 75 TRP A CB  
580 C  CG  . TRP A 73 ? 0.0728 0.2389 0.3162 0.0605 -0.0261 -0.0056 75 TRP A CG  
581 C  CD1 . TRP A 73 ? 0.0988 0.2642 0.3451 0.0652 -0.0294 -0.0052 75 TRP A CD1 
582 C  CD2 . TRP A 73 ? 0.0694 0.2435 0.3180 0.0597 -0.0275 -0.0073 75 TRP A CD2 
583 N  NE1 . TRP A 73 ? 0.0950 0.2675 0.3477 0.0678 -0.0334 -0.0065 75 TRP A NE1 
584 C  CE2 . TRP A 73 ? 0.1093 0.2876 0.3638 0.0643 -0.0322 -0.0081 75 TRP A CE2 
585 C  CE3 . TRP A 73 ? 0.0757 0.2530 0.3238 0.0557 -0.0256 -0.0082 75 TRP A CE3 
586 C  CZ2 . TRP A 73 ? 0.1065 0.2937 0.3681 0.0650 -0.0353 -0.0106 75 TRP A CZ2 
587 C  CZ3 . TRP A 73 ? 0.0860 0.2715 0.3411 0.0558 -0.0277 -0.0105 75 TRP A CZ3 
588 C  CH2 . TRP A 73 ? 0.0952 0.2861 0.3572 0.0604 -0.0328 -0.0119 75 TRP A CH2 
589 N  N   . LYS A 74 ? 0.0752 0.2315 0.3148 0.0580 -0.0134 -0.0112 76 LYS A N   
590 C  CA  . LYS A 74 ? 0.0904 0.2492 0.3362 0.0590 -0.0090 -0.0154 76 LYS A CA  
591 C  C   . LYS A 74 ? 0.1179 0.2706 0.3617 0.0620 -0.0092 -0.0156 76 LYS A C   
592 O  O   . LYS A 74 ? 0.0892 0.2450 0.3411 0.0654 -0.0094 -0.0179 76 LYS A O   
593 C  CB  . LYS A 74 ? 0.1211 0.2779 0.3622 0.0550 -0.0026 -0.0173 76 LYS A CB  
594 C  CG  . LYS A 74 ? 0.1969 0.3555 0.4433 0.0552 0.0035  -0.0220 76 LYS A CG  
595 C  CD  . LYS A 74 ? 0.3572 0.5110 0.5960 0.0510 0.0107  -0.0235 76 LYS A CD  
596 C  CE  . LYS A 74 ? 0.5304 0.6864 0.7752 0.0510 0.0177  -0.0285 76 LYS A CE  
597 N  NZ  . LYS A 74 ? 0.6947 0.8454 0.9317 0.0464 0.0259  -0.0299 76 LYS A NZ  
598 N  N   . ARG A 75 ? 0.1098 0.2543 0.3439 0.0609 -0.0098 -0.0135 77 ARG A N   
599 C  CA  . ARG A 75 ? 0.1226 0.2607 0.3546 0.0632 -0.0103 -0.0138 77 ARG A CA  
600 C  C   . ARG A 75 ? 0.1441 0.2825 0.3813 0.0670 -0.0148 -0.0120 77 ARG A C   
601 O  O   . ARG A 75 ? 0.1365 0.2735 0.3780 0.0703 -0.0144 -0.0140 77 ARG A O   
602 C  CB  . ARG A 75 ? 0.1192 0.2496 0.3408 0.0611 -0.0111 -0.0123 77 ARG A CB  
603 C  CG  . ARG A 75 ? 0.3345 0.4580 0.5541 0.0628 -0.0117 -0.0132 77 ARG A CG  
604 C  CD  . ARG A 75 ? 0.4493 0.5667 0.6607 0.0608 -0.0132 -0.0128 77 ARG A CD  
605 N  NE  . ARG A 75 ? 0.6152 0.7263 0.8256 0.0621 -0.0139 -0.0144 77 ARG A NE  
606 C  CZ  . ARG A 75 ? 0.8709 0.9765 1.0749 0.0617 -0.0134 -0.0171 77 ARG A CZ  
607 N  NH1 . ARG A 75 ? 0.7289 0.8336 0.9255 0.0602 -0.0123 -0.0181 77 ARG A NH1 
608 N  NH2 . ARG A 75 ? 0.7385 0.8387 0.9426 0.0628 -0.0142 -0.0190 77 ARG A NH2 
609 N  N   . ALA A 76 ? 0.0993 0.2387 0.3357 0.0669 -0.0188 -0.0085 78 ALA A N   
610 C  CA  . ALA A 76 ? 0.0967 0.2339 0.3349 0.0705 -0.0231 -0.0061 78 ALA A CA  
611 C  C   . ALA A 76 ? 0.1343 0.2783 0.3821 0.0748 -0.0247 -0.0084 78 ALA A C   
612 O  O   . ALA A 76 ? 0.1244 0.2649 0.3744 0.0793 -0.0272 -0.0081 78 ALA A O   
613 C  CB  . ALA A 76 ? 0.0934 0.2297 0.3267 0.0689 -0.0261 -0.0020 78 ALA A CB  
614 N  N   . GLN A 77 ? 0.1028 0.2560 0.3566 0.0735 -0.0232 -0.0110 79 GLN A N   
615 C  CA  . GLN A 77 ? 0.0936 0.2552 0.3591 0.0773 -0.0244 -0.0148 79 GLN A CA  
616 C  C   . GLN A 77 ? 0.1225 0.2835 0.3937 0.0798 -0.0212 -0.0189 79 GLN A C   
617 O  O   . GLN A 77 ? 0.1081 0.2710 0.3866 0.0851 -0.0243 -0.0206 79 GLN A O   
618 C  CB  . GLN A 77 ? 0.0906 0.2622 0.3624 0.0743 -0.0221 -0.0178 79 GLN A CB  
619 C  CG  . GLN A 77 ? 0.1062 0.2807 0.3759 0.0733 -0.0265 -0.0152 79 GLN A CG  
620 C  CD  . GLN A 77 ? 0.1424 0.3260 0.4187 0.0698 -0.0238 -0.0187 79 GLN A CD  
621 O  OE1 . GLN A 77 ? 0.1296 0.3139 0.4068 0.0661 -0.0173 -0.0213 79 GLN A OE1 
622 N  NE2 . GLN A 77 ? 0.0766 0.2670 0.3576 0.0712 -0.0284 -0.0191 79 GLN A NE2 
623 N  N   . ARG A 78 ? 0.1092 0.2670 0.3763 0.0763 -0.0152 -0.0206 80 ARG A N   
624 C  CA  . ARG A 78 ? 0.1301 0.2867 0.4012 0.0783 -0.0112 -0.0248 80 ARG A CA  
625 C  C   . ARG A 78 ? 0.1586 0.3068 0.4269 0.0824 -0.0147 -0.0229 80 ARG A C   
626 O  O   . ARG A 78 ? 0.1391 0.2884 0.4151 0.0869 -0.0149 -0.0261 80 ARG A O   
627 C  CB  . ARG A 78 ? 0.1413 0.2936 0.4046 0.0737 -0.0045 -0.0262 80 ARG A CB  
628 C  CG  . ARG A 78 ? 0.2902 0.4490 0.5556 0.0695 0.0006  -0.0286 80 ARG A CG  
629 C  CD  . ARG A 78 ? 0.4727 0.6249 0.7285 0.0660 0.0074  -0.0302 80 ARG A CD  
630 N  NE  . ARG A 78 ? 0.7176 0.8701 0.9785 0.0678 0.0125  -0.0351 80 ARG A NE  
631 C  CZ  . ARG A 78 ? 0.9632 1.1090 1.2152 0.0659 0.0187  -0.0371 80 ARG A CZ  
632 N  NH1 . ARG A 78 ? 0.8604 0.9982 1.0979 0.0626 0.0197  -0.0346 80 ARG A NH1 
633 N  NH2 . ARG A 78 ? 0.7367 0.8835 0.9938 0.0677 0.0235  -0.0421 80 ARG A NH2 
634 N  N   . GLU A 79 ? 0.1337 0.2734 0.3918 0.0807 -0.0171 -0.0181 81 GLU A N   
635 C  CA  . GLU A 79 ? 0.1482 0.2784 0.4027 0.0835 -0.0198 -0.0159 81 GLU A CA  
636 C  C   . GLU A 79 ? 0.1514 0.2821 0.4110 0.0892 -0.0252 -0.0145 81 GLU A C   
637 O  O   . GLU A 79 ? 0.1569 0.2825 0.4187 0.0936 -0.0265 -0.0154 81 GLU A O   
638 C  CB  . GLU A 79 ? 0.1646 0.2869 0.4088 0.0798 -0.0208 -0.0117 81 GLU A CB  
639 C  CG  . GLU A 79 ? 0.3612 0.4728 0.6018 0.0813 -0.0218 -0.0105 81 GLU A CG  
640 C  CD  . GLU A 79 ? 0.7702 0.8770 1.0090 0.0805 -0.0184 -0.0141 81 GLU A CD  
641 O  OE1 . GLU A 79 ? 0.6306 0.7418 0.8727 0.0809 -0.0149 -0.0183 81 GLU A OE1 
642 O  OE2 . GLU A 79 ? 0.7935 0.8916 1.0277 0.0794 -0.0189 -0.0130 81 GLU A OE2 
643 N  N   . GLU A 80 ? 0.0974 0.2338 0.3583 0.0895 -0.0287 -0.0127 82 GLU A N   
644 C  CA  . GLU A 80 ? 0.1083 0.2449 0.3723 0.0955 -0.0348 -0.0114 82 GLU A CA  
645 C  C   . GLU A 80 ? 0.1578 0.3008 0.4343 0.1010 -0.0354 -0.0169 82 GLU A C   
646 O  O   . GLU A 80 ? 0.1735 0.3111 0.4512 0.1071 -0.0396 -0.0164 82 GLU A O   
647 C  CB  . GLU A 80 ? 0.1322 0.2755 0.3962 0.0945 -0.0382 -0.0097 82 GLU A CB  
648 C  CG  . GLU A 80 ? 0.2326 0.3715 0.4931 0.1001 -0.0453 -0.0063 82 GLU A CG  
649 C  CD  . GLU A 80 ? 0.3689 0.4935 0.6156 0.0991 -0.0461 0.0000  82 GLU A CD  
650 O  OE1 . GLU A 80 ? 0.2692 0.3894 0.5099 0.0933 -0.0417 0.0016  82 GLU A OE1 
651 O  OE2 . GLU A 80 ? 0.2716 0.3889 0.5130 0.1041 -0.0512 0.0031  82 GLU A OE2 
652 N  N   . ARG A 81 ? 0.1226 0.2762 0.4084 0.0988 -0.0309 -0.0223 83 ARG A N   
653 C  CA  . ARG A 81 ? 0.1281 0.2897 0.4281 0.1034 -0.0301 -0.0289 83 ARG A CA  
654 C  C   . ARG A 81 ? 0.1694 0.3232 0.4685 0.1055 -0.0274 -0.0305 83 ARG A C   
655 O  O   . ARG A 81 ? 0.1652 0.3201 0.4729 0.1119 -0.0299 -0.0338 83 ARG A O   
656 C  CB  . ARG A 81 ? 0.1633 0.3371 0.4727 0.0992 -0.0242 -0.0344 83 ARG A CB  
657 C  CG  . ARG A 81 ? 0.1829 0.3668 0.4980 0.0982 -0.0272 -0.0350 83 ARG A CG  
658 C  CD  . ARG A 81 ? 0.1186 0.3150 0.4464 0.0949 -0.0209 -0.0420 83 ARG A CD  
659 N  NE  . ARG A 81 ? 0.3279 0.5213 0.6470 0.0872 -0.0135 -0.0405 83 ARG A NE  
660 C  CZ  . ARG A 81 ? 0.3715 0.5619 0.6884 0.0841 -0.0055 -0.0431 83 ARG A CZ  
661 N  NH1 . ARG A 81 ? 0.2534 0.4447 0.5777 0.0876 -0.0029 -0.0477 83 ARG A NH1 
662 N  NH2 . ARG A 81 ? 0.2711 0.4572 0.5778 0.0778 0.0001  -0.0413 83 ARG A NH2 
663 N  N   . LEU A 82 ? 0.1490 0.2950 0.4382 0.1006 -0.0227 -0.0287 84 LEU A N   
664 C  CA  . LEU A 82 ? 0.1761 0.3144 0.4636 0.1020 -0.0197 -0.0308 84 LEU A CA  
665 C  C   . LEU A 82 ? 0.2312 0.3590 0.5157 0.1075 -0.0252 -0.0277 84 LEU A C   
666 O  O   . LEU A 82 ? 0.2388 0.3639 0.5285 0.1121 -0.0250 -0.0310 84 LEU A O   
667 C  CB  . LEU A 82 ? 0.1791 0.3112 0.4554 0.0957 -0.0149 -0.0294 84 LEU A CB  
668 C  CG  . LEU A 82 ? 0.2626 0.3872 0.5361 0.0961 -0.0112 -0.0324 84 LEU A CG  
669 C  CD1 . LEU A 82 ? 0.2649 0.3966 0.5465 0.0967 -0.0052 -0.0393 84 LEU A CD1 
670 C  CD2 . LEU A 82 ? 0.2825 0.3995 0.5436 0.0908 -0.0092 -0.0303 84 LEU A CD2 
671 N  N   . LYS A 83 ? 0.1829 0.3043 0.4588 0.1071 -0.0298 -0.0215 85 LYS A N   
672 C  CA  . LYS A 83 ? 0.1793 0.2882 0.4490 0.1110 -0.0343 -0.0172 85 LYS A CA  
673 C  C   . LYS A 83 ? 0.2231 0.3331 0.4973 0.1188 -0.0414 -0.0166 85 LYS A C   
674 O  O   . LYS A 83 ? 0.2355 0.3333 0.5035 0.1230 -0.0450 -0.0132 85 LYS A O   
675 C  CB  . LYS A 83 ? 0.1922 0.2929 0.4492 0.1058 -0.0345 -0.0110 85 LYS A CB  
676 C  CG  . LYS A 83 ? 0.2218 0.3173 0.4736 0.1000 -0.0294 -0.0116 85 LYS A CG  
677 C  CD  . LYS A 83 ? 0.3418 0.4309 0.5834 0.0949 -0.0295 -0.0065 85 LYS A CD  
678 C  CE  . LYS A 83 ? 0.5556 0.6392 0.7931 0.0901 -0.0256 -0.0079 85 LYS A CE  
679 N  NZ  . LYS A 83 ? 0.6442 0.7239 0.8744 0.0848 -0.0254 -0.0041 85 LYS A NZ  
680 N  N   . ALA A 84 ? 0.1746 0.2982 0.4590 0.1208 -0.0433 -0.0202 86 ALA A N   
681 C  CA  . ALA A 84 ? 0.1855 0.3113 0.4748 0.1288 -0.0512 -0.0204 86 ALA A CA  
682 C  C   . ALA A 84 ? 0.1972 0.3231 0.4969 0.1363 -0.0527 -0.0256 86 ALA A C   
683 O  O   . ALA A 84 ? 0.2567 0.3872 0.5639 0.1343 -0.0466 -0.0308 86 ALA A O   
684 C  CB  . ALA A 84 ? 0.1914 0.3329 0.4897 0.1280 -0.0529 -0.0235 86 ALA A CB  
685 O  OXT . ALA A 84 ? 0.3334 0.4550 0.6335 0.1445 -0.0602 -0.0249 86 ALA A OXT 
# 
